data_8S1L
#
_entry.id   8S1L
#
_cell.length_a   95.934
_cell.length_b   95.934
_cell.length_c   357.132
_cell.angle_alpha   90.00
_cell.angle_beta   90.00
_cell.angle_gamma   120.00
#
_symmetry.space_group_name_H-M   'P 32'
#
loop_
_entity.id
_entity.type
_entity.pdbx_description
1 polymer 'Green fluorescent protein'
2 polymer 'Coelenterazine h 2-monooxygenase'
3 non-polymer N-[3-BENZYL-5-(4-HYDROXYPHENYL)PYRAZIN-2-YL]-2-(4-HYDROXYPHENYL)ACETAMIDE
4 water water
#
loop_
_entity_poly.entity_id
_entity_poly.type
_entity_poly.pdbx_seq_one_letter_code
_entity_poly.pdbx_strand_id
1 'polypeptide(L)'
;MDLAKLGLKEVMPTKINLEGLVGDHAFSMEGVGEGNILEGTQEVKISVTKGAPLPFAFDIVSVAF(CRO)NRAYTGYPEE
ISDYFLQSFPEGFTYERNIRYQDGGTAIVKSDISLEDGKFIVNVDFKAKDLRRMGPVMQQDIVGMQPSYESMYTNVTSVI
GECIIAFKLQTGKHFTYHMRTVYKSKKPVETMPLYHFIQHRLVKTNVDTASGYVVQHETAIAAHSTIKKIEGSLP
;
A,B,E,F
2 'polypeptide(L)'
;MTSKVYDPEQRKRMITGPQWWARCKQMNVLDSFINYYDSEKHAENAVIFLHGNATSSYLWRHVVPHIEPVARCIIPDLIG
MGKSGKSGNGSYRLLDHYKYLTAWFELLNLPKKIIFVGHDWGAALAFHYAYEHQDRIKAIVHMESVVDVIESWDEWPDIE
EDIALIKSEEGEKMVLENNFFVETVLPSKIMRKLEPEEFAAYLEPFKEKGEVRRPTLSWPREIPLVKGGKPDVVQIVRNY
NAYLRASDDLPKLFIESDPGFFSNAIVEGAKKFPNTEFVKVKGLHFLQEDAPDEMGKYIKSFVERVLKNEQSGLEVLFQ
;
C,D,G,H
#
loop_
_chem_comp.id
_chem_comp.type
_chem_comp.name
_chem_comp.formula
CEI non-polymer N-[3-BENZYL-5-(4-HYDROXYPHENYL)PYRAZIN-2-YL]-2-(4-HYDROXYPHENYL)ACETAMIDE 'C25 H21 N3 O3'
#
# COMPACT_ATOMS: atom_id res chain seq x y z
N MET A 1 -21.10 -1.84 -22.17
CA MET A 1 -20.58 -2.41 -20.92
C MET A 1 -20.48 -3.94 -20.98
N ASP A 2 -20.13 -4.44 -22.17
CA ASP A 2 -19.73 -5.83 -22.35
C ASP A 2 -18.27 -6.01 -21.95
N LEU A 3 -17.81 -7.26 -21.83
CA LEU A 3 -16.39 -7.49 -21.59
C LEU A 3 -15.87 -8.87 -21.96
N ALA A 4 -16.45 -9.94 -21.40
CA ALA A 4 -15.89 -11.27 -21.57
C ALA A 4 -15.76 -11.68 -23.04
N LYS A 5 -16.49 -11.01 -23.94
CA LYS A 5 -16.49 -11.33 -25.36
C LYS A 5 -15.28 -10.76 -26.12
N LEU A 6 -14.39 -10.04 -25.44
CA LEU A 6 -13.30 -9.34 -26.10
C LEU A 6 -11.91 -9.92 -25.79
N GLY A 7 -11.84 -10.99 -24.99
CA GLY A 7 -10.58 -11.47 -24.46
C GLY A 7 -10.23 -10.89 -23.12
N LEU A 8 -11.21 -10.29 -22.44
CA LEU A 8 -10.99 -9.32 -21.38
C LEU A 8 -12.01 -9.58 -20.28
N LYS A 9 -11.52 -9.74 -19.04
CA LYS A 9 -12.39 -10.08 -17.92
C LYS A 9 -12.49 -8.92 -16.91
N GLU A 10 -12.42 -7.68 -17.39
CA GLU A 10 -12.20 -6.50 -16.54
C GLU A 10 -10.93 -6.65 -15.71
N VAL A 11 -10.91 -7.63 -14.79
CA VAL A 11 -9.75 -7.90 -13.95
C VAL A 11 -8.55 -8.21 -14.82
N MET A 12 -7.63 -7.24 -14.95
CA MET A 12 -6.50 -7.54 -15.83
C MET A 12 -5.26 -6.70 -15.53
N PRO A 13 -4.08 -7.36 -15.38
CA PRO A 13 -2.83 -6.70 -14.98
C PRO A 13 -2.14 -5.88 -16.09
N THR A 14 -0.82 -5.94 -16.10
CA THR A 14 0.05 -5.65 -17.23
C THR A 14 1.45 -6.12 -16.85
N LYS A 15 2.21 -6.43 -17.88
CA LYS A 15 3.64 -6.72 -17.84
C LYS A 15 4.31 -5.99 -18.99
N ILE A 16 5.01 -4.89 -18.68
CA ILE A 16 5.81 -4.14 -19.64
C ILE A 16 7.21 -4.73 -19.70
N ASN A 17 7.87 -4.56 -20.84
CA ASN A 17 9.19 -5.09 -21.14
C ASN A 17 9.85 -4.08 -22.07
N LEU A 18 10.38 -3.02 -21.47
CA LEU A 18 11.03 -1.93 -22.19
C LEU A 18 12.45 -2.27 -22.56
N GLU A 19 12.92 -1.67 -23.63
CA GLU A 19 14.35 -1.55 -23.86
C GLU A 19 14.60 -0.18 -24.45
N GLY A 20 15.77 0.38 -24.16
CA GLY A 20 15.94 1.82 -24.21
C GLY A 20 17.29 2.25 -24.76
N LEU A 21 17.38 3.55 -24.99
CA LEU A 21 18.60 4.18 -25.47
C LEU A 21 18.45 5.69 -25.38
N VAL A 22 18.94 6.28 -24.30
CA VAL A 22 19.00 7.73 -24.15
C VAL A 22 20.44 8.17 -24.37
N GLY A 23 20.63 9.06 -25.33
CA GLY A 23 21.92 9.64 -25.64
C GLY A 23 23.06 8.73 -26.04
N ASP A 24 23.17 7.55 -25.43
CA ASP A 24 24.45 6.83 -25.42
C ASP A 24 24.36 5.63 -24.50
N HIS A 25 23.39 5.67 -23.62
CA HIS A 25 23.25 4.71 -22.54
C HIS A 25 22.17 3.70 -22.90
N ALA A 26 22.59 2.48 -23.21
CA ALA A 26 21.69 1.39 -23.58
C ALA A 26 21.18 0.71 -22.30
N PHE A 27 20.01 1.12 -21.82
CA PHE A 27 19.37 0.48 -20.68
C PHE A 27 18.22 -0.43 -21.13
N SER A 28 17.59 -1.06 -20.14
CA SER A 28 16.61 -2.13 -20.39
C SER A 28 15.77 -2.28 -19.11
N MET A 29 14.67 -1.57 -19.05
CA MET A 29 13.86 -1.59 -17.85
C MET A 29 12.73 -2.61 -17.98
N GLU A 30 11.70 -2.53 -17.12
CA GLU A 30 10.66 -3.55 -17.02
C GLU A 30 9.50 -3.20 -16.08
N GLY A 31 8.25 -3.45 -16.48
CA GLY A 31 7.09 -3.07 -15.68
C GLY A 31 6.17 -4.24 -15.33
N VAL A 32 5.46 -4.14 -14.20
CA VAL A 32 4.56 -5.15 -13.66
C VAL A 32 3.51 -4.45 -12.81
N GLY A 33 2.23 -4.59 -13.15
CA GLY A 33 1.17 -3.95 -12.37
C GLY A 33 -0.20 -4.10 -13.01
N GLU A 34 -1.18 -3.26 -12.60
CA GLU A 34 -2.50 -3.32 -13.23
C GLU A 34 -3.48 -2.20 -12.96
N GLY A 35 -4.34 -2.02 -13.97
CA GLY A 35 -5.68 -1.50 -13.77
C GLY A 35 -6.78 -2.01 -14.68
N ASN A 36 -7.84 -1.22 -14.81
CA ASN A 36 -9.16 -1.76 -15.17
C ASN A 36 -9.88 -0.88 -16.18
N ILE A 37 -10.03 -1.43 -17.39
CA ILE A 37 -11.10 -1.20 -18.35
C ILE A 37 -11.82 0.15 -18.31
N LEU A 38 -12.87 0.27 -17.49
CA LEU A 38 -13.92 1.27 -17.69
C LEU A 38 -13.79 2.50 -16.81
N GLU A 39 -13.33 2.36 -15.57
CA GLU A 39 -12.86 3.54 -14.87
C GLU A 39 -11.43 3.87 -15.28
N GLY A 40 -10.70 2.91 -15.83
CA GLY A 40 -9.43 3.17 -16.51
C GLY A 40 -8.30 3.57 -15.58
N THR A 41 -8.23 2.98 -14.40
CA THR A 41 -7.18 3.24 -13.43
C THR A 41 -6.11 2.16 -13.58
N GLN A 42 -4.87 2.46 -13.19
CA GLN A 42 -3.73 1.57 -13.45
C GLN A 42 -2.56 1.97 -12.55
N GLU A 43 -1.63 1.01 -12.32
CA GLU A 43 -0.37 1.24 -11.60
C GLU A 43 0.54 0.00 -11.74
N VAL A 44 1.86 0.22 -11.87
CA VAL A 44 2.78 -0.81 -12.35
C VAL A 44 4.17 -0.62 -11.71
N LYS A 45 4.91 -1.75 -11.57
CA LYS A 45 6.23 -1.82 -10.88
C LYS A 45 7.38 -1.80 -11.87
N ILE A 46 7.85 -0.60 -12.20
CA ILE A 46 8.94 -0.43 -13.13
C ILE A 46 10.27 -0.57 -12.40
N SER A 47 11.23 -1.18 -13.08
CA SER A 47 12.39 -1.74 -12.43
C SER A 47 13.48 -1.93 -13.46
N VAL A 48 14.60 -1.19 -13.30
CA VAL A 48 15.70 -1.32 -14.24
C VAL A 48 16.27 -2.73 -14.11
N THR A 49 16.88 -3.18 -15.16
CA THR A 49 17.38 -4.54 -15.24
C THR A 49 18.58 -4.57 -16.17
N LYS A 50 19.02 -3.41 -16.65
CA LYS A 50 20.26 -3.25 -17.39
C LYS A 50 20.49 -1.76 -17.56
N GLY A 51 21.76 -1.37 -17.58
CA GLY A 51 22.12 0.04 -17.50
C GLY A 51 21.60 0.73 -16.26
N ALA A 52 21.44 0.00 -15.15
CA ALA A 52 21.23 0.69 -13.89
C ALA A 52 22.57 1.22 -13.36
N PRO A 53 22.59 2.45 -12.81
CA PRO A 53 21.48 3.39 -12.69
C PRO A 53 21.45 4.43 -13.82
N LEU A 54 20.41 5.30 -13.82
CA LEU A 54 20.14 6.01 -15.07
C LEU A 54 20.85 7.36 -15.09
N PRO A 55 21.60 7.64 -16.15
CA PRO A 55 22.22 8.96 -16.30
C PRO A 55 21.24 10.10 -16.49
N PHE A 56 19.97 9.80 -16.76
CA PHE A 56 18.95 10.79 -17.12
C PHE A 56 17.79 10.66 -16.15
N ALA A 57 17.04 11.74 -15.98
CA ALA A 57 15.81 11.64 -15.21
C ALA A 57 14.94 10.52 -15.75
N PHE A 58 14.49 9.67 -14.83
CA PHE A 58 13.71 8.50 -15.17
C PHE A 58 12.37 8.88 -15.78
N ASP A 59 11.81 10.00 -15.34
CA ASP A 59 10.45 10.40 -15.63
C ASP A 59 10.11 10.54 -17.11
N ILE A 60 11.07 10.36 -17.99
CA ILE A 60 10.74 10.53 -19.40
C ILE A 60 10.33 9.22 -20.06
N VAL A 61 10.58 8.07 -19.43
CA VAL A 61 10.14 6.79 -19.97
C VAL A 61 8.81 6.39 -19.35
N SER A 62 8.17 7.31 -18.65
CA SER A 62 6.97 6.93 -17.93
C SER A 62 5.72 6.99 -18.79
N VAL A 63 5.63 7.93 -19.75
CA VAL A 63 4.56 7.78 -20.74
C VAL A 63 4.74 6.53 -21.57
N ALA A 64 5.87 5.85 -21.42
CA ALA A 64 6.07 4.56 -22.09
C ALA A 64 5.69 3.40 -21.21
N PHE A 65 4.97 3.63 -20.11
CA PHE A 65 4.74 2.59 -19.12
C PHE A 65 3.30 2.56 -18.63
N1 CRO A 66 3.18 3.97 -18.85
CA1 CRO A 66 1.82 3.74 -19.11
CB1 CRO A 66 1.13 4.04 -17.79
OG1 CRO A 66 1.93 5.05 -17.19
C1 CRO A 66 1.43 4.65 -20.32
N2 CRO A 66 0.94 5.95 -20.24
N3 CRO A 66 1.57 4.33 -21.62
C2 CRO A 66 1.17 5.40 -22.35
O2 CRO A 66 1.19 5.45 -23.56
CA2 CRO A 66 0.80 6.41 -21.47
CA3 CRO A 66 2.08 3.05 -22.19
C3 CRO A 66 0.94 2.18 -22.66
O3 CRO A 66 1.22 1.27 -23.39
CB2 CRO A 66 0.36 7.60 -21.87
CG2 CRO A 66 0.22 8.88 -21.11
CD1 CRO A 66 0.11 10.09 -21.85
CD2 CRO A 66 0.17 8.93 -19.70
CE1 CRO A 66 -0.05 11.31 -21.20
CE2 CRO A 66 0.04 10.13 -19.04
CZ CRO A 66 -0.07 11.36 -19.79
OH CRO A 66 -0.23 12.56 -19.12
N ASN A 67 -0.20 2.22 -21.81
CA ASN A 67 -1.26 1.71 -22.67
C ASN A 67 -2.55 2.48 -22.50
N ARG A 68 -3.25 2.71 -23.64
CA ARG A 68 -4.52 3.41 -23.57
C ARG A 68 -5.71 2.47 -23.51
N ALA A 69 -5.51 1.16 -23.50
CA ALA A 69 -6.55 0.25 -23.00
C ALA A 69 -7.05 0.69 -21.62
N TYR A 70 -6.14 1.12 -20.74
CA TYR A 70 -6.50 1.62 -19.41
C TYR A 70 -7.03 3.04 -19.53
N THR A 71 -8.20 3.15 -20.14
CA THR A 71 -8.82 4.44 -20.32
C THR A 71 -10.30 4.31 -19.98
N GLY A 72 -10.82 5.32 -19.30
CA GLY A 72 -12.22 5.33 -18.93
C GLY A 72 -13.11 5.98 -19.97
N TYR A 73 -13.90 5.19 -20.67
CA TYR A 73 -14.62 5.77 -21.78
C TYR A 73 -16.09 5.95 -21.44
N PRO A 74 -16.67 7.11 -21.70
CA PRO A 74 -18.11 7.32 -21.47
C PRO A 74 -18.91 6.80 -22.66
N GLU A 75 -20.24 6.74 -22.45
CA GLU A 75 -21.12 6.15 -23.46
C GLU A 75 -21.05 6.93 -24.77
N GLU A 76 -21.15 8.25 -24.67
CA GLU A 76 -21.20 9.17 -25.81
C GLU A 76 -19.91 9.24 -26.63
N ILE A 77 -18.87 8.45 -26.34
CA ILE A 77 -17.67 8.45 -27.17
C ILE A 77 -17.10 7.03 -27.25
N SER A 78 -16.68 6.63 -28.45
CA SER A 78 -16.28 5.28 -28.80
C SER A 78 -14.81 5.05 -28.48
N ASP A 79 -14.49 3.80 -28.15
CA ASP A 79 -13.23 3.42 -27.51
C ASP A 79 -12.38 2.60 -28.47
N TYR A 80 -11.57 3.28 -29.27
CA TYR A 80 -10.79 2.56 -30.28
C TYR A 80 -9.94 1.47 -29.64
N PHE A 81 -9.21 1.80 -28.58
CA PHE A 81 -8.21 0.86 -28.05
C PHE A 81 -8.88 -0.41 -27.54
N LEU A 82 -10.03 -0.27 -26.88
CA LEU A 82 -10.74 -1.43 -26.38
C LEU A 82 -11.22 -2.30 -27.54
N GLN A 83 -12.12 -1.75 -28.38
CA GLN A 83 -12.66 -2.41 -29.57
C GLN A 83 -11.59 -3.11 -30.38
N SER A 84 -10.34 -2.84 -30.04
CA SER A 84 -9.28 -3.27 -30.91
C SER A 84 -9.12 -4.79 -30.89
N PHE A 85 -9.22 -5.42 -29.72
CA PHE A 85 -8.72 -6.79 -29.57
C PHE A 85 -9.75 -7.81 -29.16
N PRO A 86 -9.48 -9.09 -29.47
CA PRO A 86 -8.47 -9.97 -30.09
C PRO A 86 -6.91 -9.65 -30.08
N GLU A 87 -6.20 -9.19 -31.15
CA GLU A 87 -4.80 -9.61 -31.29
C GLU A 87 -3.76 -8.54 -31.70
N GLY A 88 -3.94 -7.66 -32.73
CA GLY A 88 -2.87 -6.77 -33.12
C GLY A 88 -3.00 -5.25 -33.09
N PHE A 89 -2.38 -4.54 -32.09
CA PHE A 89 -2.55 -3.08 -31.89
C PHE A 89 -1.32 -2.48 -31.20
N THR A 90 -1.01 -1.25 -31.61
CA THR A 90 0.31 -0.65 -31.45
C THR A 90 0.20 0.88 -31.33
N TYR A 91 1.37 1.54 -31.40
CA TYR A 91 1.47 2.99 -31.54
C TYR A 91 2.83 3.35 -32.15
N GLU A 92 2.95 4.63 -32.52
CA GLU A 92 4.23 5.25 -32.85
C GLU A 92 4.17 6.69 -32.36
N ARG A 93 5.18 7.08 -31.58
CA ARG A 93 5.07 8.23 -30.71
C ARG A 93 6.33 9.09 -30.79
N ASN A 94 6.14 10.40 -30.94
CA ASN A 94 7.23 11.32 -31.13
C ASN A 94 7.16 12.37 -30.04
N ILE A 95 8.27 12.55 -29.32
CA ILE A 95 8.43 13.57 -28.28
C ILE A 95 9.37 14.64 -28.81
N ARG A 96 9.04 15.91 -28.57
CA ARG A 96 10.08 16.94 -28.60
C ARG A 96 10.10 17.68 -27.26
N TYR A 97 11.20 17.55 -26.54
CA TYR A 97 11.37 18.28 -25.29
C TYR A 97 11.70 19.73 -25.62
N GLN A 98 11.10 20.66 -24.86
CA GLN A 98 11.27 22.09 -25.17
C GLN A 98 12.74 22.51 -25.27
N ASP A 99 13.65 21.81 -24.57
CA ASP A 99 15.07 22.11 -24.67
C ASP A 99 15.68 21.68 -26.00
N GLY A 100 14.91 21.03 -26.87
CA GLY A 100 15.42 20.60 -28.16
C GLY A 100 15.66 19.12 -28.30
N GLY A 101 15.62 18.35 -27.22
CA GLY A 101 15.77 16.91 -27.36
C GLY A 101 14.51 16.25 -27.91
N THR A 102 14.71 15.10 -28.54
CA THR A 102 13.66 14.39 -29.26
C THR A 102 13.58 12.97 -28.73
N ALA A 103 12.43 12.31 -28.93
CA ALA A 103 12.25 10.92 -28.53
C ALA A 103 11.25 10.20 -29.44
N ILE A 104 11.52 8.91 -29.68
CA ILE A 104 10.73 8.03 -30.54
C ILE A 104 10.41 6.76 -29.78
N VAL A 105 9.16 6.31 -29.86
CA VAL A 105 8.68 5.18 -29.07
C VAL A 105 7.88 4.22 -29.95
N LYS A 106 8.17 2.93 -29.84
CA LYS A 106 7.59 1.91 -30.72
C LYS A 106 7.12 0.68 -29.94
N SER A 107 5.83 0.64 -29.64
CA SER A 107 5.24 -0.45 -28.87
C SER A 107 4.94 -1.69 -29.73
N ASP A 108 4.42 -2.70 -29.04
CA ASP A 108 3.52 -3.69 -29.63
C ASP A 108 2.78 -4.34 -28.45
N ILE A 109 1.53 -3.92 -28.23
CA ILE A 109 0.71 -4.51 -27.19
C ILE A 109 0.21 -5.86 -27.71
N SER A 110 -0.38 -6.67 -26.84
CA SER A 110 -0.93 -7.97 -27.19
C SER A 110 -1.75 -8.49 -26.02
N LEU A 111 -2.38 -9.65 -26.21
CA LEU A 111 -3.15 -10.34 -25.18
C LEU A 111 -2.72 -11.79 -25.12
N GLU A 112 -2.37 -12.26 -23.92
CA GLU A 112 -2.03 -13.65 -23.68
C GLU A 112 -3.11 -14.30 -22.83
N ASP A 113 -2.78 -14.62 -21.59
CA ASP A 113 -3.81 -14.90 -20.59
C ASP A 113 -4.36 -13.57 -20.12
N GLY A 114 -5.20 -13.61 -19.08
CA GLY A 114 -5.84 -12.46 -18.46
C GLY A 114 -5.78 -11.12 -19.18
N LYS A 115 -4.59 -10.77 -19.68
CA LYS A 115 -4.35 -9.51 -20.36
C LYS A 115 -2.94 -9.28 -20.92
N PHE A 116 -2.70 -7.98 -21.10
CA PHE A 116 -1.71 -7.34 -21.96
C PHE A 116 -0.27 -7.69 -21.66
N ILE A 117 0.50 -7.75 -22.73
CA ILE A 117 1.95 -7.70 -22.77
C ILE A 117 2.30 -6.47 -23.58
N VAL A 118 3.52 -5.94 -23.38
CA VAL A 118 4.00 -4.85 -24.22
C VAL A 118 5.47 -5.08 -24.51
N ASN A 119 5.87 -4.73 -25.72
CA ASN A 119 7.28 -4.56 -26.06
C ASN A 119 7.45 -3.11 -26.47
N VAL A 120 8.12 -2.31 -25.61
CA VAL A 120 8.33 -0.89 -25.89
C VAL A 120 9.73 -0.74 -26.43
N ASP A 121 9.99 0.42 -27.05
CA ASP A 121 11.34 0.71 -27.53
C ASP A 121 11.51 2.23 -27.45
N PHE A 122 11.95 2.69 -26.28
CA PHE A 122 12.36 4.07 -26.04
C PHE A 122 13.64 4.38 -26.80
N LYS A 123 13.79 5.64 -27.21
CA LYS A 123 15.02 6.13 -27.83
C LYS A 123 15.00 7.65 -27.91
N ALA A 124 15.87 8.33 -27.15
CA ALA A 124 15.96 9.79 -27.16
C ALA A 124 17.35 10.25 -27.60
N LYS A 125 17.47 11.56 -27.82
CA LYS A 125 18.71 12.13 -28.38
C LYS A 125 18.66 13.65 -28.30
N ASP A 126 19.86 14.24 -28.20
CA ASP A 126 20.10 15.68 -28.27
C ASP A 126 19.56 16.47 -27.08
N LEU A 127 19.27 15.81 -25.95
CA LEU A 127 18.93 16.52 -24.72
C LEU A 127 20.15 17.32 -24.25
N ARG A 128 19.92 18.48 -23.67
CA ARG A 128 21.05 19.31 -23.29
C ARG A 128 21.51 18.98 -21.87
N ARG A 129 22.84 18.92 -21.71
CA ARG A 129 23.55 18.82 -20.44
C ARG A 129 22.79 19.47 -19.31
N MET A 130 22.59 20.76 -19.42
CA MET A 130 21.91 21.56 -18.40
C MET A 130 20.41 21.39 -18.36
N GLY A 131 19.84 20.54 -19.22
CA GLY A 131 18.41 20.37 -19.36
C GLY A 131 17.83 19.53 -18.25
N PRO A 132 16.56 19.72 -17.94
CA PRO A 132 16.01 19.09 -16.74
C PRO A 132 16.12 17.57 -16.70
N VAL A 133 16.43 16.96 -17.83
CA VAL A 133 16.42 15.50 -17.92
C VAL A 133 17.75 14.91 -17.50
N MET A 134 18.84 15.51 -17.98
CA MET A 134 20.16 15.04 -17.63
C MET A 134 20.63 15.59 -16.28
N GLN A 135 20.14 16.77 -15.88
CA GLN A 135 20.26 17.36 -14.56
C GLN A 135 19.36 16.72 -13.50
N GLN A 136 18.62 15.65 -13.84
CA GLN A 136 17.58 15.05 -13.01
C GLN A 136 16.95 15.99 -11.98
N ASP A 137 16.45 17.14 -12.45
CA ASP A 137 15.58 18.05 -11.71
C ASP A 137 14.13 17.60 -11.60
N ILE A 138 13.69 16.58 -12.33
CA ILE A 138 12.26 16.41 -12.59
C ILE A 138 11.61 15.67 -11.41
N VAL A 139 10.75 16.41 -10.68
CA VAL A 139 9.92 15.79 -9.64
C VAL A 139 8.93 14.81 -10.26
N GLY A 140 8.27 15.22 -11.35
CA GLY A 140 7.27 14.41 -12.02
C GLY A 140 6.46 15.23 -13.00
N MET A 141 5.56 14.53 -13.71
CA MET A 141 4.67 15.18 -14.69
C MET A 141 3.39 15.63 -14.01
N GLN A 142 2.97 16.85 -14.33
CA GLN A 142 1.63 17.26 -13.96
C GLN A 142 0.60 16.67 -14.94
N PRO A 143 -0.68 16.64 -14.57
CA PRO A 143 -1.71 16.15 -15.50
C PRO A 143 -1.83 17.02 -16.74
N SER A 144 -2.44 16.46 -17.79
CA SER A 144 -2.86 17.22 -18.96
C SER A 144 -3.78 16.35 -19.80
N TYR A 145 -4.51 17.01 -20.71
CA TYR A 145 -5.49 16.36 -21.58
C TYR A 145 -4.86 16.11 -22.95
N GLU A 146 -4.82 14.85 -23.34
CA GLU A 146 -4.37 14.43 -24.67
C GLU A 146 -5.54 14.49 -25.64
N SER A 147 -5.50 15.44 -26.59
CA SER A 147 -6.45 15.44 -27.71
C SER A 147 -6.35 14.14 -28.51
N MET A 148 -7.50 13.67 -29.01
CA MET A 148 -7.60 12.39 -29.71
C MET A 148 -8.53 12.56 -30.89
N TYR A 149 -8.07 12.24 -32.10
CA TYR A 149 -8.87 12.52 -33.28
C TYR A 149 -8.61 11.47 -34.35
N THR A 150 -9.66 11.13 -35.10
CA THR A 150 -9.52 10.10 -36.12
C THR A 150 -8.79 10.63 -37.35
N ASN A 151 -7.98 9.75 -37.94
CA ASN A 151 -7.41 9.93 -39.27
C ASN A 151 -7.47 8.53 -39.89
N VAL A 152 -8.57 8.24 -40.62
CA VAL A 152 -8.76 7.00 -41.38
C VAL A 152 -8.67 5.77 -40.46
N THR A 153 -7.77 4.81 -40.78
CA THR A 153 -7.43 3.52 -40.15
C THR A 153 -6.77 3.69 -38.73
N SER A 154 -6.70 4.87 -38.12
CA SER A 154 -5.93 5.03 -36.90
C SER A 154 -6.34 6.32 -36.20
N VAL A 155 -5.91 6.43 -34.95
CA VAL A 155 -6.17 7.58 -34.10
C VAL A 155 -4.88 8.34 -33.86
N ILE A 156 -4.97 9.67 -33.88
CA ILE A 156 -3.86 10.55 -33.53
C ILE A 156 -4.15 11.16 -32.17
N GLY A 157 -3.14 11.15 -31.30
CA GLY A 157 -3.21 11.80 -30.00
C GLY A 157 -2.13 12.84 -29.85
N GLU A 158 -2.46 13.96 -29.16
CA GLU A 158 -1.53 15.08 -29.07
C GLU A 158 -1.77 15.85 -27.78
N CYS A 159 -0.83 15.75 -26.85
CA CYS A 159 -0.85 16.54 -25.63
C CYS A 159 0.44 17.30 -25.48
N ILE A 160 0.41 18.27 -24.57
CA ILE A 160 1.60 18.93 -24.06
C ILE A 160 1.79 18.49 -22.62
N ILE A 161 2.75 17.61 -22.40
CA ILE A 161 3.06 17.11 -21.05
C ILE A 161 4.04 18.02 -20.37
N ALA A 162 3.80 18.26 -19.08
CA ALA A 162 4.50 19.30 -18.32
C ALA A 162 5.20 18.70 -17.08
N PHE A 163 6.53 18.61 -17.14
CA PHE A 163 7.34 18.17 -16.00
C PHE A 163 7.40 19.26 -14.94
N LYS A 164 7.02 18.90 -13.71
CA LYS A 164 7.30 19.74 -12.54
C LYS A 164 8.79 19.62 -12.14
N LEU A 165 9.53 20.71 -12.32
CA LEU A 165 10.92 20.77 -11.88
C LEU A 165 11.02 20.97 -10.36
N GLN A 166 12.20 20.62 -9.80
CA GLN A 166 12.44 20.73 -8.35
C GLN A 166 12.33 22.16 -7.86
N THR A 167 12.63 23.13 -8.73
CA THR A 167 12.54 24.55 -8.45
C THR A 167 11.12 25.11 -8.47
N GLY A 168 10.09 24.28 -8.62
CA GLY A 168 8.73 24.76 -8.77
C GLY A 168 8.34 25.18 -10.19
N LYS A 169 9.28 25.65 -11.00
CA LYS A 169 9.02 25.93 -12.41
C LYS A 169 8.64 24.65 -13.16
N HIS A 170 8.42 24.72 -14.47
CA HIS A 170 8.00 23.53 -15.22
C HIS A 170 8.78 23.37 -16.51
N PHE A 171 8.95 22.11 -16.93
CA PHE A 171 9.54 21.77 -18.23
C PHE A 171 8.51 21.07 -19.13
N THR A 172 8.13 21.70 -20.25
CA THR A 172 7.13 21.10 -21.15
C THR A 172 7.75 20.33 -22.30
N TYR A 173 7.03 19.29 -22.73
CA TYR A 173 7.33 18.72 -24.05
C TYR A 173 6.07 18.50 -24.85
N HIS A 174 6.29 18.30 -26.14
CA HIS A 174 5.27 18.09 -27.16
C HIS A 174 5.32 16.64 -27.61
N MET A 175 4.26 15.89 -27.31
CA MET A 175 4.14 14.50 -27.73
C MET A 175 2.99 14.37 -28.72
N ARG A 176 3.12 13.38 -29.61
CA ARG A 176 2.13 13.12 -30.67
C ARG A 176 2.19 11.65 -31.05
N THR A 177 1.02 11.00 -31.07
CA THR A 177 0.89 9.54 -31.07
C THR A 177 0.01 9.04 -32.22
N VAL A 178 0.46 8.00 -32.92
CA VAL A 178 -0.27 7.37 -34.04
C VAL A 178 -0.65 5.94 -33.68
N TYR A 179 -1.78 5.76 -32.99
CA TYR A 179 -2.24 4.42 -32.59
C TYR A 179 -2.94 3.72 -33.75
N LYS A 180 -2.42 2.57 -34.16
CA LYS A 180 -2.89 1.81 -35.32
C LYS A 180 -3.12 0.36 -34.94
N SER A 181 -4.38 -0.05 -34.73
CA SER A 181 -4.65 -1.45 -34.41
C SER A 181 -4.66 -2.30 -35.69
N LYS A 182 -3.89 -3.39 -35.67
CA LYS A 182 -3.63 -4.19 -36.87
C LYS A 182 -4.78 -5.13 -37.25
N LYS A 183 -5.72 -5.41 -36.33
CA LYS A 183 -6.96 -5.92 -36.92
C LYS A 183 -7.90 -4.75 -37.15
N PRO A 184 -8.50 -4.62 -38.34
CA PRO A 184 -9.54 -3.62 -38.54
C PRO A 184 -10.68 -3.82 -37.53
N VAL A 185 -11.21 -2.71 -37.02
CA VAL A 185 -12.09 -2.73 -35.85
C VAL A 185 -13.26 -1.80 -36.08
N GLU A 186 -14.42 -2.21 -35.56
CA GLU A 186 -15.74 -1.62 -35.81
C GLU A 186 -15.72 -0.10 -35.96
N THR A 187 -16.03 0.60 -34.88
CA THR A 187 -16.33 2.01 -34.94
C THR A 187 -15.09 2.83 -34.66
N MET A 188 -14.96 3.98 -35.32
CA MET A 188 -13.82 4.84 -35.04
C MET A 188 -14.31 6.17 -34.49
N PRO A 189 -13.77 6.61 -33.34
CA PRO A 189 -14.39 7.73 -32.60
C PRO A 189 -14.23 9.04 -33.35
N LEU A 190 -14.95 10.04 -32.86
CA LEU A 190 -15.06 11.27 -33.64
C LEU A 190 -13.85 12.15 -33.38
N TYR A 191 -13.94 13.00 -32.36
CA TYR A 191 -12.80 13.77 -31.84
C TYR A 191 -13.12 14.13 -30.40
N HIS A 192 -12.14 13.96 -29.52
CA HIS A 192 -12.37 14.17 -28.10
C HIS A 192 -11.03 14.28 -27.38
N PHE A 193 -11.11 14.35 -26.06
CA PHE A 193 -9.98 14.49 -25.17
C PHE A 193 -9.76 13.20 -24.40
N ILE A 194 -8.52 12.97 -23.99
CA ILE A 194 -8.17 11.93 -23.01
C ILE A 194 -7.29 12.57 -21.93
N GLN A 195 -7.81 12.64 -20.72
CA GLN A 195 -7.13 13.36 -19.64
C GLN A 195 -6.43 12.34 -18.75
N HIS A 196 -5.14 12.57 -18.46
CA HIS A 196 -4.40 11.79 -17.47
C HIS A 196 -3.92 12.69 -16.35
N ARG A 197 -3.74 12.07 -15.17
CA ARG A 197 -2.77 12.52 -14.17
C ARG A 197 -1.96 11.29 -13.77
N LEU A 198 -0.71 11.26 -14.22
CA LEU A 198 0.19 10.18 -13.88
C LEU A 198 1.05 10.63 -12.71
N VAL A 199 1.00 9.86 -11.63
CA VAL A 199 1.73 10.11 -10.42
C VAL A 199 2.52 8.85 -10.10
N LYS A 200 3.57 9.01 -9.29
CA LYS A 200 4.34 7.88 -8.76
C LYS A 200 3.87 7.57 -7.36
N THR A 201 3.64 6.27 -7.09
CA THR A 201 3.00 5.76 -5.87
C THR A 201 3.51 6.38 -4.58
N ASN A 202 4.54 5.75 -3.98
CA ASN A 202 5.17 6.15 -2.73
C ASN A 202 6.39 5.29 -2.48
N VAL A 203 7.56 5.70 -2.96
CA VAL A 203 8.76 4.94 -2.61
C VAL A 203 9.81 5.90 -2.07
N ASP A 204 9.43 6.57 -0.97
CA ASP A 204 10.28 6.84 0.19
C ASP A 204 11.77 6.94 -0.11
N THR A 205 12.47 5.86 0.23
CA THR A 205 13.80 5.47 -0.22
C THR A 205 13.85 4.00 -0.64
N ALA A 206 12.98 3.15 -0.08
CA ALA A 206 12.59 1.81 -0.53
C ALA A 206 13.69 0.90 -1.06
N SER A 207 13.24 -0.08 -1.85
CA SER A 207 14.06 -0.79 -2.81
C SER A 207 14.07 0.01 -4.10
N GLY A 208 14.80 -0.49 -5.10
CA GLY A 208 15.18 0.31 -6.24
C GLY A 208 14.13 0.58 -7.29
N TYR A 209 12.85 0.39 -6.96
CA TYR A 209 11.81 0.46 -7.95
C TYR A 209 10.96 1.71 -7.78
N VAL A 210 10.59 2.34 -8.93
CA VAL A 210 9.49 3.29 -8.97
C VAL A 210 8.24 2.48 -9.18
N VAL A 211 7.11 3.02 -8.73
CA VAL A 211 5.80 2.59 -9.17
C VAL A 211 4.93 3.82 -9.37
N GLN A 212 4.28 3.91 -10.55
CA GLN A 212 3.45 5.05 -10.93
C GLN A 212 2.01 4.60 -11.12
N HIS A 213 1.08 5.57 -11.02
CA HIS A 213 -0.35 5.30 -11.05
C HIS A 213 -1.08 6.10 -12.15
N GLU A 214 -1.04 5.57 -13.38
CA GLU A 214 -1.68 6.23 -14.52
C GLU A 214 -3.14 5.83 -14.64
N THR A 215 -4.00 6.83 -14.76
CA THR A 215 -5.44 6.64 -14.85
C THR A 215 -5.93 7.74 -15.78
N ALA A 216 -6.71 7.40 -16.82
CA ALA A 216 -7.14 8.40 -17.79
C ALA A 216 -8.56 8.17 -18.26
N ILE A 217 -9.36 9.24 -18.25
CA ILE A 217 -10.78 9.15 -18.54
C ILE A 217 -11.13 10.08 -19.70
N ALA A 218 -11.85 9.53 -20.69
CA ALA A 218 -12.20 10.24 -21.91
C ALA A 218 -13.40 11.14 -21.68
N ALA A 219 -13.41 12.30 -22.33
CA ALA A 219 -14.45 13.30 -22.10
C ALA A 219 -14.60 14.18 -23.32
N HIS A 220 -15.37 15.25 -23.14
CA HIS A 220 -15.78 16.16 -24.18
C HIS A 220 -15.79 17.56 -23.61
N SER A 221 -15.38 18.55 -24.40
CA SER A 221 -15.31 19.90 -23.88
C SER A 221 -16.59 20.33 -23.21
N THR A 222 -16.56 20.53 -21.89
CA THR A 222 -17.82 20.73 -21.17
C THR A 222 -18.47 22.07 -21.47
N ILE A 223 -17.71 23.08 -21.94
CA ILE A 223 -18.41 24.28 -22.40
C ILE A 223 -19.11 23.91 -23.71
N LYS A 224 -20.43 23.66 -23.64
CA LYS A 224 -21.16 23.17 -24.80
C LYS A 224 -21.56 24.31 -25.74
N LYS A 225 -21.82 23.90 -26.98
CA LYS A 225 -21.69 24.76 -28.14
C LYS A 225 -22.87 25.70 -28.32
N ILE A 226 -22.56 26.97 -28.64
CA ILE A 226 -23.55 27.97 -29.01
C ILE A 226 -24.20 27.53 -30.32
N GLU A 227 -25.25 26.70 -30.22
CA GLU A 227 -25.75 25.80 -31.28
C GLU A 227 -25.72 26.34 -32.72
N GLY A 228 -25.88 27.64 -32.91
CA GLY A 228 -25.86 28.15 -34.26
C GLY A 228 -24.48 28.28 -34.88
N SER A 229 -23.54 27.42 -34.52
CA SER A 229 -22.17 27.74 -35.01
C SER A 229 -21.44 26.56 -35.60
N LEU A 230 -20.20 26.82 -35.97
CA LEU A 230 -19.32 25.80 -36.55
C LEU A 230 -17.96 25.90 -35.86
N PRO A 231 -17.20 24.81 -35.71
CA PRO A 231 -17.57 23.51 -36.24
C PRO A 231 -18.45 22.79 -35.24
N ASP B 2 -16.12 41.93 -6.15
CA ASP B 2 -15.26 43.11 -6.17
C ASP B 2 -14.38 43.11 -7.43
N LEU B 3 -14.60 44.04 -8.36
CA LEU B 3 -13.66 44.27 -9.46
C LEU B 3 -13.61 45.74 -9.87
N ALA B 4 -13.52 46.65 -8.88
CA ALA B 4 -13.27 48.05 -9.20
C ALA B 4 -11.80 48.27 -9.51
N LYS B 5 -10.98 48.49 -8.46
CA LYS B 5 -9.52 48.48 -8.44
C LYS B 5 -8.79 49.01 -9.66
N LEU B 6 -8.74 48.15 -10.69
CA LEU B 6 -8.00 48.31 -11.93
C LEU B 6 -8.53 49.42 -12.81
N GLY B 7 -9.70 49.97 -12.50
CA GLY B 7 -10.34 50.91 -13.41
C GLY B 7 -11.05 50.23 -14.56
N LEU B 8 -11.74 49.11 -14.28
CA LEU B 8 -12.32 48.25 -15.31
C LEU B 8 -13.63 47.65 -14.83
N LYS B 9 -14.68 47.87 -15.63
CA LYS B 9 -16.03 47.34 -15.49
C LYS B 9 -16.14 45.94 -16.12
N GLU B 10 -17.10 45.16 -15.61
CA GLU B 10 -17.26 43.76 -16.00
C GLU B 10 -17.34 43.56 -17.51
N VAL B 11 -18.53 43.72 -18.09
CA VAL B 11 -18.65 43.82 -19.54
C VAL B 11 -17.75 44.94 -20.05
N MET B 12 -17.07 44.71 -21.17
CA MET B 12 -16.22 45.79 -21.67
C MET B 12 -15.99 45.66 -23.17
N PRO B 13 -15.90 46.79 -23.89
CA PRO B 13 -15.79 46.75 -25.36
C PRO B 13 -14.35 46.70 -25.80
N THR B 14 -13.93 45.57 -26.36
CA THR B 14 -12.55 45.39 -26.79
C THR B 14 -12.49 45.67 -28.29
N LYS B 15 -12.04 46.87 -28.67
CA LYS B 15 -11.72 47.11 -30.07
C LYS B 15 -10.37 46.47 -30.38
N ILE B 16 -10.34 45.64 -31.42
CA ILE B 16 -9.26 44.67 -31.62
C ILE B 16 -8.63 44.88 -32.99
N ASN B 17 -7.90 45.98 -33.17
CA ASN B 17 -7.18 46.15 -34.43
C ASN B 17 -6.08 45.12 -34.55
N LEU B 18 -5.87 44.60 -35.77
CA LEU B 18 -4.83 43.62 -36.08
C LEU B 18 -4.08 44.03 -37.33
N GLU B 19 -2.88 43.51 -37.45
CA GLU B 19 -2.05 43.68 -38.64
C GLU B 19 -1.44 42.34 -38.98
N GLY B 20 -1.54 41.96 -40.25
CA GLY B 20 -1.26 40.60 -40.64
C GLY B 20 -0.34 40.51 -41.84
N LEU B 21 0.26 39.32 -41.98
CA LEU B 21 1.00 38.99 -43.20
C LEU B 21 1.19 37.47 -43.17
N VAL B 22 0.26 36.76 -43.82
CA VAL B 22 0.52 35.38 -44.22
C VAL B 22 1.35 35.45 -45.50
N GLY B 23 2.51 34.81 -45.48
CA GLY B 23 3.26 34.60 -46.69
C GLY B 23 3.62 35.84 -47.48
N ASP B 24 2.99 35.99 -48.64
CA ASP B 24 3.26 37.09 -49.55
C ASP B 24 2.38 38.30 -49.32
N HIS B 25 1.42 38.21 -48.42
CA HIS B 25 0.21 39.00 -48.51
C HIS B 25 0.06 39.89 -47.27
N ALA B 26 0.27 41.19 -47.45
CA ALA B 26 -0.06 42.15 -46.41
C ALA B 26 -1.57 42.32 -46.32
N PHE B 27 -2.11 42.12 -45.12
CA PHE B 27 -3.54 42.35 -44.92
C PHE B 27 -3.76 42.99 -43.57
N SER B 28 -4.65 43.98 -43.53
CA SER B 28 -4.82 44.82 -42.34
C SER B 28 -6.23 44.66 -41.79
N MET B 29 -6.54 43.49 -41.23
CA MET B 29 -7.84 43.25 -40.60
C MET B 29 -8.13 44.13 -39.38
N GLU B 30 -8.98 43.61 -38.47
CA GLU B 30 -9.59 44.38 -37.38
C GLU B 30 -10.68 43.55 -36.70
N GLY B 31 -11.29 44.07 -35.64
CA GLY B 31 -12.30 43.37 -34.86
C GLY B 31 -12.92 44.27 -33.79
N VAL B 32 -14.25 44.36 -33.76
CA VAL B 32 -14.96 45.20 -32.80
C VAL B 32 -15.82 44.27 -31.96
N GLY B 33 -15.79 44.46 -30.65
CA GLY B 33 -16.48 43.52 -29.80
C GLY B 33 -16.70 44.03 -28.41
N GLU B 34 -16.98 43.08 -27.54
CA GLU B 34 -17.22 43.29 -26.11
C GLU B 34 -17.34 41.91 -25.48
N GLY B 35 -17.23 41.85 -24.16
CA GLY B 35 -17.36 40.57 -23.49
C GLY B 35 -17.31 40.73 -21.98
N ASN B 36 -17.27 39.59 -21.31
CA ASN B 36 -17.25 39.53 -19.86
C ASN B 36 -16.03 38.75 -19.38
N ILE B 37 -15.81 38.79 -18.05
CA ILE B 37 -14.47 38.60 -17.50
C ILE B 37 -14.37 37.48 -16.47
N LEU B 38 -15.44 37.17 -15.75
CA LEU B 38 -15.54 35.86 -15.09
C LEU B 38 -16.61 35.00 -15.70
N GLU B 39 -17.32 35.52 -16.70
CA GLU B 39 -17.94 34.65 -17.68
C GLU B 39 -16.85 33.91 -18.47
N GLY B 40 -15.89 34.65 -19.01
CA GLY B 40 -14.93 34.13 -19.96
C GLY B 40 -15.32 34.28 -21.40
N THR B 41 -16.45 34.92 -21.68
CA THR B 41 -17.11 34.90 -22.98
C THR B 41 -16.97 36.25 -23.66
N GLN B 42 -16.53 36.24 -24.92
CA GLN B 42 -16.35 37.48 -25.68
C GLN B 42 -16.66 37.23 -27.15
N GLU B 43 -17.38 38.17 -27.76
CA GLU B 43 -17.78 38.15 -29.17
C GLU B 43 -17.10 39.28 -29.92
N VAL B 44 -16.64 39.00 -31.14
CA VAL B 44 -16.06 40.05 -31.98
C VAL B 44 -16.56 39.91 -33.42
N LYS B 45 -17.00 41.03 -33.97
CA LYS B 45 -17.29 41.16 -35.39
C LYS B 45 -15.94 41.44 -36.05
N ILE B 46 -15.28 40.36 -36.46
CA ILE B 46 -14.00 40.50 -37.15
C ILE B 46 -14.29 40.97 -38.58
N SER B 47 -13.89 42.19 -38.88
CA SER B 47 -13.91 42.66 -40.25
C SER B 47 -12.54 42.48 -40.87
N VAL B 48 -12.51 42.19 -42.16
CA VAL B 48 -11.26 42.27 -42.91
C VAL B 48 -11.25 43.61 -43.59
N THR B 49 -10.16 44.37 -43.39
CA THR B 49 -10.13 45.76 -43.80
C THR B 49 -8.94 46.14 -44.68
N LYS B 50 -8.03 45.22 -44.98
CA LYS B 50 -7.21 45.40 -46.18
C LYS B 50 -6.85 44.00 -46.68
N GLY B 51 -6.40 43.95 -47.93
CA GLY B 51 -6.01 42.70 -48.57
C GLY B 51 -7.17 41.74 -48.68
N ALA B 52 -8.40 42.28 -48.94
CA ALA B 52 -9.49 41.44 -49.43
C ALA B 52 -9.31 41.24 -50.93
N PRO B 53 -9.48 40.00 -51.43
CA PRO B 53 -9.75 38.83 -50.59
C PRO B 53 -8.48 38.28 -49.94
N LEU B 54 -8.65 37.65 -48.79
CA LEU B 54 -7.39 37.14 -48.27
C LEU B 54 -7.14 35.72 -48.78
N PRO B 55 -5.87 35.40 -49.13
CA PRO B 55 -5.60 34.14 -49.84
C PRO B 55 -5.32 32.92 -48.98
N PHE B 56 -5.99 32.77 -47.84
CA PHE B 56 -5.63 31.68 -46.94
C PHE B 56 -6.82 31.47 -46.02
N ALA B 57 -6.96 30.25 -45.52
CA ALA B 57 -8.07 29.96 -44.62
C ALA B 57 -8.08 30.98 -43.49
N PHE B 58 -9.28 31.39 -43.10
CA PHE B 58 -9.39 32.53 -42.23
C PHE B 58 -8.95 32.24 -40.80
N ASP B 59 -9.17 31.03 -40.32
CA ASP B 59 -9.16 30.76 -38.89
C ASP B 59 -7.78 30.86 -38.27
N ILE B 60 -6.71 30.90 -39.06
CA ILE B 60 -5.39 30.97 -38.47
C ILE B 60 -5.24 32.24 -37.63
N VAL B 61 -5.93 33.31 -37.99
CA VAL B 61 -5.86 34.56 -37.25
C VAL B 61 -6.98 34.68 -36.23
N SER B 62 -7.75 33.63 -36.00
CA SER B 62 -8.84 33.79 -35.05
C SER B 62 -8.35 33.69 -33.59
N VAL B 63 -7.32 32.89 -33.28
CA VAL B 63 -6.77 32.97 -31.92
C VAL B 63 -6.08 34.29 -31.71
N ALA B 64 -5.62 34.97 -32.76
CA ALA B 64 -5.07 36.30 -32.57
C ALA B 64 -6.10 37.30 -32.08
N PHE B 65 -7.40 36.95 -32.02
CA PHE B 65 -8.47 37.91 -31.73
C PHE B 65 -9.11 37.73 -30.37
N1 CRO B 66 -8.94 36.34 -30.64
CA1 CRO B 66 -9.20 36.07 -29.29
CB1 CRO B 66 -10.27 34.97 -29.38
OG1 CRO B 66 -11.47 35.42 -28.80
C1 CRO B 66 -7.90 35.52 -28.66
N2 CRO B 66 -7.83 34.24 -28.23
N3 CRO B 66 -6.70 36.10 -28.43
C2 CRO B 66 -5.86 35.16 -27.87
O2 CRO B 66 -4.69 35.35 -27.56
CA2 CRO B 66 -6.62 33.99 -27.76
CA3 CRO B 66 -6.25 37.51 -28.75
C3 CRO B 66 -6.10 38.40 -27.55
O3 CRO B 66 -5.62 39.49 -27.75
CB2 CRO B 66 -6.27 32.80 -27.26
CG2 CRO B 66 -7.01 31.51 -27.53
CD1 CRO B 66 -6.47 30.32 -26.98
CD2 CRO B 66 -8.23 31.41 -28.28
CE1 CRO B 66 -7.07 29.09 -27.16
CE2 CRO B 66 -8.83 30.19 -28.47
CZ CRO B 66 -8.25 29.00 -27.91
OH CRO B 66 -8.83 27.78 -28.07
N ASN B 67 -6.80 37.83 -26.44
CA ASN B 67 -6.93 38.52 -25.16
C ASN B 67 -7.51 37.62 -24.06
N ARG B 68 -6.63 37.12 -23.17
CA ARG B 68 -7.06 36.25 -22.08
C ARG B 68 -7.43 37.04 -20.81
N ALA B 69 -7.51 38.36 -20.90
CA ALA B 69 -8.36 39.09 -19.95
C ALA B 69 -9.71 38.38 -19.82
N TYR B 70 -10.28 37.95 -20.96
CA TYR B 70 -11.56 37.24 -21.01
C TYR B 70 -11.34 35.78 -20.63
N THR B 71 -11.50 35.45 -19.34
CA THR B 71 -11.47 34.06 -18.92
C THR B 71 -11.96 33.91 -17.49
N GLY B 72 -12.86 32.96 -17.29
CA GLY B 72 -13.26 32.54 -15.97
C GLY B 72 -12.09 32.04 -15.16
N TYR B 73 -11.54 32.92 -14.30
CA TYR B 73 -10.54 32.58 -13.31
C TYR B 73 -11.25 32.45 -11.97
N PRO B 74 -11.63 31.25 -11.54
CA PRO B 74 -12.11 31.10 -10.16
C PRO B 74 -11.02 31.53 -9.18
N GLU B 75 -11.41 32.33 -8.18
CA GLU B 75 -10.35 32.98 -7.38
C GLU B 75 -9.50 31.99 -6.57
N GLU B 76 -9.76 30.68 -6.62
CA GLU B 76 -8.83 29.68 -6.10
C GLU B 76 -7.64 29.47 -7.02
N ILE B 77 -7.65 30.04 -8.23
CA ILE B 77 -6.47 30.12 -9.08
C ILE B 77 -6.31 31.57 -9.51
N SER B 78 -5.20 32.18 -9.13
CA SER B 78 -5.02 33.62 -9.35
C SER B 78 -5.05 33.96 -10.84
N ASP B 79 -5.41 35.20 -11.10
CA ASP B 79 -5.60 35.72 -12.45
C ASP B 79 -4.40 36.61 -12.75
N TYR B 80 -3.51 36.13 -13.62
CA TYR B 80 -2.40 36.98 -14.05
C TYR B 80 -2.92 38.25 -14.72
N PHE B 81 -3.81 38.09 -15.71
CA PHE B 81 -4.10 39.16 -16.66
C PHE B 81 -4.95 40.25 -16.05
N LEU B 82 -5.96 39.87 -15.25
CA LEU B 82 -6.77 40.89 -14.60
C LEU B 82 -5.91 41.86 -13.78
N GLN B 83 -4.87 41.34 -13.15
CA GLN B 83 -4.10 42.21 -12.27
C GLN B 83 -2.93 42.86 -12.98
N SER B 84 -2.85 42.72 -14.29
CA SER B 84 -1.89 43.51 -15.04
C SER B 84 -2.43 44.89 -15.40
N PHE B 85 -3.71 45.14 -15.12
CA PHE B 85 -4.34 46.40 -15.45
C PHE B 85 -4.15 47.39 -14.31
N PRO B 86 -4.43 48.69 -14.53
CA PRO B 86 -4.98 49.38 -15.69
C PRO B 86 -4.09 49.37 -16.94
N GLU B 87 -2.79 49.16 -16.76
CA GLU B 87 -1.88 49.37 -17.89
C GLU B 87 -2.05 48.31 -18.97
N GLY B 88 -2.45 47.10 -18.60
CA GLY B 88 -2.58 46.03 -19.57
C GLY B 88 -1.41 45.05 -19.56
N PHE B 89 -1.14 44.42 -20.69
CA PHE B 89 -0.03 43.47 -20.77
C PHE B 89 0.31 43.20 -22.23
N THR B 90 0.95 42.08 -22.49
CA THR B 90 1.45 41.71 -23.80
C THR B 90 1.65 40.19 -23.80
N TYR B 91 1.40 39.58 -24.95
CA TYR B 91 1.89 38.24 -25.22
C TYR B 91 2.81 38.26 -26.42
N GLU B 92 3.56 37.18 -26.55
CA GLU B 92 4.17 36.76 -27.82
C GLU B 92 3.81 35.29 -27.95
N ARG B 93 3.18 35.01 -29.08
CA ARG B 93 2.69 33.65 -29.36
C ARG B 93 3.54 33.02 -30.46
N ASN B 94 3.88 31.77 -30.27
CA ASN B 94 4.58 31.04 -31.31
C ASN B 94 3.72 29.84 -31.65
N ILE B 95 3.33 29.75 -32.92
CA ILE B 95 2.42 28.74 -33.44
C ILE B 95 3.21 27.88 -34.40
N ARG B 96 3.08 26.56 -34.26
CA ARG B 96 3.72 25.67 -35.24
C ARG B 96 2.70 24.67 -35.73
N TYR B 97 2.35 24.80 -37.01
CA TYR B 97 1.40 23.90 -37.65
C TYR B 97 2.12 22.60 -38.00
N GLN B 98 1.41 21.46 -37.87
CA GLN B 98 1.98 20.16 -38.22
C GLN B 98 2.55 20.14 -39.64
N ASP B 99 2.09 21.07 -40.50
CA ASP B 99 2.69 21.38 -41.80
C ASP B 99 4.19 21.57 -41.67
N GLY B 100 4.63 22.14 -40.57
CA GLY B 100 5.89 22.81 -40.48
C GLY B 100 5.76 24.31 -40.57
N GLY B 101 4.70 24.80 -41.18
CA GLY B 101 4.47 26.23 -41.21
C GLY B 101 4.23 26.78 -39.83
N THR B 102 4.53 28.07 -39.69
CA THR B 102 4.63 28.72 -38.40
C THR B 102 4.04 30.11 -38.47
N ALA B 103 3.70 30.65 -37.30
CA ALA B 103 3.27 32.04 -37.17
C ALA B 103 3.56 32.51 -35.75
N ILE B 104 3.97 33.78 -35.63
CA ILE B 104 4.20 34.45 -34.35
C ILE B 104 3.14 35.54 -34.15
N VAL B 105 2.61 35.65 -32.94
CA VAL B 105 1.53 36.58 -32.63
C VAL B 105 2.02 37.56 -31.57
N LYS B 106 2.13 38.84 -31.96
CA LYS B 106 2.61 39.91 -31.08
C LYS B 106 1.50 40.94 -30.87
N SER B 107 1.03 41.09 -29.63
CA SER B 107 -0.08 42.00 -29.35
C SER B 107 0.13 42.72 -28.02
N ASP B 108 -0.36 43.96 -27.93
CA ASP B 108 -0.38 44.74 -26.69
C ASP B 108 -1.81 45.07 -26.31
N ILE B 109 -2.17 44.79 -25.05
CA ILE B 109 -3.55 44.90 -24.58
C ILE B 109 -3.66 46.09 -23.63
N SER B 110 -3.60 47.31 -24.17
CA SER B 110 -3.52 48.52 -23.34
C SER B 110 -4.83 48.89 -22.65
N LEU B 111 -5.05 50.20 -22.53
CA LEU B 111 -6.28 50.77 -22.01
C LEU B 111 -6.32 52.25 -22.42
N GLU B 112 -7.42 52.66 -23.05
CA GLU B 112 -7.49 53.93 -23.76
C GLU B 112 -8.98 54.23 -24.00
N ASP B 113 -9.55 55.13 -23.19
CA ASP B 113 -10.99 55.36 -23.05
C ASP B 113 -11.69 54.06 -22.69
N GLY B 114 -12.39 54.07 -21.55
CA GLY B 114 -12.80 52.87 -20.83
C GLY B 114 -13.00 51.55 -21.56
N LYS B 115 -12.15 51.23 -22.54
CA LYS B 115 -12.33 50.05 -23.36
C LYS B 115 -10.99 49.46 -23.79
N PHE B 116 -10.93 48.11 -23.76
CA PHE B 116 -9.77 47.26 -24.07
C PHE B 116 -9.17 47.51 -25.44
N ILE B 117 -8.31 48.51 -25.61
CA ILE B 117 -7.63 48.67 -26.89
C ILE B 117 -6.53 47.61 -26.95
N VAL B 118 -6.80 46.50 -27.63
CA VAL B 118 -5.75 45.53 -27.93
C VAL B 118 -5.10 45.98 -29.22
N ASN B 119 -4.00 45.37 -29.61
CA ASN B 119 -3.33 45.75 -30.86
C ASN B 119 -2.47 44.55 -31.29
N VAL B 120 -3.09 43.64 -32.09
CA VAL B 120 -2.48 42.35 -32.44
C VAL B 120 -1.62 42.52 -33.67
N ASP B 121 -0.51 41.79 -33.71
CA ASP B 121 0.28 41.62 -34.92
C ASP B 121 0.52 40.13 -35.15
N PHE B 122 0.59 39.77 -36.43
CA PHE B 122 0.44 38.40 -36.91
C PHE B 122 1.22 38.29 -38.20
N LYS B 123 2.24 37.43 -38.25
CA LYS B 123 3.00 37.25 -39.47
C LYS B 123 3.29 35.77 -39.63
N ALA B 124 2.67 35.14 -40.64
CA ALA B 124 2.88 33.72 -40.87
C ALA B 124 3.66 33.52 -42.17
N LYS B 125 4.18 32.29 -42.35
CA LYS B 125 4.75 31.85 -43.62
C LYS B 125 5.13 30.36 -43.53
N ASP B 126 5.79 29.88 -44.59
CA ASP B 126 6.08 28.46 -44.82
C ASP B 126 4.81 27.62 -44.79
N LEU B 127 3.69 28.23 -45.20
CA LEU B 127 2.45 27.49 -45.38
C LEU B 127 2.49 26.78 -46.72
N ARG B 128 2.11 25.51 -46.73
CA ARG B 128 2.29 24.74 -47.95
C ARG B 128 1.04 24.85 -48.81
N ARG B 129 1.27 24.98 -50.11
CA ARG B 129 0.23 25.11 -51.13
C ARG B 129 -0.88 24.07 -50.95
N MET B 130 -0.54 22.80 -51.05
CA MET B 130 -1.53 21.74 -50.91
C MET B 130 -2.04 21.56 -49.54
N GLY B 131 -1.82 22.51 -48.60
CA GLY B 131 -2.15 22.38 -47.20
C GLY B 131 -3.40 23.14 -46.79
N PRO B 132 -4.01 22.75 -45.68
CA PRO B 132 -5.38 23.17 -45.41
C PRO B 132 -5.55 24.63 -45.10
N VAL B 133 -4.48 25.41 -45.18
CA VAL B 133 -4.60 26.84 -44.94
C VAL B 133 -4.64 27.62 -46.25
N MET B 134 -3.76 27.26 -47.20
CA MET B 134 -3.87 27.78 -48.56
C MET B 134 -5.08 27.22 -49.29
N GLN B 135 -5.42 25.97 -48.99
CA GLN B 135 -6.51 25.23 -49.60
C GLN B 135 -7.87 25.62 -49.05
N GLN B 136 -7.89 26.45 -48.02
CA GLN B 136 -9.11 26.91 -47.36
C GLN B 136 -10.10 25.75 -47.18
N ASP B 137 -9.63 24.72 -46.46
CA ASP B 137 -10.46 23.60 -46.05
C ASP B 137 -10.85 23.64 -44.58
N ILE B 138 -10.61 24.74 -43.86
CA ILE B 138 -10.86 24.75 -42.43
C ILE B 138 -12.29 25.20 -42.19
N VAL B 139 -13.07 24.31 -41.56
CA VAL B 139 -14.34 24.62 -40.93
C VAL B 139 -14.08 25.60 -39.80
N GLY B 140 -13.49 25.10 -38.71
CA GLY B 140 -13.14 25.94 -37.59
C GLY B 140 -12.30 25.21 -36.56
N MET B 141 -12.12 25.90 -35.41
CA MET B 141 -11.37 25.39 -34.28
C MET B 141 -12.24 24.48 -33.42
N GLN B 142 -11.75 23.28 -33.17
CA GLN B 142 -12.26 22.52 -32.04
C GLN B 142 -12.07 23.28 -30.72
N PRO B 143 -12.60 22.79 -29.61
CA PRO B 143 -12.21 23.34 -28.32
C PRO B 143 -10.78 22.90 -27.97
N SER B 144 -10.20 23.61 -27.01
CA SER B 144 -8.82 23.38 -26.65
C SER B 144 -8.64 23.56 -25.16
N TYR B 145 -7.50 23.06 -24.68
CA TYR B 145 -7.09 23.14 -23.28
C TYR B 145 -5.64 23.63 -23.24
N GLU B 146 -5.46 24.86 -22.78
CA GLU B 146 -4.17 25.54 -22.74
C GLU B 146 -3.63 25.45 -21.29
N SER B 147 -2.66 24.55 -21.06
CA SER B 147 -2.05 24.46 -19.73
C SER B 147 -1.19 25.69 -19.45
N MET B 148 -1.34 26.24 -18.25
CA MET B 148 -0.64 27.44 -17.81
C MET B 148 0.22 27.15 -16.59
N TYR B 149 1.37 27.79 -16.52
CA TYR B 149 2.27 27.60 -15.39
C TYR B 149 3.08 28.87 -15.20
N THR B 150 3.58 29.07 -13.98
CA THR B 150 4.34 30.28 -13.71
C THR B 150 5.82 30.11 -14.02
N ASN B 151 6.43 31.21 -14.47
CA ASN B 151 7.86 31.26 -14.76
C ASN B 151 8.34 32.69 -14.54
N VAL B 152 8.72 32.97 -13.27
CA VAL B 152 9.26 34.26 -12.83
C VAL B 152 8.20 35.35 -13.02
N THR B 153 8.50 36.39 -13.79
CA THR B 153 7.51 37.46 -14.00
C THR B 153 6.73 37.22 -15.28
N SER B 154 6.17 36.02 -15.39
CA SER B 154 5.55 35.54 -16.61
C SER B 154 4.80 34.25 -16.34
N VAL B 155 3.70 34.08 -17.06
CA VAL B 155 3.09 32.77 -17.24
C VAL B 155 3.08 32.49 -18.74
N ILE B 156 3.61 31.34 -19.11
CA ILE B 156 3.60 30.87 -20.47
C ILE B 156 2.40 29.94 -20.59
N GLY B 157 1.70 30.03 -21.72
CA GLY B 157 0.62 29.11 -22.05
C GLY B 157 1.10 28.20 -23.17
N GLU B 158 0.78 26.91 -23.03
CA GLU B 158 1.04 25.95 -24.10
C GLU B 158 -0.26 25.20 -24.41
N CYS B 159 -0.56 25.04 -25.71
CA CYS B 159 -1.84 24.47 -26.13
C CYS B 159 -1.78 23.82 -27.50
N ILE B 160 -2.53 22.73 -27.64
CA ILE B 160 -2.70 22.03 -28.91
C ILE B 160 -4.08 22.36 -29.46
N ILE B 161 -4.09 23.16 -30.53
CA ILE B 161 -5.27 23.52 -31.31
C ILE B 161 -5.43 22.48 -32.42
N ALA B 162 -6.69 22.10 -32.69
CA ALA B 162 -7.07 21.25 -33.82
C ALA B 162 -8.02 21.99 -34.76
N PHE B 163 -7.63 22.16 -36.00
CA PHE B 163 -8.54 22.65 -37.04
C PHE B 163 -9.32 21.45 -37.58
N LYS B 164 -10.65 21.49 -37.48
CA LYS B 164 -11.49 20.50 -38.15
C LYS B 164 -11.63 20.85 -39.63
N LEU B 165 -11.42 19.86 -40.49
CA LEU B 165 -11.43 20.02 -41.93
C LEU B 165 -12.73 19.50 -42.56
N GLN B 166 -12.99 19.92 -43.80
CA GLN B 166 -14.23 19.56 -44.47
C GLN B 166 -14.38 18.05 -44.60
N THR B 167 -13.28 17.33 -44.78
CA THR B 167 -13.33 15.88 -44.84
C THR B 167 -13.44 15.21 -43.46
N GLY B 168 -13.74 15.95 -42.40
CA GLY B 168 -13.87 15.33 -41.10
C GLY B 168 -12.55 15.14 -40.36
N LYS B 169 -11.48 14.85 -41.10
CA LYS B 169 -10.12 14.80 -40.57
C LYS B 169 -9.72 16.09 -39.85
N HIS B 170 -8.63 16.06 -39.10
CA HIS B 170 -8.19 17.23 -38.35
C HIS B 170 -6.77 17.62 -38.73
N PHE B 171 -6.48 18.90 -38.49
CA PHE B 171 -5.16 19.48 -38.76
C PHE B 171 -4.80 20.31 -37.54
N THR B 172 -3.79 19.88 -36.79
CA THR B 172 -3.53 20.45 -35.48
C THR B 172 -2.28 21.31 -35.50
N TYR B 173 -2.13 22.10 -34.45
CA TYR B 173 -0.91 22.88 -34.31
C TYR B 173 -0.62 23.07 -32.83
N HIS B 174 0.53 23.67 -32.54
CA HIS B 174 1.06 23.76 -31.17
C HIS B 174 1.43 25.20 -30.88
N MET B 175 1.01 25.70 -29.73
CA MET B 175 0.96 27.13 -29.47
C MET B 175 1.60 27.45 -28.11
N ARG B 176 2.67 28.23 -28.11
CA ARG B 176 3.36 28.63 -26.86
C ARG B 176 3.26 30.13 -26.75
N THR B 177 2.76 30.61 -25.63
CA THR B 177 2.44 32.03 -25.48
C THR B 177 3.18 32.65 -24.28
N VAL B 178 3.88 33.78 -24.51
CA VAL B 178 4.58 34.48 -23.43
C VAL B 178 3.71 35.60 -22.84
N TYR B 179 2.81 35.24 -21.92
CA TYR B 179 2.03 36.25 -21.21
C TYR B 179 2.89 36.97 -20.17
N LYS B 180 3.53 38.05 -20.61
CA LYS B 180 4.31 38.93 -19.77
C LYS B 180 3.45 40.12 -19.38
N SER B 181 3.23 40.32 -18.06
CA SER B 181 2.50 41.50 -17.59
C SER B 181 3.19 42.81 -17.97
N LYS B 182 2.65 43.91 -17.47
CA LYS B 182 3.47 45.11 -17.35
C LYS B 182 3.24 45.86 -16.05
N LYS B 183 2.16 45.62 -15.34
CA LYS B 183 2.23 45.90 -13.91
C LYS B 183 2.78 44.65 -13.23
N PRO B 184 3.48 44.82 -12.10
CA PRO B 184 4.24 43.68 -11.52
C PRO B 184 3.42 42.63 -10.78
N VAL B 185 2.16 42.90 -10.38
CA VAL B 185 1.16 41.90 -10.00
C VAL B 185 1.57 41.00 -8.85
N GLU B 186 0.75 40.91 -7.79
CA GLU B 186 1.11 39.86 -6.83
C GLU B 186 0.49 38.52 -7.23
N THR B 187 0.07 37.69 -6.28
CA THR B 187 0.00 36.23 -6.43
C THR B 187 0.01 35.67 -7.85
N MET B 188 1.21 35.36 -8.36
CA MET B 188 1.35 34.56 -9.58
C MET B 188 0.68 33.21 -9.39
N PRO B 189 0.18 32.60 -10.47
CA PRO B 189 -0.64 31.40 -10.35
C PRO B 189 0.19 30.13 -10.33
N LEU B 190 -0.44 29.06 -9.84
CA LEU B 190 0.26 27.78 -9.70
C LEU B 190 0.54 27.13 -11.04
N TYR B 191 -0.45 26.39 -11.51
CA TYR B 191 -0.46 25.65 -12.76
C TYR B 191 -1.86 25.09 -12.92
N HIS B 192 -2.38 25.21 -14.14
CA HIS B 192 -3.78 24.96 -14.43
C HIS B 192 -3.96 25.11 -15.94
N PHE B 193 -5.11 24.64 -16.42
CA PHE B 193 -5.48 24.77 -17.81
C PHE B 193 -6.63 25.78 -17.96
N ILE B 194 -6.62 26.49 -19.08
CA ILE B 194 -7.76 27.29 -19.51
C ILE B 194 -8.43 26.53 -20.65
N GLN B 195 -9.70 26.14 -20.46
CA GLN B 195 -10.46 25.58 -21.56
C GLN B 195 -11.04 26.67 -22.46
N HIS B 196 -10.99 26.41 -23.76
CA HIS B 196 -11.71 27.21 -24.74
C HIS B 196 -12.63 26.32 -25.56
N ARG B 197 -13.83 26.82 -25.86
CA ARG B 197 -14.54 26.50 -27.11
C ARG B 197 -14.64 27.83 -27.84
N LEU B 198 -13.89 27.96 -28.92
CA LEU B 198 -14.08 29.04 -29.88
C LEU B 198 -14.80 28.46 -31.10
N VAL B 199 -15.87 29.14 -31.48
CA VAL B 199 -16.80 28.69 -32.52
C VAL B 199 -17.32 29.93 -33.26
N LYS B 200 -17.41 29.83 -34.58
CA LYS B 200 -17.86 30.92 -35.43
C LYS B 200 -19.38 30.91 -35.54
N THR B 201 -19.99 32.09 -35.59
CA THR B 201 -21.44 32.08 -35.42
C THR B 201 -22.22 33.07 -36.30
N ASN B 202 -21.53 33.92 -37.08
CA ASN B 202 -22.44 34.54 -38.06
C ASN B 202 -22.58 33.68 -39.31
N VAL B 203 -22.28 32.41 -39.01
CA VAL B 203 -22.86 31.24 -39.63
C VAL B 203 -22.99 31.40 -41.14
N ASP B 204 -24.22 31.56 -41.64
CA ASP B 204 -24.54 31.61 -43.06
C ASP B 204 -25.14 32.99 -43.34
N THR B 205 -24.31 33.90 -43.84
CA THR B 205 -24.76 35.27 -44.06
C THR B 205 -24.39 35.72 -45.46
N ALA B 206 -24.76 36.96 -45.76
CA ALA B 206 -24.11 37.75 -46.78
C ALA B 206 -22.90 38.49 -46.21
N SER B 207 -22.70 38.41 -44.88
CA SER B 207 -21.49 38.73 -44.16
C SER B 207 -20.81 40.04 -44.56
N GLY B 208 -19.59 39.91 -45.07
CA GLY B 208 -18.60 40.97 -45.09
C GLY B 208 -17.69 40.95 -43.88
N TYR B 209 -17.82 39.94 -43.01
CA TYR B 209 -17.22 39.90 -41.69
C TYR B 209 -17.65 38.62 -40.97
N VAL B 210 -16.80 38.10 -40.09
CA VAL B 210 -17.07 36.86 -39.35
C VAL B 210 -17.12 37.20 -37.87
N VAL B 211 -18.07 36.61 -37.16
CA VAL B 211 -18.13 36.77 -35.72
C VAL B 211 -17.83 35.41 -35.10
N GLN B 212 -16.94 35.42 -34.10
CA GLN B 212 -16.64 34.26 -33.28
C GLN B 212 -16.96 34.60 -31.83
N HIS B 213 -17.21 33.56 -31.06
CA HIS B 213 -17.50 33.68 -29.63
C HIS B 213 -16.68 32.64 -28.89
N GLU B 214 -15.76 33.12 -28.04
CA GLU B 214 -14.87 32.28 -27.25
C GLU B 214 -15.32 32.28 -25.81
N THR B 215 -15.55 31.09 -25.26
CA THR B 215 -15.59 30.89 -23.83
C THR B 215 -14.18 30.54 -23.35
N ALA B 216 -13.89 30.84 -22.08
CA ALA B 216 -12.55 30.62 -21.49
C ALA B 216 -12.63 30.42 -19.96
N ILE B 217 -12.44 29.18 -19.51
CA ILE B 217 -12.50 28.82 -18.07
C ILE B 217 -11.17 28.21 -17.58
N ALA B 218 -10.68 28.64 -16.41
CA ALA B 218 -9.50 28.03 -15.79
C ALA B 218 -9.98 26.92 -14.86
N ALA B 219 -9.24 25.83 -14.72
CA ALA B 219 -9.65 24.75 -13.80
C ALA B 219 -8.44 23.92 -13.36
N HIS B 220 -8.63 22.65 -12.99
CA HIS B 220 -7.53 21.80 -12.59
C HIS B 220 -7.64 20.40 -13.16
N SER B 221 -8.51 19.57 -12.56
CA SER B 221 -8.73 18.23 -13.10
C SER B 221 -10.01 17.67 -12.50
N THR B 222 -10.37 16.48 -12.96
CA THR B 222 -11.47 15.69 -12.43
C THR B 222 -10.99 14.37 -11.85
N ILE B 223 -9.93 13.79 -12.42
CA ILE B 223 -9.06 12.93 -11.63
C ILE B 223 -8.46 13.80 -10.53
N LYS B 224 -7.98 13.15 -9.48
CA LYS B 224 -7.06 13.79 -8.53
C LYS B 224 -6.23 12.70 -7.86
N LYS B 225 -5.10 13.15 -7.31
CA LYS B 225 -3.98 12.33 -6.90
C LYS B 225 -4.37 11.26 -5.88
N ILE B 226 -3.70 10.10 -5.97
CA ILE B 226 -3.49 9.33 -4.75
C ILE B 226 -2.84 10.27 -3.73
N GLU B 227 -3.32 10.22 -2.48
CA GLU B 227 -2.82 11.14 -1.42
C GLU B 227 -1.30 11.10 -1.34
N GLY B 228 -0.72 9.95 -1.73
CA GLY B 228 0.73 9.75 -1.78
C GLY B 228 1.43 10.90 -2.48
N SER B 229 0.78 11.45 -3.50
CA SER B 229 1.26 12.58 -4.33
C SER B 229 2.51 12.21 -5.11
N LEU B 230 3.31 13.23 -5.37
CA LEU B 230 4.55 13.26 -6.20
C LEU B 230 4.11 13.18 -7.65
N PRO B 231 4.10 14.31 -8.37
CA PRO B 231 4.43 15.60 -7.77
C PRO B 231 3.27 16.28 -7.04
N THR C 2 13.40 13.23 -6.27
CA THR C 2 13.50 12.59 -7.57
C THR C 2 13.54 11.06 -7.44
N SER C 3 13.89 10.37 -8.52
CA SER C 3 13.65 8.93 -8.56
C SER C 3 14.89 8.10 -8.24
N LYS C 4 15.75 7.85 -9.24
CA LYS C 4 17.04 7.19 -9.04
C LYS C 4 16.91 5.72 -8.65
N VAL C 5 17.79 4.87 -9.15
CA VAL C 5 17.80 3.46 -8.73
C VAL C 5 19.19 3.09 -8.20
N TYR C 6 19.25 2.11 -7.28
CA TYR C 6 20.53 1.67 -6.72
C TYR C 6 21.46 1.20 -7.83
N ASP C 7 22.75 1.38 -7.64
CA ASP C 7 23.69 0.63 -8.46
C ASP C 7 23.61 -0.81 -7.99
N PRO C 8 23.34 -1.77 -8.88
CA PRO C 8 23.23 -3.15 -8.43
C PRO C 8 24.46 -3.64 -7.70
N GLU C 9 25.63 -3.50 -8.30
CA GLU C 9 26.83 -4.13 -7.79
C GLU C 9 27.62 -3.25 -6.80
N GLN C 10 27.02 -2.14 -6.35
CA GLN C 10 27.73 -1.28 -5.40
C GLN C 10 27.60 -1.80 -3.98
N ARG C 11 26.41 -2.27 -3.59
CA ARG C 11 26.17 -2.64 -2.20
C ARG C 11 27.12 -3.72 -1.73
N LYS C 12 27.63 -4.54 -2.66
CA LYS C 12 28.58 -5.58 -2.28
C LYS C 12 29.79 -5.00 -1.56
N ARG C 13 30.29 -3.85 -2.01
CA ARG C 13 31.49 -3.24 -1.46
C ARG C 13 31.21 -2.02 -0.59
N MET C 14 29.95 -1.80 -0.22
CA MET C 14 29.57 -0.64 0.57
C MET C 14 30.44 -0.51 1.82
N ILE C 15 30.83 0.72 2.14
CA ILE C 15 31.52 1.09 3.36
C ILE C 15 30.61 2.00 4.17
N THR C 16 30.02 1.51 5.28
CA THR C 16 29.18 2.41 6.07
C THR C 16 30.04 3.43 6.82
N GLY C 17 29.35 4.39 7.45
CA GLY C 17 29.97 5.44 8.20
C GLY C 17 30.80 4.90 9.34
N PRO C 18 30.18 4.15 10.24
CA PRO C 18 30.96 3.48 11.29
C PRO C 18 32.18 2.76 10.74
N GLN C 19 32.09 2.03 9.62
CA GLN C 19 33.32 1.40 9.14
C GLN C 19 34.35 2.42 8.69
N TRP C 20 33.91 3.61 8.25
CA TRP C 20 34.85 4.65 7.83
C TRP C 20 35.50 5.30 9.04
N TRP C 21 34.67 5.59 10.05
CA TRP C 21 35.14 6.47 11.09
C TRP C 21 36.20 5.76 11.92
N ALA C 22 35.94 4.51 12.30
CA ALA C 22 36.92 3.56 12.80
C ALA C 22 38.23 3.49 12.00
N ARG C 23 38.27 3.94 10.76
CA ARG C 23 39.55 4.02 10.07
C ARG C 23 40.14 5.41 10.13
N CYS C 24 39.42 6.35 10.76
CA CYS C 24 39.91 7.71 10.89
C CYS C 24 40.81 7.90 12.13
N LYS C 25 41.71 8.88 12.04
CA LYS C 25 42.52 9.42 13.10
C LYS C 25 41.91 10.71 13.64
N GLN C 26 42.42 11.17 14.80
CA GLN C 26 42.09 12.49 15.30
C GLN C 26 43.34 13.17 15.85
N MET C 27 43.33 14.50 15.81
CA MET C 27 44.31 15.33 16.51
C MET C 27 43.62 16.62 16.91
N ASN C 28 44.11 17.22 18.00
CA ASN C 28 43.64 18.54 18.38
C ASN C 28 44.22 19.56 17.41
N VAL C 29 43.49 20.66 17.23
CA VAL C 29 43.84 21.71 16.27
C VAL C 29 43.32 23.00 16.87
N LEU C 30 44.23 23.92 17.22
CA LEU C 30 43.82 25.15 17.89
C LEU C 30 42.91 24.87 19.09
N ASP C 31 41.69 25.40 19.07
CA ASP C 31 40.73 25.21 20.15
C ASP C 31 39.76 24.05 19.91
N SER C 32 40.11 23.09 19.04
CA SER C 32 39.19 22.01 18.71
C SER C 32 39.97 20.85 18.10
N PHE C 33 39.31 20.05 17.24
CA PHE C 33 40.01 18.93 16.62
C PHE C 33 39.46 18.56 15.24
N ILE C 34 40.32 17.89 14.48
CA ILE C 34 40.07 17.46 13.12
C ILE C 34 40.05 15.94 13.14
N ASN C 35 38.90 15.36 12.79
CA ASN C 35 38.85 13.96 12.43
C ASN C 35 39.38 13.85 11.01
N TYR C 36 40.10 12.78 10.69
CA TYR C 36 40.76 12.68 9.39
C TYR C 36 41.16 11.24 9.14
N TYR C 37 41.71 11.01 7.95
CA TYR C 37 41.95 9.65 7.48
C TYR C 37 43.34 9.66 6.88
N ASP C 38 44.08 8.60 7.10
CA ASP C 38 45.51 8.64 6.76
C ASP C 38 45.94 7.32 6.16
N SER C 39 46.28 7.35 4.88
CA SER C 39 47.00 6.25 4.26
C SER C 39 48.20 5.85 5.13
N GLU C 40 49.15 6.77 5.31
CA GLU C 40 50.33 6.74 6.19
C GLU C 40 51.58 6.30 5.44
N LYS C 41 51.51 5.23 4.68
CA LYS C 41 52.74 4.81 4.04
C LYS C 41 53.00 5.68 2.80
N HIS C 42 54.16 5.46 2.19
CA HIS C 42 54.68 6.29 1.10
C HIS C 42 54.57 7.77 1.42
N ALA C 43 54.93 8.11 2.66
CA ALA C 43 54.85 9.47 3.20
C ALA C 43 55.90 10.40 2.63
N GLU C 44 56.72 9.94 1.69
CA GLU C 44 57.53 10.88 0.93
C GLU C 44 56.65 11.83 0.10
N ASN C 45 55.34 11.60 0.10
CA ASN C 45 54.41 12.50 -0.55
C ASN C 45 53.13 12.59 0.26
N ALA C 46 52.47 13.73 0.14
CA ALA C 46 51.14 13.91 0.69
C ALA C 46 50.17 14.30 -0.43
N VAL C 47 49.08 13.54 -0.59
CA VAL C 47 47.95 13.96 -1.42
C VAL C 47 46.80 14.21 -0.46
N ILE C 48 46.47 15.48 -0.27
CA ILE C 48 45.34 15.89 0.57
C ILE C 48 44.06 15.99 -0.30
N PHE C 49 42.97 15.37 0.16
CA PHE C 49 41.66 15.43 -0.50
C PHE C 49 40.75 16.31 0.35
N LEU C 50 40.16 17.34 -0.27
CA LEU C 50 39.33 18.30 0.46
C LEU C 50 37.89 18.25 -0.08
N HIS C 51 37.02 17.58 0.66
CA HIS C 51 35.58 17.63 0.43
C HIS C 51 35.08 19.05 0.54
N GLY C 52 33.78 19.25 0.38
CA GLY C 52 33.20 20.57 0.26
C GLY C 52 31.91 20.59 1.01
N ASN C 53 30.94 21.41 0.58
CA ASN C 53 29.71 21.57 1.35
C ASN C 53 28.92 20.26 1.42
N ALA C 54 28.25 20.06 2.55
CA ALA C 54 27.34 18.95 2.82
C ALA C 54 28.01 17.58 2.89
N THR C 55 29.21 17.44 2.35
CA THR C 55 29.90 16.16 2.43
C THR C 55 30.84 16.09 3.64
N SER C 56 31.79 15.17 3.59
CA SER C 56 32.86 14.97 4.56
C SER C 56 33.85 14.01 3.91
N SER C 57 34.87 13.57 4.66
CA SER C 57 35.90 12.70 4.06
C SER C 57 35.30 11.44 3.45
N TYR C 58 34.18 10.99 4.01
CA TYR C 58 33.50 9.81 3.48
C TYR C 58 33.33 9.91 1.96
N LEU C 59 33.02 11.11 1.48
CA LEU C 59 32.98 11.44 0.06
C LEU C 59 34.06 10.70 -0.72
N TRP C 60 35.20 10.39 -0.11
CA TRP C 60 36.34 9.95 -0.90
C TRP C 60 36.62 8.46 -0.72
N ARG C 61 35.74 7.76 0.01
CA ARG C 61 36.11 6.44 0.51
C ARG C 61 36.53 5.49 -0.60
N HIS C 62 35.80 5.47 -1.73
CA HIS C 62 36.15 4.57 -2.81
C HIS C 62 37.10 5.17 -3.83
N VAL C 63 37.27 6.51 -3.84
CA VAL C 63 38.33 7.12 -4.64
C VAL C 63 39.70 6.74 -4.09
N VAL C 64 39.91 6.89 -2.77
CA VAL C 64 41.27 6.88 -2.22
C VAL C 64 41.99 5.57 -2.48
N PRO C 65 41.38 4.37 -2.27
CA PRO C 65 42.12 3.12 -2.47
C PRO C 65 43.01 3.02 -3.71
N HIS C 66 42.81 3.89 -4.69
CA HIS C 66 43.69 3.83 -5.86
C HIS C 66 44.97 4.63 -5.67
N ILE C 67 44.91 5.73 -4.94
CA ILE C 67 46.06 6.60 -4.88
C ILE C 67 47.08 6.16 -3.81
N GLU C 68 46.59 5.51 -2.75
CA GLU C 68 47.29 5.05 -1.55
C GLU C 68 48.64 4.39 -1.85
N PRO C 69 48.75 3.55 -2.91
CA PRO C 69 50.03 2.85 -3.15
C PRO C 69 51.07 3.62 -3.92
N VAL C 70 51.01 4.95 -3.95
CA VAL C 70 52.09 5.72 -4.56
C VAL C 70 52.39 6.90 -3.65
N ALA C 71 51.38 7.34 -2.89
CA ALA C 71 51.60 8.50 -2.04
C ALA C 71 50.70 8.37 -0.83
N ARG C 72 51.16 8.93 0.29
CA ARG C 72 50.32 9.04 1.45
C ARG C 72 49.06 9.86 1.11
N CYS C 73 47.91 9.39 1.57
CA CYS C 73 46.69 10.18 1.41
C CYS C 73 46.17 10.56 2.78
N ILE C 74 45.66 11.79 2.86
CA ILE C 74 45.17 12.35 4.11
C ILE C 74 43.94 13.15 3.75
N ILE C 75 42.85 12.89 4.46
CA ILE C 75 41.54 13.32 4.01
C ILE C 75 40.76 13.87 5.19
N PRO C 76 40.79 15.17 5.40
CA PRO C 76 40.12 15.75 6.55
C PRO C 76 38.61 15.77 6.41
N ASP C 77 37.96 15.87 7.54
CA ASP C 77 36.67 16.52 7.69
C ASP C 77 36.91 17.96 8.08
N LEU C 78 36.38 18.88 7.29
CA LEU C 78 36.47 20.29 7.64
C LEU C 78 35.75 20.57 8.95
N ILE C 79 36.04 21.75 9.51
CA ILE C 79 35.66 22.04 10.88
C ILE C 79 34.15 22.18 10.97
N GLY C 80 33.59 21.67 12.06
CA GLY C 80 32.16 21.70 12.23
C GLY C 80 31.39 20.79 11.31
N MET C 81 32.11 20.04 10.47
CA MET C 81 31.54 19.02 9.60
C MET C 81 32.23 17.69 9.85
N GLY C 82 31.56 16.61 9.48
CA GLY C 82 32.17 15.31 9.56
C GLY C 82 32.08 14.82 10.97
N LYS C 83 33.13 14.16 11.45
CA LYS C 83 33.27 13.88 12.88
C LYS C 83 34.32 14.77 13.52
N SER C 84 34.81 15.77 12.79
CA SER C 84 35.74 16.76 13.29
C SER C 84 35.11 17.53 14.45
N GLY C 85 35.92 18.39 15.08
CA GLY C 85 35.42 19.16 16.22
C GLY C 85 34.66 20.39 15.80
N LYS C 86 33.97 21.02 16.75
CA LYS C 86 33.25 22.24 16.42
C LYS C 86 34.19 23.44 16.39
N SER C 87 33.73 24.54 15.80
CA SER C 87 34.56 25.72 15.65
C SER C 87 34.38 26.64 16.85
N GLY C 88 35.47 27.29 17.25
CA GLY C 88 35.53 28.08 18.47
C GLY C 88 34.52 29.19 18.52
N ASN C 89 34.58 30.13 17.56
CA ASN C 89 33.59 31.20 17.53
C ASN C 89 32.21 30.70 17.17
N GLY C 90 32.05 29.42 16.81
CA GLY C 90 30.78 28.96 16.27
C GLY C 90 30.48 29.43 14.85
N SER C 91 31.42 30.11 14.22
CA SER C 91 31.27 30.58 12.85
C SER C 91 32.00 29.64 11.91
N TYR C 92 31.59 29.66 10.62
CA TYR C 92 32.07 28.78 9.58
C TYR C 92 32.01 29.49 8.22
N ARG C 93 32.91 30.44 7.98
CA ARG C 93 33.07 31.02 6.66
C ARG C 93 34.35 30.48 6.05
N LEU C 94 34.66 30.92 4.83
CA LEU C 94 35.82 30.37 4.14
C LEU C 94 37.05 30.41 5.03
N LEU C 95 37.35 31.59 5.58
CA LEU C 95 38.58 31.78 6.33
C LEU C 95 38.56 31.02 7.65
N ASP C 96 37.40 30.93 8.30
CA ASP C 96 37.27 30.05 9.45
C ASP C 96 37.71 28.64 9.11
N HIS C 97 37.19 28.13 8.00
CA HIS C 97 37.59 26.82 7.54
C HIS C 97 39.08 26.76 7.25
N TYR C 98 39.66 27.87 6.79
CA TYR C 98 41.05 27.94 6.36
C TYR C 98 42.02 28.00 7.53
N LYS C 99 41.70 28.81 8.54
CA LYS C 99 42.54 28.86 9.73
C LYS C 99 42.68 27.48 10.34
N TYR C 100 41.53 26.84 10.62
CA TYR C 100 41.57 25.49 11.19
C TYR C 100 42.26 24.50 10.26
N LEU C 101 42.22 24.76 8.94
CA LEU C 101 42.77 23.77 8.02
C LEU C 101 44.28 23.93 7.85
N THR C 102 44.75 25.17 7.82
CA THR C 102 46.18 25.39 7.74
C THR C 102 46.88 24.96 9.04
N ALA C 103 46.23 25.16 10.19
CA ALA C 103 46.78 24.66 11.44
C ALA C 103 47.04 23.17 11.34
N TRP C 104 46.05 22.43 10.84
CA TRP C 104 46.17 20.99 10.72
C TRP C 104 47.20 20.58 9.68
N PHE C 105 47.59 21.49 8.79
CA PHE C 105 48.62 21.13 7.83
C PHE C 105 50.01 21.09 8.50
N GLU C 106 50.19 21.72 9.66
CA GLU C 106 51.52 21.73 10.26
C GLU C 106 51.75 20.53 11.16
N LEU C 107 50.70 20.07 11.80
CA LEU C 107 50.73 18.98 12.75
C LEU C 107 50.81 17.61 12.09
N LEU C 108 51.25 17.54 10.82
CA LEU C 108 51.12 16.36 9.97
C LEU C 108 52.42 15.91 9.31
N ASN C 109 53.49 16.70 9.41
CA ASN C 109 54.78 16.34 8.84
C ASN C 109 54.67 16.09 7.34
N LEU C 110 54.27 17.13 6.64
CA LEU C 110 54.08 17.02 5.22
C LEU C 110 55.42 17.20 4.53
N PRO C 111 55.55 16.70 3.32
CA PRO C 111 56.69 17.10 2.50
C PRO C 111 56.58 18.59 2.17
N LYS C 112 57.56 19.12 1.46
CA LYS C 112 57.49 20.52 1.09
C LYS C 112 56.37 20.74 0.09
N LYS C 113 56.35 19.95 -0.99
CA LYS C 113 55.44 20.16 -2.11
C LYS C 113 54.28 19.17 -2.05
N ILE C 114 53.08 19.68 -1.64
CA ILE C 114 51.86 18.90 -1.43
C ILE C 114 51.10 18.72 -2.73
N ILE C 115 50.38 17.60 -2.85
CA ILE C 115 49.48 17.33 -3.95
C ILE C 115 48.07 17.49 -3.43
N PHE C 116 47.25 18.29 -4.13
CA PHE C 116 45.92 18.60 -3.63
C PHE C 116 44.86 18.05 -4.58
N VAL C 117 43.79 17.57 -3.98
CA VAL C 117 42.64 17.07 -4.70
C VAL C 117 41.46 17.76 -4.05
N GLY C 118 40.85 18.71 -4.77
CA GLY C 118 39.75 19.48 -4.22
C GLY C 118 38.44 19.26 -4.96
N HIS C 119 37.33 19.51 -4.27
CA HIS C 119 35.99 19.36 -4.82
C HIS C 119 35.11 20.42 -4.18
N ASP C 120 34.42 21.19 -5.02
CA ASP C 120 33.45 22.18 -4.52
C ASP C 120 34.24 23.21 -3.73
N TRP C 121 33.91 23.46 -2.47
CA TRP C 121 34.59 24.49 -1.69
C TRP C 121 35.98 24.04 -1.26
N GLY C 122 36.14 22.76 -0.94
CA GLY C 122 37.42 22.17 -0.66
C GLY C 122 38.42 22.39 -1.78
N ALA C 123 37.97 22.61 -3.02
CA ALA C 123 38.96 23.07 -4.00
C ALA C 123 39.23 24.56 -3.86
N ALA C 124 38.28 25.34 -3.36
CA ALA C 124 38.60 26.72 -3.06
C ALA C 124 39.58 26.80 -1.88
N LEU C 125 39.47 25.90 -0.91
CA LEU C 125 40.46 25.84 0.16
C LEU C 125 41.83 25.47 -0.37
N ALA C 126 41.90 24.54 -1.33
CA ALA C 126 43.19 24.22 -1.93
C ALA C 126 43.66 25.33 -2.85
N PHE C 127 42.77 26.18 -3.31
CA PHE C 127 43.23 27.24 -4.19
C PHE C 127 43.79 28.39 -3.37
N HIS C 128 43.14 28.70 -2.25
CA HIS C 128 43.62 29.78 -1.39
C HIS C 128 44.99 29.47 -0.85
N TYR C 129 45.10 28.38 -0.08
CA TYR C 129 46.40 27.93 0.40
C TYR C 129 47.42 27.93 -0.74
N ALA C 130 46.98 27.61 -1.96
CA ALA C 130 47.92 27.59 -3.09
C ALA C 130 48.50 28.96 -3.34
N TYR C 131 47.69 30.00 -3.17
CA TYR C 131 48.13 31.35 -3.51
C TYR C 131 49.14 31.86 -2.50
N GLU C 132 48.92 31.58 -1.22
CA GLU C 132 49.81 31.97 -0.15
C GLU C 132 50.87 30.92 0.15
N HIS C 133 51.18 29.99 -0.76
CA HIS C 133 52.11 28.92 -0.39
C HIS C 133 52.78 28.32 -1.60
N GLN C 134 53.10 29.19 -2.55
CA GLN C 134 53.44 28.79 -3.91
C GLN C 134 54.54 27.76 -4.00
N ASP C 135 55.27 27.54 -2.92
CA ASP C 135 56.46 26.71 -2.92
C ASP C 135 56.21 25.38 -2.26
N ARG C 136 55.00 25.16 -1.75
CA ARG C 136 54.62 23.92 -1.09
C ARG C 136 53.67 23.07 -1.94
N ILE C 137 53.65 23.26 -3.26
CA ILE C 137 52.61 22.69 -4.08
C ILE C 137 53.22 21.95 -5.25
N LYS C 138 52.87 20.67 -5.37
CA LYS C 138 53.32 19.83 -6.46
C LYS C 138 52.27 19.67 -7.55
N ALA C 139 50.99 19.73 -7.21
CA ALA C 139 49.97 19.49 -8.22
C ALA C 139 48.61 19.73 -7.59
N ILE C 140 47.64 20.13 -8.41
CA ILE C 140 46.27 20.29 -7.91
C ILE C 140 45.33 19.54 -8.83
N VAL C 141 44.64 18.56 -8.28
CA VAL C 141 43.49 17.95 -8.93
C VAL C 141 42.24 18.65 -8.41
N HIS C 142 41.37 19.10 -9.32
CA HIS C 142 40.11 19.73 -8.92
C HIS C 142 38.93 19.30 -9.80
N MET C 143 37.74 19.68 -9.35
CA MET C 143 36.51 19.15 -9.89
C MET C 143 35.33 19.83 -9.22
N GLU C 144 34.28 20.14 -9.99
CA GLU C 144 33.10 20.84 -9.49
C GLU C 144 33.51 22.03 -8.64
N SER C 145 34.55 22.72 -9.07
CA SER C 145 35.36 23.52 -8.17
C SER C 145 34.99 24.99 -8.23
N VAL C 146 35.24 25.72 -7.14
CA VAL C 146 35.12 27.16 -7.24
C VAL C 146 36.33 27.64 -8.04
N VAL C 147 36.30 27.37 -9.35
CA VAL C 147 37.09 28.20 -10.23
C VAL C 147 36.45 29.58 -10.24
N ASP C 148 37.22 30.59 -10.65
CA ASP C 148 36.89 32.01 -10.77
C ASP C 148 35.66 32.62 -10.10
N VAL C 149 35.56 33.93 -10.23
CA VAL C 149 34.38 34.64 -9.74
C VAL C 149 33.23 34.31 -10.70
N ILE C 150 31.99 34.62 -10.29
CA ILE C 150 30.79 34.36 -11.08
C ILE C 150 30.21 35.70 -11.52
N GLU C 151 30.31 35.98 -12.81
CA GLU C 151 29.90 37.23 -13.42
C GLU C 151 28.42 37.19 -13.83
N SER C 152 27.98 36.17 -14.56
CA SER C 152 26.56 35.96 -14.80
C SER C 152 26.19 34.50 -14.57
N TRP C 153 24.91 34.29 -14.28
CA TRP C 153 24.30 32.99 -14.04
C TRP C 153 24.10 32.14 -15.32
N ASP C 154 24.77 32.45 -16.44
CA ASP C 154 24.46 31.85 -17.74
C ASP C 154 24.64 30.34 -17.78
N GLU C 155 25.76 29.86 -18.28
CA GLU C 155 25.91 28.41 -18.42
C GLU C 155 25.76 27.63 -17.09
N TRP C 156 25.42 28.35 -15.96
CA TRP C 156 25.20 27.87 -14.60
C TRP C 156 23.84 27.20 -14.41
N PRO C 157 23.79 26.16 -13.54
CA PRO C 157 22.50 25.58 -13.14
C PRO C 157 21.49 26.58 -12.62
N ASP C 158 20.21 26.20 -12.66
CA ASP C 158 19.09 27.11 -12.38
C ASP C 158 19.00 27.21 -10.87
N ILE C 159 19.93 27.99 -10.29
CA ILE C 159 20.06 28.10 -8.83
C ILE C 159 20.36 29.51 -8.37
N GLU C 160 20.22 30.51 -9.25
CA GLU C 160 20.04 31.85 -8.74
C GLU C 160 18.79 31.81 -7.87
N GLU C 161 18.37 32.94 -7.29
CA GLU C 161 17.10 32.90 -6.56
C GLU C 161 17.25 32.04 -5.32
N ASP C 162 17.34 30.72 -5.51
CA ASP C 162 17.76 29.84 -4.42
C ASP C 162 18.95 30.42 -3.65
N ILE C 163 19.96 30.93 -4.35
CA ILE C 163 21.12 31.51 -3.66
C ILE C 163 20.70 32.73 -2.87
N ALA C 164 20.08 33.71 -3.54
CA ALA C 164 19.65 34.91 -2.82
C ALA C 164 18.62 34.58 -1.75
N LEU C 165 17.76 33.59 -2.01
CA LEU C 165 16.80 33.14 -1.01
C LEU C 165 17.51 32.65 0.25
N ILE C 166 18.73 32.14 0.09
CA ILE C 166 19.52 31.60 1.19
C ILE C 166 20.33 32.68 1.88
N LYS C 167 20.88 33.65 1.15
CA LYS C 167 21.46 34.82 1.79
C LYS C 167 20.37 35.69 2.39
N SER C 168 19.44 35.08 3.11
CA SER C 168 18.22 35.72 3.58
C SER C 168 17.68 34.89 4.73
N GLU C 169 17.16 35.56 5.76
CA GLU C 169 16.73 34.90 6.99
C GLU C 169 15.80 33.71 6.78
N GLU C 170 15.56 33.32 5.53
CA GLU C 170 14.91 32.05 5.27
C GLU C 170 15.91 30.95 4.94
N GLY C 171 17.18 31.29 4.72
CA GLY C 171 18.21 30.27 4.73
C GLY C 171 18.32 29.59 6.09
N GLU C 172 18.13 30.35 7.18
CA GLU C 172 18.00 29.76 8.49
C GLU C 172 16.98 28.62 8.47
N LYS C 173 15.74 28.96 8.09
CA LYS C 173 14.66 27.98 8.06
C LYS C 173 14.91 26.92 7.00
N MET C 174 15.50 27.29 5.87
CA MET C 174 15.86 26.31 4.85
C MET C 174 16.88 25.31 5.37
N VAL C 175 17.99 25.81 5.90
CA VAL C 175 19.08 24.93 6.29
C VAL C 175 18.89 24.40 7.70
N LEU C 176 18.90 25.28 8.71
CA LEU C 176 18.93 24.80 10.09
C LEU C 176 17.80 23.81 10.35
N GLU C 177 16.58 24.16 9.97
CA GLU C 177 15.45 23.29 10.32
C GLU C 177 15.18 22.17 9.32
N ASN C 178 15.33 22.43 8.02
CA ASN C 178 14.96 21.42 7.03
C ASN C 178 16.15 20.76 6.37
N ASN C 179 17.37 21.02 6.83
CA ASN C 179 18.55 20.28 6.39
C ASN C 179 18.59 20.22 4.87
N PHE C 180 18.37 21.39 4.27
CA PHE C 180 18.12 21.48 2.84
C PHE C 180 19.21 20.80 2.02
N PHE C 181 20.49 21.06 2.33
CA PHE C 181 21.57 20.60 1.47
C PHE C 181 21.96 19.15 1.72
N VAL C 182 21.70 18.62 2.90
CA VAL C 182 21.96 17.19 3.10
C VAL C 182 20.80 16.34 2.63
N GLU C 183 19.57 16.67 3.06
CA GLU C 183 18.49 15.70 2.83
C GLU C 183 17.85 15.83 1.44
N THR C 184 17.89 17.01 0.80
CA THR C 184 17.42 17.15 -0.58
C THR C 184 18.59 17.32 -1.56
N VAL C 185 19.32 18.44 -1.51
CA VAL C 185 20.26 18.81 -2.57
C VAL C 185 21.32 17.76 -2.88
N LEU C 186 21.56 16.82 -1.99
CA LEU C 186 22.76 16.00 -2.06
C LEU C 186 22.46 14.67 -2.74
N PRO C 187 21.39 13.95 -2.36
CA PRO C 187 20.95 12.86 -3.24
C PRO C 187 20.39 13.38 -4.56
N SER C 188 19.88 14.62 -4.56
CA SER C 188 19.50 15.29 -5.80
C SER C 188 20.62 15.32 -6.81
N LYS C 189 21.88 15.43 -6.37
CA LYS C 189 22.97 15.69 -7.29
C LYS C 189 23.86 14.47 -7.47
N ILE C 190 23.28 13.29 -7.28
CA ILE C 190 23.97 12.01 -7.43
C ILE C 190 23.09 11.15 -8.32
N MET C 191 23.68 10.47 -9.29
CA MET C 191 22.86 9.71 -10.23
C MET C 191 22.26 8.49 -9.54
N ARG C 192 23.09 7.55 -9.09
CA ARG C 192 22.58 6.38 -8.41
C ARG C 192 21.80 6.80 -7.16
N LYS C 193 21.04 5.86 -6.62
CA LYS C 193 20.38 6.06 -5.33
C LYS C 193 21.30 5.53 -4.24
N LEU C 194 21.53 6.35 -3.22
CA LEU C 194 22.48 5.90 -2.22
C LEU C 194 21.80 4.83 -1.39
N GLU C 195 22.62 3.93 -0.85
CA GLU C 195 22.04 2.94 0.02
C GLU C 195 21.63 3.67 1.27
N PRO C 196 20.71 3.12 2.06
CA PRO C 196 20.25 3.90 3.21
C PRO C 196 21.38 4.23 4.17
N GLU C 197 22.30 3.27 4.39
CA GLU C 197 23.40 3.49 5.32
C GLU C 197 24.43 4.46 4.76
N GLU C 198 24.63 4.48 3.44
CA GLU C 198 25.51 5.51 2.87
C GLU C 198 24.96 6.90 3.15
N PHE C 199 23.74 7.16 2.71
CA PHE C 199 23.09 8.41 3.12
C PHE C 199 23.19 8.62 4.64
N ALA C 200 23.19 7.53 5.41
CA ALA C 200 23.25 7.65 6.87
C ALA C 200 24.58 8.25 7.34
N ALA C 201 25.69 7.87 6.70
CA ALA C 201 26.95 8.61 6.81
C ALA C 201 26.74 10.10 6.62
N TYR C 202 26.29 10.51 5.44
CA TYR C 202 26.21 11.94 5.15
C TYR C 202 25.31 12.65 6.15
N LEU C 203 24.21 12.01 6.52
CA LEU C 203 23.26 12.62 7.41
C LEU C 203 23.71 12.63 8.87
N GLU C 204 24.62 11.73 9.27
CA GLU C 204 25.00 11.56 10.69
C GLU C 204 25.41 12.84 11.40
N PRO C 205 26.33 13.67 10.86
CA PRO C 205 26.55 15.01 11.44
C PRO C 205 25.29 15.79 11.70
N PHE C 206 24.63 16.23 10.63
CA PHE C 206 23.54 17.19 10.69
C PHE C 206 22.17 16.53 10.88
N LYS C 207 22.11 15.39 11.58
CA LYS C 207 20.84 14.72 11.82
C LYS C 207 19.89 15.54 12.70
N GLU C 208 20.41 16.35 13.62
CA GLU C 208 19.59 17.11 14.55
C GLU C 208 19.38 18.54 14.07
N LYS C 209 18.19 19.09 14.38
CA LYS C 209 17.81 20.42 13.90
C LYS C 209 18.50 21.49 14.73
N GLY C 210 19.13 22.46 14.05
CA GLY C 210 19.57 23.66 14.74
C GLY C 210 20.94 24.16 14.37
N GLU C 211 21.77 24.49 15.36
CA GLU C 211 23.00 25.13 14.97
C GLU C 211 24.08 24.14 14.57
N VAL C 212 23.85 22.83 14.68
CA VAL C 212 24.79 21.88 14.10
C VAL C 212 24.68 21.80 12.59
N ARG C 213 23.82 22.62 11.98
CA ARG C 213 23.71 22.60 10.53
C ARG C 213 24.31 23.84 9.90
N ARG C 214 24.99 24.70 10.69
CA ARG C 214 25.34 25.99 10.13
C ARG C 214 26.37 25.94 9.00
N PRO C 215 27.35 25.03 9.00
CA PRO C 215 28.31 25.05 7.89
C PRO C 215 27.65 24.81 6.53
N THR C 216 26.64 23.94 6.47
CA THR C 216 25.95 23.71 5.21
C THR C 216 25.18 24.94 4.73
N LEU C 217 24.91 25.90 5.63
CA LEU C 217 24.25 27.16 5.30
C LEU C 217 25.23 28.27 4.96
N SER C 218 26.26 28.48 5.77
CA SER C 218 27.15 29.60 5.48
C SER C 218 28.18 29.28 4.40
N TRP C 219 28.28 28.01 3.96
CA TRP C 219 29.18 27.70 2.85
C TRP C 219 28.66 28.30 1.55
N PRO C 220 27.43 27.99 1.08
CA PRO C 220 26.94 28.67 -0.11
C PRO C 220 26.82 30.15 0.10
N ARG C 221 26.59 30.60 1.35
CA ARG C 221 26.62 32.03 1.63
C ARG C 221 28.01 32.65 1.40
N GLU C 222 29.03 31.83 1.15
CA GLU C 222 30.34 32.30 0.71
C GLU C 222 30.48 32.38 -0.82
N ILE C 223 29.40 32.30 -1.58
CA ILE C 223 29.53 32.10 -3.04
C ILE C 223 29.96 33.41 -3.68
N PRO C 224 30.98 33.40 -4.52
CA PRO C 224 31.52 34.67 -5.08
C PRO C 224 30.77 35.28 -6.27
N LEU C 225 29.65 35.94 -5.98
CA LEU C 225 29.01 36.79 -6.98
C LEU C 225 29.59 38.19 -6.89
N VAL C 226 30.26 38.61 -7.97
CA VAL C 226 30.87 39.93 -8.08
C VAL C 226 29.80 41.00 -7.87
N LYS C 227 28.53 40.63 -8.04
CA LYS C 227 27.41 41.44 -7.57
C LYS C 227 26.75 40.70 -6.43
N GLY C 228 26.82 41.24 -5.22
CA GLY C 228 26.06 40.80 -4.11
C GLY C 228 26.74 39.76 -3.24
N GLY C 229 27.86 39.20 -3.70
CA GLY C 229 28.59 38.25 -2.91
C GLY C 229 29.49 38.96 -1.92
N LYS C 230 29.86 38.24 -0.86
CA LYS C 230 30.73 38.79 0.16
C LYS C 230 32.05 39.24 -0.44
N PRO C 231 32.44 40.52 -0.27
CA PRO C 231 33.64 41.05 -0.95
C PRO C 231 34.96 40.36 -0.60
N ASP C 232 35.14 39.92 0.65
CA ASP C 232 36.44 39.33 0.95
C ASP C 232 36.63 38.00 0.22
N VAL C 233 35.54 37.23 0.07
CA VAL C 233 35.62 35.99 -0.70
C VAL C 233 35.89 36.28 -2.16
N VAL C 234 35.22 37.29 -2.74
CA VAL C 234 35.46 37.57 -4.17
C VAL C 234 36.90 38.02 -4.37
N GLN C 235 37.50 38.65 -3.36
CA GLN C 235 38.88 39.10 -3.50
C GLN C 235 39.86 37.94 -3.38
N ILE C 236 39.55 36.95 -2.53
CA ILE C 236 40.35 35.73 -2.43
C ILE C 236 40.46 35.03 -3.80
N VAL C 237 39.31 34.53 -4.31
CA VAL C 237 39.28 33.77 -5.57
C VAL C 237 39.86 34.58 -6.71
N ARG C 238 39.58 35.88 -6.75
CA ARG C 238 40.20 36.71 -7.78
C ARG C 238 41.71 36.61 -7.70
N ASN C 239 42.24 36.70 -6.47
CA ASN C 239 43.67 36.64 -6.28
C ASN C 239 44.24 35.28 -6.68
N TYR C 240 43.63 34.17 -6.21
CA TYR C 240 44.17 32.89 -6.64
C TYR C 240 43.81 32.55 -8.10
N ASN C 241 42.71 33.09 -8.63
CA ASN C 241 42.46 32.88 -10.06
C ASN C 241 43.60 33.48 -10.88
N ALA C 242 43.98 34.71 -10.57
CA ALA C 242 45.10 35.32 -11.29
C ALA C 242 46.36 34.48 -11.13
N TYR C 243 46.73 34.13 -9.87
CA TYR C 243 47.91 33.29 -9.68
C TYR C 243 47.74 31.96 -10.39
N LEU C 244 46.53 31.41 -10.38
CA LEU C 244 46.31 30.12 -11.02
C LEU C 244 46.40 30.23 -12.54
N ARG C 245 45.97 31.35 -13.13
CA ARG C 245 46.11 31.53 -14.57
C ARG C 245 47.56 31.61 -15.02
N ALA C 246 48.47 32.03 -14.12
CA ALA C 246 49.86 32.12 -14.53
C ALA C 246 50.63 30.85 -14.21
N SER C 247 50.06 29.96 -13.41
CA SER C 247 50.76 28.88 -12.72
C SER C 247 51.39 27.84 -13.63
N ASP C 248 51.97 28.26 -14.74
CA ASP C 248 52.67 27.36 -15.66
C ASP C 248 53.51 26.34 -14.90
N ASP C 249 54.35 26.81 -13.94
CA ASP C 249 55.04 26.01 -12.92
C ASP C 249 54.23 24.76 -12.55
N LEU C 250 52.93 24.98 -12.27
CA LEU C 250 52.09 24.08 -11.48
C LEU C 250 51.31 23.11 -12.35
N PRO C 251 51.58 21.80 -12.26
CA PRO C 251 50.77 20.84 -13.00
C PRO C 251 49.42 20.64 -12.35
N LYS C 252 48.38 20.53 -13.19
CA LYS C 252 47.01 20.35 -12.71
C LYS C 252 46.28 19.28 -13.51
N LEU C 253 45.16 18.83 -12.95
CA LEU C 253 44.23 17.90 -13.58
C LEU C 253 42.80 18.32 -13.28
N PHE C 254 41.98 18.46 -14.33
CA PHE C 254 40.58 18.79 -14.15
C PHE C 254 39.72 17.61 -14.55
N ILE C 255 38.98 17.09 -13.58
CA ILE C 255 38.00 16.07 -13.83
C ILE C 255 36.68 16.79 -14.03
N GLU C 256 36.25 16.85 -15.30
CA GLU C 256 34.92 17.35 -15.64
C GLU C 256 33.88 16.30 -15.29
N SER C 257 32.80 16.73 -14.65
CA SER C 257 31.65 15.87 -14.46
C SER C 257 30.71 16.05 -15.68
N ASP C 258 29.96 15.02 -16.03
CA ASP C 258 29.26 15.01 -17.32
C ASP C 258 27.94 14.27 -17.25
N PRO C 259 26.81 14.99 -17.19
CA PRO C 259 26.47 16.43 -17.22
C PRO C 259 27.26 17.29 -16.26
N GLY C 260 27.37 16.78 -15.04
CA GLY C 260 27.89 17.57 -13.94
C GLY C 260 26.89 18.60 -13.48
N PHE C 261 27.25 19.30 -12.41
CA PHE C 261 26.37 20.37 -11.98
C PHE C 261 26.98 21.66 -12.49
N PHE C 262 28.05 22.08 -11.82
CA PHE C 262 28.83 23.25 -12.18
C PHE C 262 29.82 22.98 -13.28
N SER C 263 30.09 21.72 -13.62
CA SER C 263 31.14 21.48 -14.59
C SER C 263 30.94 22.34 -15.83
N ASN C 264 29.73 22.33 -16.38
CA ASN C 264 29.46 23.04 -17.62
C ASN C 264 29.86 24.51 -17.54
N ALA C 265 29.46 25.20 -16.47
CA ALA C 265 29.77 26.62 -16.36
C ALA C 265 31.25 26.91 -16.10
N ILE C 266 32.07 25.93 -15.71
CA ILE C 266 33.44 26.20 -15.29
C ILE C 266 34.51 25.57 -16.18
N VAL C 267 34.14 24.69 -17.11
CA VAL C 267 35.14 24.05 -17.98
C VAL C 267 36.00 25.10 -18.67
N GLU C 268 35.41 26.24 -19.03
N GLU C 268 35.37 26.22 -19.05
CA GLU C 268 36.18 27.23 -19.74
CA GLU C 268 36.07 27.31 -19.73
C GLU C 268 37.13 27.99 -18.81
C GLU C 268 37.11 27.95 -18.80
N GLY C 269 36.70 28.26 -17.57
CA GLY C 269 37.63 28.83 -16.61
C GLY C 269 38.80 27.91 -16.36
N ALA C 270 38.52 26.64 -16.06
CA ALA C 270 39.59 25.66 -15.91
C ALA C 270 40.54 25.69 -17.11
N LYS C 271 40.01 25.93 -18.30
CA LYS C 271 40.86 25.92 -19.48
C LYS C 271 41.86 27.08 -19.46
N LYS C 272 41.51 28.20 -18.85
CA LYS C 272 42.40 29.33 -18.60
C LYS C 272 43.61 28.99 -17.54
N PHE C 273 43.81 27.74 -17.11
CA PHE C 273 44.94 27.35 -16.29
C PHE C 273 45.88 26.50 -17.12
N PRO C 274 47.15 26.89 -17.32
CA PRO C 274 48.06 26.07 -18.16
C PRO C 274 48.37 24.72 -17.53
N ASN C 275 49.18 23.88 -18.20
CA ASN C 275 49.65 22.63 -17.57
C ASN C 275 48.50 21.85 -16.93
N THR C 276 47.30 21.94 -17.51
CA THR C 276 46.16 21.16 -17.07
C THR C 276 45.89 20.07 -18.09
N GLU C 277 45.82 18.85 -17.61
CA GLU C 277 45.33 17.73 -18.38
C GLU C 277 43.89 17.53 -17.95
N PHE C 278 42.99 17.39 -18.92
CA PHE C 278 41.56 17.32 -18.64
C PHE C 278 41.09 15.89 -18.82
N VAL C 279 40.13 15.48 -18.00
CA VAL C 279 39.51 14.16 -18.10
C VAL C 279 38.01 14.30 -17.84
N LYS C 280 37.30 13.18 -17.95
CA LYS C 280 35.84 13.26 -17.96
C LYS C 280 35.27 11.95 -17.45
N VAL C 281 34.33 12.05 -16.50
CA VAL C 281 33.63 10.91 -15.91
C VAL C 281 32.16 11.25 -15.81
N LYS C 282 31.32 10.22 -15.80
CA LYS C 282 29.90 10.46 -15.88
C LYS C 282 29.39 10.68 -14.49
N GLY C 283 28.79 11.84 -14.26
CA GLY C 283 28.21 12.11 -12.96
C GLY C 283 27.39 13.37 -12.95
N LEU C 284 26.95 13.73 -11.76
CA LEU C 284 26.35 15.03 -11.50
C LEU C 284 27.38 15.86 -10.73
N HIS C 285 27.04 16.46 -9.59
CA HIS C 285 27.97 17.25 -8.81
C HIS C 285 28.83 16.40 -7.88
N PHE C 286 28.24 15.38 -7.26
CA PHE C 286 28.99 14.52 -6.37
C PHE C 286 29.65 13.38 -7.15
N LEU C 287 30.48 13.76 -8.09
CA LEU C 287 31.00 12.82 -9.06
C LEU C 287 31.52 11.55 -8.39
N GLN C 288 32.27 11.72 -7.31
CA GLN C 288 32.81 10.65 -6.48
C GLN C 288 31.82 9.52 -6.22
N GLU C 289 30.53 9.86 -6.06
CA GLU C 289 29.53 8.86 -5.72
C GLU C 289 28.98 8.09 -6.93
N ASP C 290 29.36 8.44 -8.17
CA ASP C 290 28.98 7.69 -9.37
C ASP C 290 30.18 7.24 -10.20
N ALA C 291 31.43 7.57 -9.82
CA ALA C 291 32.53 7.00 -10.60
C ALA C 291 33.90 7.07 -9.92
N PRO C 292 34.03 6.62 -8.67
CA PRO C 292 35.33 6.77 -7.96
C PRO C 292 36.42 5.87 -8.52
N ASP C 293 36.07 4.69 -9.04
CA ASP C 293 37.08 3.86 -9.68
C ASP C 293 37.60 4.52 -10.94
N GLU C 294 36.79 5.35 -11.58
CA GLU C 294 37.35 6.01 -12.75
C GLU C 294 38.22 7.19 -12.34
N MET C 295 37.67 8.09 -11.52
CA MET C 295 38.47 9.14 -10.92
C MET C 295 39.71 8.55 -10.25
N GLY C 296 39.49 7.55 -9.38
CA GLY C 296 40.56 6.73 -8.83
C GLY C 296 41.78 6.56 -9.70
N LYS C 297 41.62 5.93 -10.87
CA LYS C 297 42.80 5.62 -11.69
C LYS C 297 43.30 6.84 -12.42
N TYR C 298 42.42 7.80 -12.72
CA TYR C 298 42.89 9.03 -13.35
C TYR C 298 43.86 9.77 -12.44
N ILE C 299 43.43 10.04 -11.20
CA ILE C 299 44.31 10.66 -10.22
C ILE C 299 45.59 9.84 -10.04
N LYS C 300 45.47 8.51 -9.98
CA LYS C 300 46.66 7.68 -9.89
C LYS C 300 47.68 7.98 -10.98
N SER C 301 47.36 7.71 -12.25
CA SER C 301 48.37 7.87 -13.28
C SER C 301 48.89 9.30 -13.33
N PHE C 302 48.11 10.24 -12.82
CA PHE C 302 48.55 11.62 -12.75
C PHE C 302 49.61 11.81 -11.65
N VAL C 303 49.38 11.31 -10.45
CA VAL C 303 50.40 11.45 -9.41
C VAL C 303 51.67 10.66 -9.78
N GLU C 304 51.54 9.40 -10.22
CA GLU C 304 52.71 8.67 -10.68
C GLU C 304 53.51 9.49 -11.70
N ARG C 305 52.82 10.14 -12.64
CA ARG C 305 53.52 10.91 -13.67
C ARG C 305 54.11 12.20 -13.11
N VAL C 306 53.41 12.84 -12.18
CA VAL C 306 53.95 14.04 -11.57
C VAL C 306 55.16 13.68 -10.72
N LEU C 307 55.14 12.51 -10.07
CA LEU C 307 56.16 12.15 -9.10
C LEU C 307 57.50 11.79 -9.75
N LYS C 308 57.56 11.57 -11.04
CA LYS C 308 58.87 11.65 -11.68
C LYS C 308 59.35 13.11 -11.91
N ASN C 309 59.02 14.01 -10.98
CA ASN C 309 59.73 15.28 -10.87
C ASN C 309 61.22 15.08 -10.49
N GLU C 310 61.68 13.84 -10.26
CA GLU C 310 63.10 13.60 -10.12
C GLU C 310 63.80 13.48 -11.46
N GLN C 311 63.29 14.15 -12.50
CA GLN C 311 64.01 14.24 -13.77
C GLN C 311 63.52 15.43 -14.60
N SER C 312 62.77 15.16 -15.68
CA SER C 312 62.27 16.15 -16.64
C SER C 312 60.91 16.71 -16.18
N GLY C 313 60.21 17.39 -17.10
CA GLY C 313 58.95 18.04 -16.81
C GLY C 313 57.85 17.03 -16.55
N LEU C 314 56.71 17.09 -17.25
CA LEU C 314 55.67 16.10 -16.99
C LEU C 314 54.47 16.15 -17.96
N GLU C 315 54.57 16.99 -18.95
CA GLU C 315 53.61 17.20 -19.97
C GLU C 315 54.40 17.45 -21.24
N VAL C 316 55.05 16.42 -21.79
CA VAL C 316 55.63 16.58 -23.12
C VAL C 316 54.49 16.79 -24.11
N LEU C 317 54.56 17.89 -24.86
CA LEU C 317 55.61 18.89 -24.82
C LEU C 317 55.03 20.31 -24.92
N THR D 2 -16.70 27.16 -44.81
CA THR D 2 -15.52 27.98 -44.57
C THR D 2 -15.87 29.41 -44.13
N SER D 3 -15.08 30.40 -44.58
CA SER D 3 -15.25 31.75 -44.07
C SER D 3 -15.39 32.79 -45.16
N LYS D 4 -14.26 33.31 -45.63
CA LYS D 4 -14.20 34.08 -46.87
C LYS D 4 -14.76 35.50 -46.73
N VAL D 5 -14.02 36.47 -47.27
CA VAL D 5 -14.40 37.88 -47.31
C VAL D 5 -14.65 38.26 -48.78
N TYR D 6 -15.55 39.24 -49.00
CA TYR D 6 -15.72 39.72 -50.36
C TYR D 6 -14.48 40.47 -50.82
N ASP D 7 -13.99 40.13 -51.99
CA ASP D 7 -13.38 41.16 -52.80
C ASP D 7 -14.38 42.32 -52.91
N PRO D 8 -14.06 43.49 -52.37
CA PRO D 8 -15.04 44.59 -52.42
C PRO D 8 -15.07 45.27 -53.79
N GLU D 9 -13.94 45.25 -54.50
CA GLU D 9 -13.86 45.81 -55.85
C GLU D 9 -14.78 45.08 -56.90
N GLN D 10 -15.61 44.13 -56.45
CA GLN D 10 -16.34 43.25 -57.34
C GLN D 10 -17.71 43.78 -57.70
N ARG D 11 -18.47 44.26 -56.71
CA ARG D 11 -19.87 44.60 -56.94
C ARG D 11 -20.05 45.77 -57.91
N LYS D 12 -19.05 46.65 -58.02
CA LYS D 12 -19.09 47.70 -59.03
C LYS D 12 -19.38 47.16 -60.42
N ARG D 13 -19.08 45.88 -60.66
CA ARG D 13 -19.15 45.26 -61.98
C ARG D 13 -19.85 43.90 -61.93
N MET D 14 -20.77 43.70 -60.99
CA MET D 14 -21.36 42.38 -60.81
C MET D 14 -22.43 42.14 -61.87
N ILE D 15 -22.21 41.09 -62.67
CA ILE D 15 -23.15 40.59 -63.67
C ILE D 15 -23.98 39.49 -63.02
N THR D 16 -25.23 39.78 -62.65
CA THR D 16 -26.04 38.74 -62.00
C THR D 16 -26.42 37.67 -63.01
N GLY D 17 -27.15 36.66 -62.54
CA GLY D 17 -27.58 35.57 -63.39
C GLY D 17 -28.52 36.04 -64.50
N PRO D 18 -29.64 36.65 -64.11
CA PRO D 18 -30.48 37.37 -65.07
C PRO D 18 -29.67 38.11 -66.13
N GLN D 19 -28.82 39.08 -65.74
CA GLN D 19 -28.08 39.83 -66.76
C GLN D 19 -26.94 39.03 -67.37
N TRP D 20 -26.86 37.72 -67.11
CA TRP D 20 -26.07 36.84 -67.98
C TRP D 20 -26.96 36.12 -69.00
N TRP D 21 -28.05 35.53 -68.53
CA TRP D 21 -28.82 34.62 -69.34
C TRP D 21 -29.55 35.35 -70.46
N ALA D 22 -30.12 36.51 -70.11
CA ALA D 22 -30.65 37.49 -71.05
C ALA D 22 -29.74 37.69 -72.26
N ARG D 23 -28.43 37.70 -72.04
CA ARG D 23 -27.52 37.90 -73.16
C ARG D 23 -27.18 36.63 -73.89
N CYS D 24 -27.89 35.53 -73.62
CA CYS D 24 -27.68 34.29 -74.37
C CYS D 24 -28.79 34.02 -75.40
N LYS D 25 -28.42 33.26 -76.43
CA LYS D 25 -29.28 32.74 -77.48
C LYS D 25 -29.30 31.21 -77.41
N GLN D 26 -30.46 30.63 -77.64
CA GLN D 26 -30.57 29.17 -77.69
C GLN D 26 -30.63 28.68 -79.12
N MET D 27 -30.47 27.37 -79.26
CA MET D 27 -30.61 26.65 -80.52
C MET D 27 -30.96 25.19 -80.23
N ASN D 28 -31.81 24.60 -81.07
CA ASN D 28 -32.25 23.22 -80.89
C ASN D 28 -31.12 22.26 -81.23
N VAL D 29 -31.03 21.17 -80.49
CA VAL D 29 -29.93 20.26 -80.71
C VAL D 29 -30.45 18.88 -80.34
N LEU D 30 -30.50 18.00 -81.32
CA LEU D 30 -31.10 16.69 -81.08
C LEU D 30 -32.43 16.90 -80.38
N ASP D 31 -32.82 15.99 -79.49
CA ASP D 31 -34.05 16.14 -78.74
C ASP D 31 -34.07 17.30 -77.75
N SER D 32 -33.09 18.19 -77.74
CA SER D 32 -33.14 19.29 -76.78
C SER D 32 -32.31 20.48 -77.29
N PHE D 33 -31.73 21.25 -76.37
CA PHE D 33 -31.07 22.51 -76.76
C PHE D 33 -29.96 22.97 -75.83
N ILE D 34 -29.13 23.83 -76.41
CA ILE D 34 -27.99 24.49 -75.80
C ILE D 34 -28.28 25.98 -75.70
N ASN D 35 -28.67 26.47 -74.52
CA ASN D 35 -28.46 27.87 -74.20
C ASN D 35 -26.94 28.17 -74.21
N TYR D 36 -26.55 29.35 -74.71
CA TYR D 36 -25.15 29.64 -75.01
C TYR D 36 -24.97 31.14 -75.30
N TYR D 37 -23.74 31.63 -75.09
CA TYR D 37 -23.34 33.01 -75.34
C TYR D 37 -22.55 33.07 -76.64
N ASP D 38 -22.61 34.24 -77.29
CA ASP D 38 -21.98 34.43 -78.60
C ASP D 38 -21.54 35.89 -78.74
N SER D 39 -20.24 36.11 -78.90
CA SER D 39 -19.76 37.46 -79.18
C SER D 39 -20.17 37.89 -80.58
N GLU D 40 -20.39 36.92 -81.48
CA GLU D 40 -20.95 37.12 -82.81
C GLU D 40 -19.97 37.74 -83.79
N LYS D 41 -19.35 38.86 -83.41
CA LYS D 41 -18.68 39.74 -84.36
C LYS D 41 -17.57 39.07 -85.15
N HIS D 42 -16.36 39.02 -84.61
CA HIS D 42 -15.21 38.62 -85.41
C HIS D 42 -15.27 37.10 -85.60
N ALA D 43 -15.84 36.66 -86.71
CA ALA D 43 -16.25 35.27 -86.84
C ALA D 43 -15.34 34.44 -87.73
N GLU D 44 -14.40 35.09 -88.44
CA GLU D 44 -13.24 34.44 -89.06
C GLU D 44 -12.36 33.67 -88.05
N ASN D 45 -12.63 33.79 -86.75
CA ASN D 45 -12.12 32.85 -85.77
C ASN D 45 -13.21 32.60 -84.75
N ALA D 46 -13.26 31.38 -84.23
CA ALA D 46 -14.10 31.06 -83.09
C ALA D 46 -13.23 30.51 -81.97
N VAL D 47 -13.45 31.00 -80.74
CA VAL D 47 -12.80 30.47 -79.53
C VAL D 47 -13.90 29.96 -78.61
N ILE D 48 -13.98 28.64 -78.44
CA ILE D 48 -15.10 28.03 -77.72
C ILE D 48 -14.67 27.80 -76.29
N PHE D 49 -15.54 28.16 -75.35
CA PHE D 49 -15.25 28.13 -73.92
C PHE D 49 -16.04 27.02 -73.27
N LEU D 50 -15.38 26.14 -72.51
CA LEU D 50 -15.99 24.95 -71.94
C LEU D 50 -15.78 24.86 -70.41
N HIS D 51 -16.76 25.37 -69.67
CA HIS D 51 -16.90 25.13 -68.25
C HIS D 51 -17.01 23.62 -67.96
N GLY D 52 -16.84 23.28 -66.67
CA GLY D 52 -16.88 21.91 -66.14
C GLY D 52 -17.94 21.67 -65.08
N ASN D 53 -17.77 20.65 -64.24
CA ASN D 53 -18.83 20.31 -63.29
C ASN D 53 -19.15 21.48 -62.36
N ALA D 54 -20.42 21.51 -61.94
CA ALA D 54 -21.07 22.46 -61.05
C ALA D 54 -21.32 23.81 -61.69
N THR D 55 -20.60 24.12 -62.76
CA THR D 55 -20.67 25.47 -63.30
C THR D 55 -21.48 25.48 -64.63
N SER D 56 -21.15 26.40 -65.53
CA SER D 56 -22.05 26.85 -66.59
C SER D 56 -21.31 27.93 -67.36
N SER D 57 -21.90 28.42 -68.45
CA SER D 57 -21.25 29.43 -69.28
C SER D 57 -21.03 30.72 -68.52
N TYR D 58 -21.84 30.94 -67.49
CA TYR D 58 -21.67 32.05 -66.55
C TYR D 58 -20.27 32.10 -65.94
N LEU D 59 -19.63 30.95 -65.77
CA LEU D 59 -18.31 30.92 -65.14
C LEU D 59 -17.27 31.66 -65.96
N TRP D 60 -17.58 32.02 -67.22
CA TRP D 60 -16.61 32.72 -68.05
C TRP D 60 -16.95 34.18 -68.28
N ARG D 61 -17.93 34.72 -67.52
CA ARG D 61 -18.47 36.04 -67.85
C ARG D 61 -17.37 37.11 -67.82
N HIS D 62 -16.70 37.31 -66.69
CA HIS D 62 -15.71 38.38 -66.65
C HIS D 62 -14.40 38.02 -67.34
N VAL D 63 -14.23 36.77 -67.77
CA VAL D 63 -13.11 36.43 -68.62
C VAL D 63 -13.35 36.85 -70.06
N VAL D 64 -14.54 36.57 -70.60
CA VAL D 64 -14.81 36.58 -72.04
C VAL D 64 -14.70 37.95 -72.73
N PRO D 65 -15.04 39.08 -72.09
CA PRO D 65 -14.91 40.36 -72.81
C PRO D 65 -13.52 40.65 -73.32
N HIS D 66 -12.47 40.35 -72.53
CA HIS D 66 -11.12 40.76 -72.90
C HIS D 66 -10.78 40.28 -74.31
N ILE D 67 -11.23 39.09 -74.68
CA ILE D 67 -10.84 38.47 -75.94
C ILE D 67 -11.94 38.51 -76.99
N GLU D 68 -13.15 38.95 -76.64
CA GLU D 68 -14.17 39.21 -77.65
C GLU D 68 -13.67 40.07 -78.82
N PRO D 69 -12.82 41.08 -78.64
CA PRO D 69 -12.49 41.95 -79.77
C PRO D 69 -11.50 41.37 -80.77
N VAL D 70 -11.04 40.14 -80.62
CA VAL D 70 -10.20 39.56 -81.65
C VAL D 70 -10.81 38.32 -82.28
N ALA D 71 -11.76 37.65 -81.64
CA ALA D 71 -12.43 36.54 -82.30
C ALA D 71 -13.82 36.35 -81.71
N ARG D 72 -14.69 35.74 -82.51
CA ARG D 72 -15.94 35.20 -81.99
C ARG D 72 -15.64 34.22 -80.86
N CYS D 73 -16.34 34.40 -79.74
CA CYS D 73 -16.26 33.47 -78.63
C CYS D 73 -17.66 32.90 -78.44
N ILE D 74 -17.76 31.59 -78.29
CA ILE D 74 -19.02 30.92 -78.03
C ILE D 74 -18.85 30.16 -76.72
N ILE D 75 -19.72 30.43 -75.76
CA ILE D 75 -19.71 29.74 -74.48
C ILE D 75 -21.02 29.01 -74.29
N PRO D 76 -21.04 27.70 -74.49
CA PRO D 76 -22.21 26.90 -74.17
C PRO D 76 -22.39 26.68 -72.68
N ASP D 77 -23.62 26.32 -72.31
CA ASP D 77 -23.81 25.45 -71.15
C ASP D 77 -23.79 24.03 -71.64
N LEU D 78 -23.05 23.17 -70.97
CA LEU D 78 -23.18 21.78 -71.33
C LEU D 78 -24.58 21.29 -70.97
N ILE D 79 -24.99 20.24 -71.70
CA ILE D 79 -26.30 19.63 -71.52
C ILE D 79 -26.59 19.30 -70.06
N GLY D 80 -27.83 19.54 -69.64
CA GLY D 80 -28.24 19.36 -68.26
C GLY D 80 -27.74 20.40 -67.29
N MET D 81 -26.84 21.29 -67.72
CA MET D 81 -26.28 22.33 -66.87
C MET D 81 -26.65 23.70 -67.42
N GLY D 82 -26.81 24.67 -66.52
CA GLY D 82 -27.15 26.01 -66.92
C GLY D 82 -28.56 26.00 -67.51
N LYS D 83 -28.85 27.03 -68.31
CA LYS D 83 -30.16 27.11 -68.95
C LYS D 83 -30.28 26.18 -70.15
N SER D 84 -29.18 25.53 -70.57
CA SER D 84 -29.30 24.44 -71.51
C SER D 84 -30.32 23.42 -71.03
N GLY D 85 -30.90 22.68 -71.98
CA GLY D 85 -31.95 21.74 -71.68
C GLY D 85 -31.47 20.32 -71.46
N LYS D 86 -32.25 19.57 -70.69
CA LYS D 86 -31.82 18.28 -70.16
C LYS D 86 -31.56 17.28 -71.28
N SER D 87 -30.97 16.15 -70.91
CA SER D 87 -30.56 15.15 -71.89
C SER D 87 -31.69 14.19 -72.14
N GLY D 88 -31.69 13.59 -73.32
CA GLY D 88 -32.82 12.79 -73.76
C GLY D 88 -33.06 11.62 -72.85
N ASN D 89 -32.04 10.78 -72.71
CA ASN D 89 -32.15 9.59 -71.87
C ASN D 89 -31.95 9.87 -70.39
N GLY D 90 -31.60 11.09 -70.00
CA GLY D 90 -31.30 11.34 -68.59
C GLY D 90 -29.93 10.86 -68.13
N SER D 91 -29.17 10.20 -69.00
CA SER D 91 -27.80 9.85 -68.74
C SER D 91 -26.91 11.06 -69.04
N TYR D 92 -25.79 11.17 -68.30
CA TYR D 92 -24.96 12.36 -68.37
C TYR D 92 -23.44 12.07 -68.39
N ARG D 93 -23.03 10.85 -68.73
CA ARG D 93 -21.63 10.50 -68.77
C ARG D 93 -20.85 11.33 -69.79
N LEU D 94 -19.56 11.08 -69.91
CA LEU D 94 -18.70 12.02 -70.62
C LEU D 94 -19.13 12.15 -72.09
N LEU D 95 -19.35 11.00 -72.75
CA LEU D 95 -19.71 10.98 -74.17
C LEU D 95 -21.11 11.55 -74.43
N ASP D 96 -22.03 11.42 -73.47
CA ASP D 96 -23.31 12.12 -73.54
C ASP D 96 -23.09 13.59 -73.87
N HIS D 97 -22.46 14.30 -72.94
CA HIS D 97 -21.97 15.66 -73.11
C HIS D 97 -21.30 15.82 -74.45
N TYR D 98 -20.51 14.83 -74.89
CA TYR D 98 -19.85 14.92 -76.18
C TYR D 98 -20.86 14.86 -77.33
N LYS D 99 -21.82 13.95 -77.23
CA LYS D 99 -22.91 13.84 -78.20
C LYS D 99 -23.57 15.19 -78.42
N TYR D 100 -24.20 15.73 -77.37
CA TYR D 100 -24.96 16.96 -77.52
C TYR D 100 -24.12 18.16 -77.92
N LEU D 101 -22.80 18.06 -77.82
CA LEU D 101 -21.97 19.24 -77.94
C LEU D 101 -21.40 19.37 -79.33
N THR D 102 -20.90 18.25 -79.88
CA THR D 102 -20.46 18.20 -81.26
C THR D 102 -21.64 18.42 -82.20
N ALA D 103 -22.73 17.68 -81.96
CA ALA D 103 -23.98 17.93 -82.65
C ALA D 103 -24.26 19.43 -82.71
N TRP D 104 -24.15 20.09 -81.55
CA TRP D 104 -24.38 21.54 -81.52
C TRP D 104 -23.33 22.29 -82.32
N PHE D 105 -22.13 21.72 -82.45
CA PHE D 105 -21.09 22.43 -83.16
C PHE D 105 -21.51 22.67 -84.60
N GLU D 106 -22.04 21.62 -85.22
CA GLU D 106 -22.35 21.65 -86.64
C GLU D 106 -23.34 22.75 -86.95
N LEU D 107 -24.11 23.16 -85.96
CA LEU D 107 -25.13 24.17 -86.07
C LEU D 107 -24.60 25.60 -86.08
N LEU D 108 -23.31 25.81 -85.85
CA LEU D 108 -22.78 27.13 -85.57
C LEU D 108 -22.07 27.78 -86.75
N ASN D 109 -21.83 27.04 -87.82
CA ASN D 109 -21.04 27.55 -88.93
C ASN D 109 -19.73 28.12 -88.37
N LEU D 110 -18.94 27.21 -87.83
CA LEU D 110 -17.65 27.55 -87.26
C LEU D 110 -16.64 27.77 -88.37
N PRO D 111 -15.50 28.38 -88.04
CA PRO D 111 -14.32 28.14 -88.86
C PRO D 111 -13.98 26.68 -88.80
N LYS D 112 -13.17 26.25 -89.74
CA LYS D 112 -12.67 24.89 -89.70
C LYS D 112 -11.32 24.83 -89.00
N LYS D 113 -11.05 25.82 -88.15
CA LYS D 113 -9.84 25.96 -87.33
C LYS D 113 -10.29 26.71 -86.08
N ILE D 114 -10.71 25.95 -85.06
CA ILE D 114 -11.27 26.55 -83.85
C ILE D 114 -10.20 26.61 -82.76
N ILE D 115 -10.43 27.47 -81.76
CA ILE D 115 -9.63 27.53 -80.55
C ILE D 115 -10.53 27.18 -79.37
N PHE D 116 -10.16 26.15 -78.64
CA PHE D 116 -10.93 25.73 -77.49
C PHE D 116 -10.23 26.19 -76.21
N VAL D 117 -11.03 26.62 -75.25
CA VAL D 117 -10.60 27.06 -73.94
C VAL D 117 -11.42 26.23 -72.95
N GLY D 118 -10.74 25.40 -72.18
CA GLY D 118 -11.42 24.41 -71.35
C GLY D 118 -11.00 24.47 -69.90
N HIS D 119 -11.91 24.02 -69.04
CA HIS D 119 -11.74 24.06 -67.60
C HIS D 119 -12.45 22.86 -66.99
N ASP D 120 -11.76 22.14 -66.11
CA ASP D 120 -12.34 20.97 -65.45
C ASP D 120 -12.60 19.87 -66.48
N TRP D 121 -13.67 19.11 -66.29
CA TRP D 121 -14.20 18.23 -67.34
C TRP D 121 -14.45 18.97 -68.66
N GLY D 122 -14.69 20.28 -68.59
CA GLY D 122 -14.73 21.08 -69.80
C GLY D 122 -13.56 20.79 -70.71
N ALA D 123 -12.35 20.85 -70.15
CA ALA D 123 -11.15 20.54 -70.92
C ALA D 123 -11.21 19.14 -71.53
N ALA D 124 -11.83 18.20 -70.84
CA ALA D 124 -11.91 16.83 -71.34
C ALA D 124 -12.68 16.79 -72.66
N LEU D 125 -13.86 17.39 -72.68
CA LEU D 125 -14.60 17.56 -73.93
C LEU D 125 -13.71 18.18 -75.01
N ALA D 126 -13.09 19.32 -74.72
CA ALA D 126 -12.28 19.95 -75.76
C ALA D 126 -11.02 19.17 -76.08
N PHE D 127 -10.60 18.22 -75.25
CA PHE D 127 -9.48 17.37 -75.64
C PHE D 127 -9.95 16.22 -76.51
N HIS D 128 -11.05 15.60 -76.12
CA HIS D 128 -11.48 14.41 -76.83
C HIS D 128 -12.14 14.79 -78.15
N TYR D 129 -12.70 16.00 -78.24
CA TYR D 129 -13.07 16.50 -79.57
C TYR D 129 -11.83 16.65 -80.44
N ALA D 130 -10.80 17.34 -79.93
CA ALA D 130 -9.64 17.69 -80.76
C ALA D 130 -8.93 16.45 -81.28
N TYR D 131 -8.91 15.38 -80.48
CA TYR D 131 -8.34 14.10 -80.91
C TYR D 131 -9.05 13.57 -82.15
N GLU D 132 -10.39 13.67 -82.19
CA GLU D 132 -11.23 13.15 -83.26
C GLU D 132 -11.48 14.17 -84.36
N HIS D 133 -11.01 15.41 -84.20
CA HIS D 133 -11.19 16.44 -85.21
C HIS D 133 -9.89 17.22 -85.39
N GLN D 134 -8.83 16.48 -85.70
CA GLN D 134 -7.51 17.05 -85.60
C GLN D 134 -7.29 18.14 -86.64
N ASP D 135 -7.89 17.99 -87.81
CA ASP D 135 -7.73 18.99 -88.85
C ASP D 135 -8.32 20.35 -88.46
N ARG D 136 -9.11 20.43 -87.38
CA ARG D 136 -9.85 21.65 -87.06
C ARG D 136 -9.60 22.11 -85.61
N ILE D 137 -8.33 22.27 -85.25
CA ILE D 137 -7.96 22.92 -83.98
C ILE D 137 -6.89 23.96 -84.27
N LYS D 138 -7.27 25.24 -84.20
CA LYS D 138 -6.27 26.29 -84.37
C LYS D 138 -5.34 26.37 -83.18
N ALA D 139 -5.83 26.10 -81.97
CA ALA D 139 -5.06 26.18 -80.73
C ALA D 139 -5.93 25.72 -79.56
N ILE D 140 -5.26 25.38 -78.45
CA ILE D 140 -5.92 24.93 -77.23
C ILE D 140 -5.43 25.75 -76.02
N VAL D 141 -6.34 25.95 -75.07
CA VAL D 141 -6.12 26.67 -73.83
C VAL D 141 -6.78 25.87 -72.72
N HIS D 142 -6.02 25.48 -71.68
CA HIS D 142 -6.60 24.68 -70.61
C HIS D 142 -6.07 25.08 -69.23
N MET D 143 -6.74 24.54 -68.20
CA MET D 143 -6.64 24.99 -66.83
C MET D 143 -7.45 24.06 -65.92
N GLU D 144 -6.88 23.64 -64.78
CA GLU D 144 -7.56 22.72 -63.85
C GLU D 144 -8.15 21.53 -64.59
N SER D 145 -7.44 21.14 -65.64
CA SER D 145 -7.86 20.30 -66.74
C SER D 145 -7.84 18.82 -66.36
N VAL D 146 -8.54 18.00 -67.17
CA VAL D 146 -8.32 16.56 -67.11
C VAL D 146 -7.21 16.22 -68.08
N VAL D 147 -5.98 16.63 -67.74
CA VAL D 147 -4.80 16.16 -68.43
C VAL D 147 -4.47 14.78 -67.89
N ASP D 148 -4.50 13.78 -68.75
CA ASP D 148 -4.12 12.41 -68.40
C ASP D 148 -4.85 11.74 -67.24
N VAL D 149 -4.48 10.47 -67.06
CA VAL D 149 -5.15 9.54 -66.17
C VAL D 149 -4.57 9.64 -64.76
N ILE D 150 -5.25 9.04 -63.77
CA ILE D 150 -4.90 9.17 -62.36
C ILE D 150 -4.42 7.81 -61.88
N GLU D 151 -3.11 7.70 -61.72
CA GLU D 151 -2.50 6.59 -61.01
C GLU D 151 -1.97 7.02 -59.64
N SER D 152 -1.22 8.11 -59.58
CA SER D 152 -0.54 8.54 -58.35
C SER D 152 -1.29 9.75 -57.79
N TRP D 153 -1.99 9.55 -56.68
CA TRP D 153 -2.67 10.63 -55.95
C TRP D 153 -1.76 11.71 -55.36
N ASP D 154 -0.47 11.71 -55.69
CA ASP D 154 0.47 12.39 -54.83
C ASP D 154 0.24 13.89 -54.78
N GLU D 155 0.72 14.66 -55.73
CA GLU D 155 0.59 16.11 -55.62
C GLU D 155 -0.87 16.56 -55.62
N TRP D 156 -1.78 15.63 -55.34
CA TRP D 156 -3.21 15.83 -55.51
C TRP D 156 -3.85 16.21 -54.20
N PRO D 157 -4.81 17.13 -54.28
CA PRO D 157 -5.63 17.46 -53.11
C PRO D 157 -6.21 16.20 -52.47
N ASP D 158 -6.48 16.28 -51.18
CA ASP D 158 -6.89 15.09 -50.45
C ASP D 158 -8.37 14.84 -50.73
N ILE D 159 -8.64 14.25 -51.89
CA ILE D 159 -10.00 14.07 -52.34
C ILE D 159 -10.33 12.63 -52.67
N GLU D 160 -9.39 11.71 -52.46
CA GLU D 160 -9.74 10.31 -52.47
C GLU D 160 -10.76 10.06 -51.36
N GLU D 161 -11.33 8.85 -51.37
CA GLU D 161 -12.26 8.43 -50.32
C GLU D 161 -13.56 9.20 -50.43
N ASP D 162 -13.47 10.51 -50.62
CA ASP D 162 -14.62 11.25 -51.09
C ASP D 162 -15.00 10.80 -52.51
N ILE D 163 -14.01 10.60 -53.38
CA ILE D 163 -14.29 9.97 -54.67
C ILE D 163 -14.92 8.62 -54.46
N ALA D 164 -14.37 7.83 -53.54
CA ALA D 164 -14.97 6.53 -53.26
C ALA D 164 -16.35 6.71 -52.69
N LEU D 165 -16.59 7.83 -52.02
CA LEU D 165 -17.85 8.13 -51.39
C LEU D 165 -18.93 8.56 -52.37
N ILE D 166 -18.57 8.90 -53.61
CA ILE D 166 -19.55 9.27 -54.60
C ILE D 166 -19.64 8.26 -55.74
N LYS D 167 -18.53 7.59 -56.09
CA LYS D 167 -18.61 6.38 -56.91
C LYS D 167 -19.27 5.29 -56.07
N SER D 168 -19.61 5.65 -54.85
CA SER D 168 -20.44 4.80 -54.03
C SER D 168 -21.88 5.15 -54.27
N GLU D 169 -22.77 4.33 -53.72
CA GLU D 169 -24.17 4.63 -53.79
C GLU D 169 -24.60 5.68 -52.77
N GLU D 170 -23.68 6.12 -51.90
CA GLU D 170 -23.95 7.29 -51.09
C GLU D 170 -24.17 8.51 -51.98
N GLY D 171 -23.43 8.57 -53.10
CA GLY D 171 -23.37 9.78 -53.90
C GLY D 171 -24.71 10.30 -54.33
N GLU D 172 -25.65 9.40 -54.61
CA GLU D 172 -27.02 9.81 -54.86
C GLU D 172 -27.51 10.71 -53.73
N LYS D 173 -27.45 10.21 -52.49
CA LYS D 173 -27.90 11.06 -51.41
C LYS D 173 -26.84 12.06 -50.94
N MET D 174 -25.66 12.04 -51.56
CA MET D 174 -24.70 13.11 -51.32
C MET D 174 -25.00 14.34 -52.18
N VAL D 175 -25.49 14.15 -53.40
CA VAL D 175 -25.49 15.19 -54.43
C VAL D 175 -26.91 15.54 -54.88
N LEU D 176 -27.70 14.53 -55.28
CA LEU D 176 -29.10 14.78 -55.60
C LEU D 176 -29.82 15.36 -54.40
N GLU D 177 -29.61 14.75 -53.23
CA GLU D 177 -30.25 15.16 -51.98
C GLU D 177 -29.59 16.40 -51.38
N ASN D 178 -28.26 16.49 -51.46
CA ASN D 178 -27.56 17.52 -50.71
C ASN D 178 -26.78 18.48 -51.59
N ASN D 179 -26.95 18.42 -52.91
CA ASN D 179 -26.36 19.41 -53.83
C ASN D 179 -24.92 19.73 -53.42
N PHE D 180 -24.17 18.66 -53.15
CA PHE D 180 -22.87 18.75 -52.48
C PHE D 180 -21.88 19.60 -53.28
N PHE D 181 -21.80 19.38 -54.58
CA PHE D 181 -20.82 20.10 -55.38
C PHE D 181 -21.18 21.58 -55.54
N VAL D 182 -22.47 21.89 -55.72
CA VAL D 182 -22.86 23.29 -55.88
C VAL D 182 -22.75 24.03 -54.56
N GLU D 183 -23.33 23.49 -53.48
CA GLU D 183 -23.47 24.25 -52.25
C GLU D 183 -22.24 24.15 -51.33
N THR D 184 -21.74 22.93 -51.12
CA THR D 184 -20.55 22.78 -50.29
C THR D 184 -19.27 23.03 -51.09
N VAL D 185 -19.11 22.39 -52.24
CA VAL D 185 -17.78 22.37 -52.89
C VAL D 185 -17.49 23.65 -53.67
N LEU D 186 -18.51 24.21 -54.34
CA LEU D 186 -18.26 25.35 -55.24
C LEU D 186 -17.69 26.56 -54.52
N PRO D 187 -18.36 27.14 -53.52
CA PRO D 187 -17.74 28.30 -52.86
C PRO D 187 -16.50 27.91 -52.08
N SER D 188 -16.45 26.67 -51.57
CA SER D 188 -15.28 26.19 -50.86
C SER D 188 -14.01 26.42 -51.68
N LYS D 189 -14.09 26.28 -53.00
CA LYS D 189 -12.88 26.29 -53.79
C LYS D 189 -12.74 27.56 -54.62
N ILE D 190 -13.29 28.65 -54.11
CA ILE D 190 -13.07 30.00 -54.59
C ILE D 190 -12.42 30.80 -53.46
N MET D 191 -11.44 31.64 -53.78
CA MET D 191 -10.74 32.36 -52.71
C MET D 191 -11.66 33.38 -52.08
N ARG D 192 -12.12 34.36 -52.87
CA ARG D 192 -13.10 35.35 -52.41
C ARG D 192 -14.43 34.68 -52.07
N LYS D 193 -15.28 35.42 -51.37
CA LYS D 193 -16.67 35.01 -51.27
C LYS D 193 -17.42 35.62 -52.44
N LEU D 194 -18.32 34.83 -53.04
CA LEU D 194 -19.17 35.34 -54.10
C LEU D 194 -20.23 36.25 -53.48
N GLU D 195 -20.45 37.39 -54.13
CA GLU D 195 -21.57 38.23 -53.74
C GLU D 195 -22.83 37.37 -53.78
N PRO D 196 -23.77 37.57 -52.85
CA PRO D 196 -24.80 36.52 -52.63
C PRO D 196 -25.64 36.22 -53.88
N GLU D 197 -25.59 37.07 -54.92
CA GLU D 197 -26.27 36.83 -56.18
C GLU D 197 -25.40 36.10 -57.19
N GLU D 198 -24.07 36.25 -57.11
CA GLU D 198 -23.21 35.42 -57.93
C GLU D 198 -23.36 33.96 -57.55
N PHE D 199 -23.40 33.67 -56.27
CA PHE D 199 -23.74 32.32 -55.87
C PHE D 199 -25.12 31.94 -56.40
N ALA D 200 -26.09 32.85 -56.26
CA ALA D 200 -27.44 32.60 -56.77
C ALA D 200 -27.44 32.11 -58.21
N ALA D 201 -26.59 32.69 -59.06
CA ALA D 201 -26.38 32.13 -60.40
C ALA D 201 -26.05 30.65 -60.35
N TYR D 202 -24.87 30.27 -59.84
CA TYR D 202 -24.47 28.87 -59.97
C TYR D 202 -25.52 27.94 -59.36
N LEU D 203 -26.22 28.42 -58.32
CA LEU D 203 -27.15 27.57 -57.60
C LEU D 203 -28.43 27.32 -58.38
N GLU D 204 -28.93 28.32 -59.10
CA GLU D 204 -30.27 28.24 -59.68
C GLU D 204 -30.50 27.05 -60.58
N PRO D 205 -29.62 26.73 -61.54
CA PRO D 205 -29.80 25.49 -62.31
C PRO D 205 -30.15 24.27 -61.47
N PHE D 206 -29.63 24.17 -60.27
CA PHE D 206 -29.80 22.95 -59.49
C PHE D 206 -30.48 23.27 -58.18
N LYS D 207 -31.35 24.27 -58.21
CA LYS D 207 -32.07 24.75 -57.05
C LYS D 207 -33.00 23.70 -56.42
N GLU D 208 -33.04 22.42 -56.79
CA GLU D 208 -34.09 21.55 -56.26
C GLU D 208 -33.57 20.12 -56.23
N LYS D 209 -34.09 19.34 -55.29
CA LYS D 209 -33.69 17.95 -55.14
C LYS D 209 -34.14 17.11 -56.32
N GLY D 210 -33.46 15.98 -56.52
CA GLY D 210 -33.86 15.00 -57.51
C GLY D 210 -32.79 14.80 -58.56
N GLU D 211 -33.11 13.92 -59.50
N GLU D 211 -33.14 14.00 -59.58
CA GLU D 211 -32.20 13.61 -60.60
CA GLU D 211 -32.18 13.63 -60.61
C GLU D 211 -31.88 14.82 -61.46
C GLU D 211 -31.85 14.85 -61.47
N VAL D 212 -32.48 15.99 -61.18
CA VAL D 212 -32.13 17.20 -61.89
C VAL D 212 -30.70 17.60 -61.55
N ARG D 213 -30.17 17.17 -60.40
CA ARG D 213 -28.77 17.36 -60.07
C ARG D 213 -27.82 16.33 -60.67
N ARG D 214 -28.33 15.27 -61.31
CA ARG D 214 -27.47 14.14 -61.68
C ARG D 214 -26.20 14.54 -62.45
N PRO D 215 -26.21 15.53 -63.36
CA PRO D 215 -24.91 15.96 -63.95
C PRO D 215 -23.82 16.19 -62.89
N THR D 216 -24.12 16.87 -61.78
CA THR D 216 -23.03 17.13 -60.82
C THR D 216 -22.58 15.86 -60.10
N LEU D 217 -23.47 14.88 -59.97
CA LEU D 217 -23.11 13.59 -59.40
C LEU D 217 -22.32 12.73 -60.38
N SER D 218 -22.63 12.81 -61.68
CA SER D 218 -22.14 11.82 -62.61
C SER D 218 -20.89 12.28 -63.36
N TRP D 219 -20.64 13.58 -63.46
CA TRP D 219 -19.32 14.04 -63.92
C TRP D 219 -18.17 13.43 -63.11
N PRO D 220 -18.14 13.53 -61.78
CA PRO D 220 -16.99 13.00 -61.07
C PRO D 220 -16.99 11.49 -61.00
N ARG D 221 -18.12 10.84 -61.33
CA ARG D 221 -18.05 9.39 -61.38
C ARG D 221 -17.36 8.90 -62.62
N GLU D 222 -16.89 9.82 -63.48
CA GLU D 222 -16.08 9.47 -64.63
C GLU D 222 -14.60 9.75 -64.41
N ILE D 223 -14.18 9.90 -63.16
CA ILE D 223 -12.79 10.24 -62.81
C ILE D 223 -11.87 9.18 -63.39
N PRO D 224 -10.95 9.56 -64.22
CA PRO D 224 -10.16 8.55 -64.92
C PRO D 224 -9.12 7.89 -64.01
N LEU D 225 -9.57 7.09 -63.05
CA LEU D 225 -8.67 6.32 -62.20
C LEU D 225 -8.36 5.00 -62.87
N VAL D 226 -7.08 4.68 -63.02
CA VAL D 226 -6.70 3.43 -63.67
C VAL D 226 -7.32 2.25 -62.94
N LYS D 227 -7.09 2.15 -61.63
CA LYS D 227 -7.79 1.18 -60.82
C LYS D 227 -9.11 1.80 -60.42
N GLY D 228 -10.21 1.11 -60.74
CA GLY D 228 -11.53 1.48 -60.26
C GLY D 228 -12.27 2.54 -61.05
N GLY D 229 -11.63 3.17 -62.03
CA GLY D 229 -12.32 4.14 -62.87
C GLY D 229 -12.97 3.49 -64.08
N LYS D 230 -14.12 4.09 -64.51
CA LYS D 230 -14.89 3.67 -65.68
C LYS D 230 -13.94 3.46 -66.86
N PRO D 231 -13.77 2.21 -67.29
CA PRO D 231 -12.72 1.89 -68.26
C PRO D 231 -12.74 2.76 -69.51
N ASP D 232 -13.94 3.07 -70.04
CA ASP D 232 -14.01 3.82 -71.29
C ASP D 232 -13.42 5.22 -71.13
N VAL D 233 -13.75 5.88 -70.01
CA VAL D 233 -13.17 7.19 -69.73
C VAL D 233 -11.65 7.10 -69.63
N VAL D 234 -11.13 6.10 -68.93
CA VAL D 234 -9.69 5.92 -68.87
C VAL D 234 -9.13 5.82 -70.28
N GLN D 235 -9.83 5.06 -71.14
CA GLN D 235 -9.34 4.84 -72.49
C GLN D 235 -9.40 6.10 -73.34
N ILE D 236 -10.46 6.90 -73.15
CA ILE D 236 -10.56 8.19 -73.82
C ILE D 236 -9.41 9.12 -73.45
N VAL D 237 -9.23 9.37 -72.14
CA VAL D 237 -8.16 10.27 -71.74
C VAL D 237 -6.80 9.69 -72.10
N ARG D 238 -6.62 8.38 -71.95
CA ARG D 238 -5.38 7.77 -72.48
C ARG D 238 -5.13 8.23 -73.91
N ASN D 239 -6.17 8.15 -74.75
CA ASN D 239 -6.02 8.33 -76.19
C ASN D 239 -5.75 9.77 -76.58
N TYR D 240 -6.50 10.72 -76.00
CA TYR D 240 -6.19 12.10 -76.36
C TYR D 240 -4.93 12.61 -75.70
N ASN D 241 -4.51 12.03 -74.56
CA ASN D 241 -3.21 12.37 -74.02
C ASN D 241 -2.12 12.09 -75.05
N ALA D 242 -1.99 10.81 -75.44
CA ALA D 242 -0.92 10.40 -76.34
C ALA D 242 -0.86 11.31 -77.57
N TYR D 243 -2.02 11.63 -78.18
CA TYR D 243 -2.05 12.58 -79.27
C TYR D 243 -1.65 13.98 -78.80
N LEU D 244 -2.34 14.50 -77.79
CA LEU D 244 -1.86 15.70 -77.08
C LEU D 244 -0.35 15.68 -76.88
N ARG D 245 0.17 14.54 -76.39
CA ARG D 245 1.62 14.44 -76.18
C ARG D 245 2.38 14.58 -77.47
N ALA D 246 1.77 14.23 -78.60
CA ALA D 246 2.41 14.38 -79.90
C ALA D 246 2.10 15.72 -80.56
N SER D 247 1.10 16.46 -80.06
CA SER D 247 0.58 17.61 -80.79
C SER D 247 1.59 18.75 -80.96
N ASP D 248 2.75 18.43 -81.50
CA ASP D 248 3.82 19.40 -81.66
C ASP D 248 3.40 20.61 -82.50
N ASP D 249 2.53 20.41 -83.50
CA ASP D 249 2.20 21.46 -84.45
C ASP D 249 1.15 22.44 -83.93
N LEU D 250 0.56 22.20 -82.77
CA LEU D 250 -0.64 22.89 -82.34
C LEU D 250 -0.35 23.76 -81.13
N PRO D 251 -0.51 25.08 -81.26
CA PRO D 251 -0.14 25.99 -80.16
C PRO D 251 -1.02 25.78 -78.94
N LYS D 252 -0.37 25.71 -77.77
CA LYS D 252 -1.08 25.55 -76.51
C LYS D 252 -0.71 26.65 -75.52
N LEU D 253 -1.51 26.73 -74.45
CA LEU D 253 -1.34 27.69 -73.38
C LEU D 253 -1.97 27.07 -72.13
N PHE D 254 -1.17 26.94 -71.07
CA PHE D 254 -1.67 26.39 -69.81
C PHE D 254 -1.70 27.48 -68.76
N ILE D 255 -2.63 27.38 -67.83
CA ILE D 255 -2.81 28.37 -66.79
C ILE D 255 -2.97 27.62 -65.48
N GLU D 256 -1.89 27.54 -64.70
CA GLU D 256 -2.02 26.99 -63.36
C GLU D 256 -2.48 28.10 -62.42
N SER D 257 -3.31 27.73 -61.46
CA SER D 257 -3.74 28.61 -60.38
C SER D 257 -2.87 28.43 -59.12
N ASP D 258 -2.78 29.49 -58.33
CA ASP D 258 -1.87 29.59 -57.19
C ASP D 258 -2.58 29.99 -55.92
N PRO D 259 -2.78 29.08 -54.96
CA PRO D 259 -2.36 27.68 -54.77
C PRO D 259 -2.69 26.76 -55.92
N GLY D 260 -3.91 26.91 -56.45
CA GLY D 260 -4.48 25.89 -57.27
C GLY D 260 -5.38 24.99 -56.46
N PHE D 261 -5.69 23.83 -57.06
CA PHE D 261 -6.38 22.71 -56.45
C PHE D 261 -5.85 21.47 -57.13
N PHE D 262 -6.28 21.22 -58.40
CA PHE D 262 -5.65 20.21 -59.23
C PHE D 262 -4.42 20.71 -59.97
N SER D 263 -4.28 22.03 -60.15
CA SER D 263 -3.18 22.52 -61.00
C SER D 263 -1.84 21.92 -60.60
N ASN D 264 -1.52 21.99 -59.31
CA ASN D 264 -0.33 21.41 -58.71
C ASN D 264 -0.03 20.05 -59.28
N ALA D 265 -0.93 19.12 -59.03
CA ALA D 265 -0.76 17.75 -59.48
C ALA D 265 -0.73 17.59 -61.00
N ILE D 266 -1.44 18.43 -61.78
CA ILE D 266 -1.49 18.16 -63.22
C ILE D 266 -0.32 18.79 -63.98
N VAL D 267 0.31 19.84 -63.44
CA VAL D 267 1.16 20.71 -64.25
C VAL D 267 2.33 19.94 -64.88
N GLU D 268 2.89 18.95 -64.16
CA GLU D 268 3.89 18.11 -64.82
C GLU D 268 3.33 17.57 -66.14
N GLY D 269 2.12 17.00 -66.10
CA GLY D 269 1.52 16.43 -67.30
C GLY D 269 1.31 17.43 -68.42
N ALA D 270 1.03 18.69 -68.08
CA ALA D 270 0.88 19.73 -69.09
C ALA D 270 2.10 19.85 -70.00
N LYS D 271 3.32 19.97 -69.45
CA LYS D 271 4.45 20.21 -70.35
C LYS D 271 4.96 18.91 -70.97
N LYS D 272 4.40 17.78 -70.59
CA LYS D 272 4.43 16.64 -71.50
C LYS D 272 3.61 16.89 -72.79
N PHE D 273 3.01 18.09 -72.95
CA PHE D 273 2.47 18.50 -74.26
C PHE D 273 3.30 19.62 -74.86
N PRO D 274 3.99 19.38 -75.97
CA PRO D 274 4.71 20.46 -76.69
C PRO D 274 3.99 21.79 -76.84
N ASN D 275 4.74 22.81 -77.26
CA ASN D 275 4.17 24.06 -77.74
C ASN D 275 3.22 24.70 -76.72
N THR D 276 3.54 24.60 -75.43
CA THR D 276 2.70 25.19 -74.40
C THR D 276 3.34 26.44 -73.83
N GLU D 277 2.62 27.55 -73.94
CA GLU D 277 2.97 28.76 -73.22
C GLU D 277 2.36 28.64 -71.83
N PHE D 278 3.18 28.87 -70.79
CA PHE D 278 2.72 28.74 -69.40
C PHE D 278 2.56 30.11 -68.75
N VAL D 279 1.56 30.19 -67.86
CA VAL D 279 1.24 31.39 -67.10
C VAL D 279 0.56 30.95 -65.80
N LYS D 280 0.31 31.93 -64.93
CA LYS D 280 0.03 31.67 -63.52
C LYS D 280 -0.88 32.79 -63.03
N VAL D 281 -1.86 32.46 -62.18
CA VAL D 281 -2.80 33.48 -61.76
C VAL D 281 -3.32 33.15 -60.38
N LYS D 282 -3.79 34.20 -59.71
CA LYS D 282 -4.49 34.19 -58.44
C LYS D 282 -5.47 33.04 -58.29
N GLY D 283 -5.14 31.95 -57.61
CA GLY D 283 -6.29 31.34 -56.95
C GLY D 283 -6.43 29.86 -56.69
N LEU D 284 -7.68 29.43 -56.58
CA LEU D 284 -8.01 28.04 -56.24
C LEU D 284 -8.48 27.34 -57.50
N HIS D 285 -9.59 26.60 -57.48
CA HIS D 285 -9.99 25.78 -58.62
C HIS D 285 -10.81 26.58 -59.64
N PHE D 286 -11.93 27.15 -59.21
CA PHE D 286 -12.67 28.06 -60.04
C PHE D 286 -11.91 29.36 -60.23
N LEU D 287 -10.79 29.30 -60.96
CA LEU D 287 -9.86 30.42 -61.04
C LEU D 287 -10.48 31.63 -61.69
N GLN D 288 -11.49 31.41 -62.52
CA GLN D 288 -12.21 32.50 -63.18
C GLN D 288 -12.85 33.45 -62.19
N GLU D 289 -13.25 32.95 -61.00
CA GLU D 289 -13.73 33.85 -59.97
C GLU D 289 -12.64 34.73 -59.37
N ASP D 290 -11.38 34.29 -59.39
CA ASP D 290 -10.37 34.98 -58.59
C ASP D 290 -9.35 35.74 -59.42
N ALA D 291 -9.29 35.50 -60.74
CA ALA D 291 -8.32 36.20 -61.56
C ALA D 291 -8.83 36.35 -62.99
N PRO D 292 -10.10 36.68 -63.17
CA PRO D 292 -10.63 36.65 -64.53
C PRO D 292 -9.90 37.57 -65.47
N ASP D 293 -9.55 38.77 -64.98
CA ASP D 293 -8.99 39.79 -65.86
C ASP D 293 -7.58 39.43 -66.31
N GLU D 294 -6.79 38.84 -65.42
CA GLU D 294 -5.48 38.37 -65.85
C GLU D 294 -5.63 37.17 -66.77
N MET D 295 -6.51 36.25 -66.39
CA MET D 295 -6.91 35.17 -67.29
C MET D 295 -7.29 35.75 -68.63
N GLY D 296 -8.26 36.67 -68.63
CA GLY D 296 -8.60 37.48 -69.77
C GLY D 296 -7.42 37.83 -70.65
N LYS D 297 -6.56 38.76 -70.19
CA LYS D 297 -5.60 39.33 -71.12
C LYS D 297 -4.49 38.34 -71.45
N TYR D 298 -4.34 37.29 -70.66
CA TYR D 298 -3.36 36.26 -71.02
C TYR D 298 -3.87 35.43 -72.19
N ILE D 299 -5.18 35.13 -72.22
CA ILE D 299 -5.74 34.42 -73.36
C ILE D 299 -5.78 35.33 -74.58
N LYS D 300 -5.98 36.63 -74.38
CA LYS D 300 -6.00 37.55 -75.51
C LYS D 300 -4.65 37.58 -76.23
N SER D 301 -3.59 37.86 -75.47
CA SER D 301 -2.25 37.98 -76.05
C SER D 301 -1.76 36.65 -76.60
N PHE D 302 -2.25 35.53 -76.09
CA PHE D 302 -1.91 34.24 -76.67
C PHE D 302 -2.55 34.08 -78.05
N VAL D 303 -3.85 34.35 -78.15
CA VAL D 303 -4.53 34.20 -79.44
C VAL D 303 -3.89 35.12 -80.46
N GLU D 304 -3.57 36.35 -80.06
CA GLU D 304 -2.87 37.27 -80.95
C GLU D 304 -1.62 36.62 -81.57
N ARG D 305 -0.87 35.85 -80.77
CA ARG D 305 0.35 35.23 -81.25
C ARG D 305 0.06 34.17 -82.32
N VAL D 306 -0.87 33.29 -81.99
CA VAL D 306 -1.24 32.18 -82.89
C VAL D 306 -1.75 32.80 -84.20
N LEU D 307 -2.32 34.00 -84.11
CA LEU D 307 -2.83 34.67 -85.32
C LEU D 307 -1.77 35.62 -85.84
N LYS D 308 -0.61 35.08 -86.20
CA LYS D 308 0.53 35.82 -86.73
C LYS D 308 1.46 34.77 -87.33
N ASN D 309 1.40 34.64 -88.65
CA ASN D 309 2.22 33.64 -89.38
C ASN D 309 2.59 34.21 -90.75
N MET E 1 18.65 -47.55 26.93
CA MET E 1 18.14 -48.18 28.15
C MET E 1 17.73 -49.62 27.91
N ASP E 2 17.92 -50.45 28.95
CA ASP E 2 17.37 -51.80 28.96
C ASP E 2 15.85 -51.70 29.02
N LEU E 3 15.19 -51.76 27.86
CA LEU E 3 13.73 -51.66 27.84
C LEU E 3 13.07 -52.87 28.52
N ALA E 4 13.67 -54.05 28.37
CA ALA E 4 13.15 -55.27 28.99
C ALA E 4 13.07 -55.18 30.51
N LYS E 5 13.73 -54.19 31.10
CA LYS E 5 13.63 -53.88 32.53
C LYS E 5 12.19 -53.86 33.02
N LEU E 6 11.43 -52.80 32.68
CA LEU E 6 10.07 -52.64 33.20
C LEU E 6 9.00 -53.14 32.23
N GLY E 7 9.34 -54.11 31.38
CA GLY E 7 8.37 -54.88 30.63
C GLY E 7 8.06 -54.38 29.24
N LEU E 8 8.95 -53.61 28.63
CA LEU E 8 8.62 -52.83 27.45
C LEU E 8 9.37 -53.36 26.24
N LYS E 9 8.65 -54.03 25.34
CA LYS E 9 9.13 -54.20 23.97
C LYS E 9 9.25 -52.81 23.33
N GLU E 10 10.29 -52.62 22.53
CA GLU E 10 10.55 -51.29 21.95
C GLU E 10 9.27 -50.62 21.45
N VAL E 11 8.33 -51.40 20.88
CA VAL E 11 7.03 -50.89 20.44
C VAL E 11 6.00 -52.01 20.70
N MET E 12 4.81 -51.63 21.18
CA MET E 12 3.92 -52.58 21.85
C MET E 12 2.48 -52.08 21.69
N PRO E 13 1.48 -52.94 21.92
CA PRO E 13 0.09 -52.54 21.68
C PRO E 13 -0.46 -51.66 22.80
N THR E 14 -1.72 -51.24 22.61
CA THR E 14 -2.49 -50.36 23.47
C THR E 14 -3.95 -50.46 23.08
N LYS E 15 -4.84 -50.42 24.07
CA LYS E 15 -6.26 -50.57 23.79
C LYS E 15 -7.02 -49.59 24.68
N ILE E 16 -7.19 -48.37 24.17
CA ILE E 16 -7.89 -47.35 24.92
C ILE E 16 -9.33 -47.78 25.19
N ASN E 17 -9.89 -47.27 26.28
CA ASN E 17 -11.23 -47.57 26.73
C ASN E 17 -11.73 -46.26 27.32
N LEU E 18 -12.29 -45.42 26.45
CA LEU E 18 -12.82 -44.13 26.86
C LEU E 18 -14.25 -44.28 27.32
N GLU E 19 -14.58 -43.48 28.31
CA GLU E 19 -15.94 -43.20 28.71
C GLU E 19 -16.04 -41.69 28.73
N GLY E 20 -17.17 -41.18 28.27
CA GLY E 20 -17.25 -39.76 27.98
C GLY E 20 -18.58 -39.19 28.42
N LEU E 21 -18.54 -37.89 28.66
CA LEU E 21 -19.74 -37.13 28.95
C LEU E 21 -19.45 -35.72 28.47
N VAL E 22 -20.03 -35.33 27.34
CA VAL E 22 -19.98 -33.97 26.85
C VAL E 22 -21.37 -33.38 26.97
N GLY E 23 -21.48 -32.24 27.62
CA GLY E 23 -22.77 -31.69 28.00
C GLY E 23 -23.76 -32.75 28.44
N ASP E 24 -24.93 -32.73 27.80
CA ASP E 24 -26.04 -33.65 27.98
C ASP E 24 -25.74 -35.08 27.58
N HIS E 25 -24.74 -35.34 26.74
CA HIS E 25 -24.78 -36.52 25.89
C HIS E 25 -23.66 -37.51 26.18
N ALA E 26 -24.01 -38.60 26.87
CA ALA E 26 -23.07 -39.68 27.13
C ALA E 26 -22.64 -40.37 25.83
N PHE E 27 -21.50 -41.05 25.90
CA PHE E 27 -20.96 -41.81 24.79
C PHE E 27 -19.87 -42.71 25.34
N SER E 28 -19.18 -43.43 24.45
CA SER E 28 -18.22 -44.47 24.86
C SER E 28 -17.36 -44.95 23.68
N MET E 29 -16.24 -44.30 23.41
CA MET E 29 -15.41 -44.66 22.27
C MET E 29 -14.39 -45.74 22.69
N GLU E 30 -13.32 -45.93 21.90
CA GLU E 30 -12.38 -47.05 22.02
C GLU E 30 -11.19 -46.84 21.10
N GLY E 31 -10.00 -47.18 21.58
CA GLY E 31 -8.78 -47.11 20.79
C GLY E 31 -8.08 -48.46 20.74
N VAL E 32 -7.47 -48.76 19.59
CA VAL E 32 -6.83 -50.05 19.34
C VAL E 32 -5.62 -49.82 18.44
N GLY E 33 -4.41 -50.12 18.93
CA GLY E 33 -3.20 -49.86 18.17
C GLY E 33 -1.87 -50.14 18.87
N GLU E 34 -0.79 -49.45 18.47
CA GLU E 34 0.57 -49.76 18.91
C GLU E 34 1.52 -48.67 18.37
N GLY E 35 2.65 -48.46 19.06
CA GLY E 35 3.55 -47.38 18.66
C GLY E 35 4.86 -47.35 19.43
N ASN E 36 5.74 -46.44 18.99
CA ASN E 36 7.19 -46.56 19.24
C ASN E 36 7.59 -45.90 20.56
N ILE E 37 8.11 -46.68 21.51
CA ILE E 37 8.47 -46.12 22.81
C ILE E 37 9.80 -45.37 22.78
N LEU E 38 10.76 -45.81 21.96
CA LEU E 38 12.09 -45.19 22.05
C LEU E 38 12.10 -43.81 21.40
N GLU E 39 11.54 -43.67 20.21
CA GLU E 39 11.47 -42.34 19.61
C GLU E 39 10.03 -41.90 19.35
N GLY E 40 9.07 -42.49 20.08
CA GLY E 40 7.84 -41.80 20.44
C GLY E 40 6.77 -41.61 19.39
N THR E 41 5.94 -42.65 19.14
CA THR E 41 4.87 -42.60 18.14
C THR E 41 3.71 -43.45 18.63
N GLN E 42 2.48 -43.14 18.14
CA GLN E 42 1.24 -43.52 18.84
C GLN E 42 0.06 -43.59 17.84
N GLU E 43 -0.36 -44.81 17.42
CA GLU E 43 -1.59 -45.00 16.61
C GLU E 43 -2.55 -46.03 17.21
N VAL E 44 -3.78 -45.59 17.50
CA VAL E 44 -4.91 -46.47 17.82
C VAL E 44 -6.03 -46.19 16.85
N LYS E 45 -6.82 -47.21 16.55
CA LYS E 45 -7.96 -47.00 15.64
C LYS E 45 -9.18 -46.72 16.51
N ILE E 46 -9.54 -45.45 16.57
CA ILE E 46 -10.56 -44.95 17.48
C ILE E 46 -11.92 -45.07 16.81
N SER E 47 -12.89 -45.66 17.52
CA SER E 47 -14.25 -45.69 17.02
C SER E 47 -15.23 -45.78 18.18
N VAL E 48 -16.41 -45.19 17.95
CA VAL E 48 -17.45 -45.10 18.97
C VAL E 48 -18.16 -46.44 19.10
N THR E 49 -18.90 -46.60 20.19
CA THR E 49 -19.52 -47.87 20.53
C THR E 49 -20.76 -47.56 21.34
N LYS E 50 -20.88 -46.32 21.79
CA LYS E 50 -22.09 -45.83 22.43
C LYS E 50 -22.17 -44.33 22.21
N GLY E 51 -23.38 -43.82 22.03
CA GLY E 51 -23.55 -42.42 21.64
C GLY E 51 -22.90 -42.08 20.31
N ALA E 52 -22.95 -43.05 19.32
CA ALA E 52 -22.69 -42.47 18.01
C ALA E 52 -24.01 -42.05 17.37
N PRO E 53 -24.04 -41.00 16.54
CA PRO E 53 -22.92 -40.12 16.16
C PRO E 53 -22.73 -38.95 17.14
N LEU E 54 -21.56 -38.32 17.08
CA LEU E 54 -21.23 -37.35 18.12
C LEU E 54 -21.86 -36.00 17.80
N PRO E 55 -22.60 -35.40 18.73
CA PRO E 55 -23.12 -34.05 18.49
C PRO E 55 -22.02 -33.01 18.52
N PHE E 56 -20.95 -33.25 19.28
CA PHE E 56 -19.79 -32.39 19.40
C PHE E 56 -18.68 -32.87 18.46
N ALA E 57 -17.81 -31.94 18.08
CA ALA E 57 -16.62 -32.28 17.30
C ALA E 57 -15.77 -33.32 18.05
N PHE E 58 -15.37 -34.36 17.32
CA PHE E 58 -14.66 -35.48 17.92
C PHE E 58 -13.27 -35.07 18.42
N ASP E 59 -12.69 -34.05 17.78
CA ASP E 59 -11.31 -33.66 18.03
C ASP E 59 -11.03 -33.24 19.46
N ILE E 60 -12.04 -33.05 20.29
CA ILE E 60 -11.77 -32.74 21.69
C ILE E 60 -11.13 -33.93 22.39
N VAL E 61 -11.56 -35.15 22.05
CA VAL E 61 -11.07 -36.32 22.78
C VAL E 61 -9.74 -36.83 22.25
N SER E 62 -9.19 -36.19 21.23
CA SER E 62 -8.05 -36.78 20.56
C SER E 62 -6.80 -36.76 21.42
N VAL E 63 -6.64 -35.75 22.30
CA VAL E 63 -5.56 -35.85 23.27
C VAL E 63 -5.82 -36.95 24.28
N ALA E 64 -7.04 -37.13 24.71
CA ALA E 64 -7.29 -38.15 25.71
C ALA E 64 -7.13 -39.55 25.15
N PHE E 65 -6.40 -39.69 24.05
CA PHE E 65 -6.32 -40.95 23.32
C PHE E 65 -4.91 -41.40 22.96
N1 CRO E 66 -4.87 -40.02 22.58
CA1 CRO E 66 -3.52 -40.44 22.65
CB1 CRO E 66 -3.11 -40.54 21.19
OG1 CRO E 66 -2.34 -39.42 20.74
C1 CRO E 66 -2.83 -39.41 23.59
N2 CRO E 66 -2.11 -38.29 23.21
N3 CRO E 66 -2.88 -39.43 24.94
C2 CRO E 66 -2.23 -38.35 25.41
O2 CRO E 66 -2.10 -38.05 26.57
CA2 CRO E 66 -1.75 -37.65 24.33
CA3 CRO E 66 -3.61 -40.44 25.78
C3 CRO E 66 -2.95 -40.86 27.06
O3 CRO E 66 -3.67 -41.39 27.87
CB2 CRO E 66 -1.04 -36.55 24.43
CG2 CRO E 66 -0.95 -35.47 23.43
CD1 CRO E 66 -1.17 -34.17 23.92
CD2 CRO E 66 -0.63 -35.69 22.05
CE1 CRO E 66 -1.08 -33.08 23.09
CE2 CRO E 66 -0.56 -34.60 21.23
CZ CRO E 66 -0.79 -33.26 21.74
OH CRO E 66 -0.70 -32.16 20.94
N ASN E 67 -1.79 -41.19 26.30
CA ASN E 67 -0.70 -41.92 26.98
C ASN E 67 0.67 -41.46 26.48
N ARG E 68 1.60 -41.21 27.42
CA ARG E 68 2.86 -40.58 27.08
C ARG E 68 4.06 -41.51 27.17
N ALA E 69 3.86 -42.77 27.56
CA ALA E 69 4.90 -43.78 27.38
C ALA E 69 5.49 -43.70 25.96
N TYR E 70 4.61 -43.60 24.96
CA TYR E 70 5.02 -43.43 23.57
C TYR E 70 5.71 -42.09 23.34
N THR E 71 6.79 -41.82 24.07
CA THR E 71 7.54 -40.57 23.91
C THR E 71 9.02 -40.87 23.74
N GLY E 72 9.63 -40.21 22.77
CA GLY E 72 11.07 -40.28 22.63
C GLY E 72 11.76 -39.34 23.59
N TYR E 73 12.96 -39.76 24.02
CA TYR E 73 13.69 -39.04 25.04
C TYR E 73 15.18 -38.99 24.68
N PRO E 74 15.79 -37.82 24.72
CA PRO E 74 17.26 -37.76 24.71
C PRO E 74 17.81 -38.16 26.06
N GLU E 75 19.08 -38.56 26.06
CA GLU E 75 19.68 -39.10 27.29
C GLU E 75 19.72 -38.04 28.38
N GLU E 76 19.87 -36.77 28.00
CA GLU E 76 19.97 -35.66 28.95
C GLU E 76 18.71 -35.40 29.75
N ILE E 77 17.61 -36.12 29.52
CA ILE E 77 16.42 -35.92 30.34
C ILE E 77 15.81 -37.27 30.67
N SER E 78 15.28 -37.38 31.88
CA SER E 78 14.82 -38.64 32.43
C SER E 78 13.42 -38.91 31.95
N ASP E 79 13.19 -40.11 31.48
CA ASP E 79 11.87 -40.47 31.02
C ASP E 79 11.07 -40.91 32.24
N TYR E 80 10.41 -39.92 32.85
CA TYR E 80 9.53 -40.18 33.98
C TYR E 80 8.57 -41.32 33.69
N PHE E 81 7.86 -41.23 32.56
CA PHE E 81 6.85 -42.23 32.22
C PHE E 81 7.50 -43.57 31.92
N LEU E 82 8.73 -43.56 31.43
CA LEU E 82 9.37 -44.82 31.07
C LEU E 82 9.83 -45.61 32.29
N GLN E 83 10.53 -44.97 33.26
CA GLN E 83 10.81 -45.65 34.53
C GLN E 83 9.53 -46.05 35.25
N SER E 84 8.39 -45.56 34.75
CA SER E 84 7.11 -46.25 34.75
C SER E 84 6.69 -46.99 36.02
N PHE E 85 6.91 -48.31 36.01
CA PHE E 85 5.80 -49.15 36.38
C PHE E 85 5.99 -50.46 37.13
N PRO E 86 6.18 -51.56 36.39
CA PRO E 86 5.23 -52.68 36.44
C PRO E 86 3.72 -52.35 36.45
N GLU E 87 3.21 -51.27 37.07
CA GLU E 87 1.75 -51.20 37.18
C GLU E 87 1.07 -49.90 36.74
N GLY E 88 1.09 -48.85 37.57
CA GLY E 88 0.13 -47.76 37.37
C GLY E 88 0.63 -46.32 37.42
N PHE E 89 0.30 -45.53 36.38
CA PHE E 89 0.54 -44.10 36.35
C PHE E 89 -0.67 -43.44 35.72
N THR E 90 -0.79 -42.14 35.96
CA THR E 90 -2.04 -41.45 35.72
C THR E 90 -1.72 -40.05 35.22
N TYR E 91 -2.78 -39.36 34.81
CA TYR E 91 -2.82 -37.90 34.88
C TYR E 91 -4.15 -37.49 35.48
N GLU E 92 -4.22 -36.20 35.76
CA GLU E 92 -5.49 -35.52 35.94
C GLU E 92 -5.37 -34.23 35.15
N ARG E 93 -6.27 -34.06 34.18
CA ARG E 93 -6.06 -33.20 33.03
C ARG E 93 -7.24 -32.25 32.90
N ASN E 94 -6.97 -30.96 33.02
CA ASN E 94 -8.02 -29.95 32.89
C ASN E 94 -7.74 -29.16 31.62
N ILE E 95 -8.79 -29.08 30.77
CA ILE E 95 -8.81 -28.24 29.57
C ILE E 95 -9.65 -27.02 29.87
N ARG E 96 -9.27 -25.87 29.34
CA ARG E 96 -10.23 -24.79 29.25
C ARG E 96 -10.23 -24.21 27.85
N TYR E 97 -11.34 -24.48 27.13
CA TYR E 97 -11.55 -23.93 25.80
C TYR E 97 -11.73 -22.42 25.91
N GLN E 98 -11.11 -21.70 24.96
CA GLN E 98 -11.15 -20.23 24.98
C GLN E 98 -12.56 -19.64 24.94
N ASP E 99 -13.57 -20.37 24.41
CA ASP E 99 -14.95 -19.91 24.58
C ASP E 99 -15.47 -20.06 25.99
N GLY E 100 -14.68 -20.67 26.89
CA GLY E 100 -14.99 -20.72 28.31
C GLY E 100 -15.53 -22.04 28.83
N GLY E 101 -15.59 -23.08 28.00
CA GLY E 101 -16.00 -24.38 28.46
C GLY E 101 -14.81 -25.25 28.85
N THR E 102 -15.09 -26.27 29.68
CA THR E 102 -14.05 -26.95 30.43
C THR E 102 -14.14 -28.45 30.22
N ALA E 103 -13.01 -29.12 30.47
CA ALA E 103 -12.90 -30.56 30.35
C ALA E 103 -12.03 -31.13 31.48
N ILE E 104 -12.34 -32.37 31.85
CA ILE E 104 -11.76 -33.07 32.98
C ILE E 104 -11.56 -34.51 32.55
N VAL E 105 -10.31 -34.94 32.34
CA VAL E 105 -10.06 -36.35 32.03
C VAL E 105 -9.14 -36.99 33.08
N LYS E 106 -9.71 -37.98 33.79
CA LYS E 106 -9.01 -38.87 34.72
C LYS E 106 -8.69 -40.18 34.01
N SER E 107 -7.51 -40.23 33.39
CA SER E 107 -6.97 -41.46 32.85
C SER E 107 -6.53 -42.42 33.96
N ASP E 108 -6.23 -43.67 33.55
CA ASP E 108 -5.40 -44.59 34.34
C ASP E 108 -4.75 -45.54 33.36
N ILE E 109 -3.45 -45.37 33.13
CA ILE E 109 -2.72 -46.20 32.20
C ILE E 109 -2.16 -47.40 32.97
N SER E 110 -1.79 -48.46 32.27
CA SER E 110 -1.26 -49.65 32.91
C SER E 110 -0.36 -50.37 31.91
N LEU E 111 -0.07 -51.64 32.20
CA LEU E 111 0.78 -52.46 31.33
C LEU E 111 0.46 -53.92 31.67
N GLU E 112 -0.50 -54.48 30.94
CA GLU E 112 -0.98 -55.85 31.11
C GLU E 112 -0.52 -56.67 29.91
N ASP E 113 0.22 -57.75 30.18
CA ASP E 113 0.67 -58.71 29.18
C ASP E 113 1.12 -58.07 27.88
N GLY E 114 2.19 -57.28 27.92
CA GLY E 114 2.83 -56.75 26.74
C GLY E 114 2.38 -55.37 26.34
N LYS E 115 1.14 -54.99 26.65
CA LYS E 115 0.50 -53.80 26.10
C LYS E 115 -0.15 -52.97 27.20
N PHE E 116 -0.61 -51.78 26.83
CA PHE E 116 -1.09 -50.78 27.78
C PHE E 116 -2.61 -50.77 27.84
N ILE E 117 -3.17 -51.44 28.84
CA ILE E 117 -4.54 -51.14 29.23
C ILE E 117 -4.63 -49.65 29.55
N VAL E 118 -5.68 -49.00 29.04
CA VAL E 118 -5.97 -47.61 29.37
C VAL E 118 -7.45 -47.47 29.63
N ASN E 119 -7.79 -46.77 30.71
CA ASN E 119 -9.18 -46.43 31.06
C ASN E 119 -9.28 -44.92 31.16
N VAL E 120 -9.36 -44.25 30.01
CA VAL E 120 -9.53 -42.82 30.01
C VAL E 120 -10.90 -42.48 30.56
N ASP E 121 -11.06 -41.24 31.02
CA ASP E 121 -12.41 -40.80 31.37
C ASP E 121 -12.51 -39.31 31.10
N PHE E 122 -13.12 -39.00 29.93
CA PHE E 122 -13.43 -37.65 29.46
C PHE E 122 -14.70 -37.16 30.13
N LYS E 123 -14.81 -35.85 30.29
CA LYS E 123 -16.05 -35.21 30.70
C LYS E 123 -15.93 -33.72 30.46
N ALA E 124 -16.83 -33.12 29.66
CA ALA E 124 -16.76 -31.69 29.38
C ALA E 124 -18.12 -31.03 29.63
N LYS E 125 -18.11 -29.70 29.67
CA LYS E 125 -19.30 -28.93 30.04
C LYS E 125 -19.13 -27.49 29.58
N ASP E 126 -20.26 -26.81 29.40
CA ASP E 126 -20.36 -25.36 29.21
C ASP E 126 -19.82 -24.87 27.87
N LEU E 127 -19.70 -25.76 26.88
CA LEU E 127 -19.28 -25.33 25.54
C LEU E 127 -20.31 -24.36 24.94
N ARG E 128 -19.84 -23.38 24.20
CA ARG E 128 -20.76 -22.40 23.65
C ARG E 128 -21.46 -23.00 22.43
N ARG E 129 -22.78 -22.79 22.35
CA ARG E 129 -23.57 -23.39 21.29
C ARG E 129 -23.02 -23.03 19.91
N MET E 130 -22.58 -21.78 19.74
CA MET E 130 -21.91 -21.36 18.52
C MET E 130 -20.42 -21.61 18.52
N GLY E 131 -19.91 -22.40 19.46
CA GLY E 131 -18.50 -22.62 19.61
C GLY E 131 -17.95 -23.55 18.56
N PRO E 132 -16.65 -23.48 18.33
CA PRO E 132 -16.05 -24.34 17.30
C PRO E 132 -16.26 -25.82 17.57
N VAL E 133 -16.74 -26.20 18.75
CA VAL E 133 -16.80 -27.60 19.12
C VAL E 133 -18.20 -28.17 18.90
N MET E 134 -19.22 -27.42 19.31
CA MET E 134 -20.61 -27.74 19.01
C MET E 134 -20.90 -27.64 17.51
N GLN E 135 -20.28 -26.68 16.84
CA GLN E 135 -20.48 -26.46 15.42
C GLN E 135 -19.78 -27.49 14.54
N GLN E 136 -18.77 -28.20 15.07
CA GLN E 136 -17.96 -29.17 14.32
C GLN E 136 -17.34 -28.51 13.08
N ASP E 137 -16.71 -27.37 13.32
CA ASP E 137 -15.79 -26.71 12.39
C ASP E 137 -14.33 -27.10 12.57
N ILE E 138 -13.99 -28.02 13.48
CA ILE E 138 -12.59 -28.23 13.79
C ILE E 138 -12.03 -29.25 12.80
N VAL E 139 -11.06 -28.79 12.00
CA VAL E 139 -10.35 -29.64 11.04
C VAL E 139 -9.40 -30.59 11.76
N GLY E 140 -8.67 -30.08 12.75
CA GLY E 140 -7.69 -30.90 13.47
C GLY E 140 -6.83 -30.18 14.50
N MET E 141 -5.60 -30.67 14.69
CA MET E 141 -4.76 -30.18 15.77
C MET E 141 -3.41 -29.76 15.22
N GLN E 142 -3.09 -28.48 15.38
CA GLN E 142 -1.72 -28.04 15.21
C GLN E 142 -0.81 -28.68 16.25
N PRO E 143 0.44 -28.95 15.91
CA PRO E 143 1.41 -29.37 16.92
C PRO E 143 1.66 -28.25 17.93
N SER E 144 2.09 -28.64 19.13
CA SER E 144 2.59 -27.65 20.06
C SER E 144 3.57 -28.30 21.01
N TYR E 145 4.56 -27.51 21.44
CA TYR E 145 5.49 -27.91 22.49
C TYR E 145 4.83 -27.72 23.87
N GLU E 146 4.61 -28.83 24.56
CA GLU E 146 4.13 -28.83 25.94
C GLU E 146 5.29 -28.54 26.91
N SER E 147 5.08 -27.57 27.80
CA SER E 147 5.98 -27.40 28.93
C SER E 147 5.90 -28.60 29.86
N MET E 148 7.01 -28.91 30.53
CA MET E 148 7.10 -30.08 31.41
C MET E 148 8.05 -29.72 32.55
N TYR E 149 7.53 -29.64 33.78
CA TYR E 149 8.36 -29.27 34.93
C TYR E 149 7.97 -30.11 36.14
N THR E 150 8.99 -30.44 36.94
CA THR E 150 8.82 -31.27 38.11
C THR E 150 8.21 -30.49 39.26
N ASN E 151 7.32 -31.14 40.02
CA ASN E 151 6.85 -30.63 41.30
C ASN E 151 6.71 -31.85 42.22
N VAL E 152 7.73 -32.06 43.10
CA VAL E 152 7.77 -33.09 44.13
C VAL E 152 7.63 -34.50 43.53
N THR E 153 6.63 -35.27 44.02
CA THR E 153 6.44 -36.66 43.60
C THR E 153 6.25 -36.77 42.09
N SER E 154 5.54 -35.81 41.49
CA SER E 154 5.00 -35.96 40.15
C SER E 154 5.46 -34.86 39.20
N VAL E 155 4.81 -34.77 38.04
CA VAL E 155 5.23 -33.89 36.94
C VAL E 155 4.02 -33.23 36.29
N ILE E 156 4.21 -31.97 35.87
CA ILE E 156 3.15 -31.11 35.39
C ILE E 156 3.43 -30.75 33.94
N GLY E 157 2.38 -30.77 33.11
CA GLY E 157 2.46 -30.33 31.72
C GLY E 157 1.50 -29.19 31.42
N GLU E 158 1.93 -28.29 30.54
CA GLU E 158 1.11 -27.11 30.26
C GLU E 158 1.38 -26.65 28.83
N CYS E 159 0.34 -26.69 28.00
CA CYS E 159 0.43 -26.31 26.60
C CYS E 159 -0.78 -25.44 26.26
N ILE E 160 -0.69 -24.84 25.08
CA ILE E 160 -1.87 -24.27 24.42
C ILE E 160 -2.07 -25.05 23.13
N ILE E 161 -3.03 -25.97 23.16
CA ILE E 161 -3.35 -26.79 22.02
C ILE E 161 -4.28 -26.02 21.10
N ALA E 162 -3.98 -26.06 19.79
CA ALA E 162 -4.60 -25.16 18.83
C ALA E 162 -5.33 -25.96 17.75
N PHE E 163 -6.65 -25.84 17.75
CA PHE E 163 -7.49 -26.40 16.69
C PHE E 163 -7.41 -25.54 15.43
N LYS E 164 -7.12 -26.19 14.29
CA LYS E 164 -7.43 -25.60 13.00
C LYS E 164 -8.93 -25.63 12.73
N LEU E 165 -9.44 -24.59 12.06
CA LEU E 165 -10.83 -24.52 11.64
C LEU E 165 -10.97 -24.55 10.10
N GLN E 166 -12.19 -24.90 9.65
CA GLN E 166 -12.48 -24.86 8.21
C GLN E 166 -12.27 -23.47 7.63
N THR E 167 -12.56 -22.44 8.41
CA THR E 167 -12.39 -21.06 7.98
C THR E 167 -10.98 -20.63 7.87
N GLY E 168 -10.00 -21.53 7.96
CA GLY E 168 -8.62 -21.12 8.05
C GLY E 168 -8.18 -20.50 9.36
N LYS E 169 -9.11 -20.19 10.26
CA LYS E 169 -8.84 -19.53 11.53
C LYS E 169 -8.38 -20.55 12.58
N HIS E 170 -8.24 -20.11 13.85
CA HIS E 170 -7.77 -21.00 14.92
C HIS E 170 -8.55 -20.78 16.20
N PHE E 171 -8.71 -21.88 16.94
CA PHE E 171 -9.38 -21.85 18.24
C PHE E 171 -8.65 -22.76 19.21
N THR E 172 -8.10 -22.17 20.27
CA THR E 172 -7.22 -22.81 21.24
C THR E 172 -7.94 -23.15 22.54
N TYR E 173 -7.34 -24.10 23.26
CA TYR E 173 -7.64 -24.25 24.68
C TYR E 173 -6.34 -24.25 25.46
N HIS E 174 -6.47 -24.13 26.78
CA HIS E 174 -5.39 -24.23 27.74
C HIS E 174 -5.52 -25.55 28.49
N MET E 175 -4.48 -26.40 28.44
CA MET E 175 -4.51 -27.68 29.12
C MET E 175 -3.36 -27.82 30.10
N ARG E 176 -3.69 -28.35 31.29
CA ARG E 176 -2.74 -28.59 32.38
C ARG E 176 -2.95 -29.99 32.98
N THR E 177 -1.85 -30.70 33.21
CA THR E 177 -1.86 -32.14 33.50
C THR E 177 -0.86 -32.49 34.62
N VAL E 178 -1.31 -33.23 35.65
CA VAL E 178 -0.43 -33.69 36.74
C VAL E 178 -0.26 -35.21 36.58
N TYR E 179 0.85 -35.62 35.99
CA TYR E 179 1.10 -37.05 35.82
C TYR E 179 1.71 -37.61 37.10
N LYS E 180 1.06 -38.59 37.71
CA LYS E 180 1.47 -39.13 39.01
C LYS E 180 1.77 -40.63 38.87
N SER E 181 3.06 -40.97 38.77
CA SER E 181 3.49 -42.37 38.92
C SER E 181 2.97 -42.92 40.23
N LYS E 182 2.51 -44.16 40.22
CA LYS E 182 2.05 -44.76 41.47
C LYS E 182 2.95 -45.89 41.95
N LYS E 183 4.09 -46.07 41.28
CA LYS E 183 5.25 -46.72 41.87
C LYS E 183 6.40 -45.72 41.87
N PRO E 184 7.06 -45.51 43.00
CA PRO E 184 8.16 -44.54 43.05
C PRO E 184 9.27 -44.95 42.09
N VAL E 185 9.88 -43.94 41.48
CA VAL E 185 10.77 -44.14 40.35
C VAL E 185 11.96 -43.21 40.50
N GLU E 186 13.06 -43.54 39.82
CA GLU E 186 14.36 -42.91 40.05
C GLU E 186 14.42 -41.48 39.55
N THR E 187 15.46 -41.15 38.79
CA THR E 187 15.75 -39.80 38.32
C THR E 187 14.50 -39.05 37.87
N MET E 188 14.22 -37.87 38.49
CA MET E 188 13.06 -37.17 37.97
C MET E 188 13.47 -35.89 37.23
N PRO E 189 12.83 -35.60 36.10
CA PRO E 189 13.40 -34.67 35.12
C PRO E 189 13.30 -33.23 35.55
N LEU E 190 14.10 -32.38 34.91
CA LEU E 190 14.27 -31.04 35.43
C LEU E 190 13.18 -30.11 34.89
N TYR E 191 13.38 -29.51 33.72
CA TYR E 191 12.32 -28.73 33.06
C TYR E 191 12.53 -28.82 31.56
N HIS E 192 11.70 -29.62 30.88
CA HIS E 192 11.89 -29.81 29.46
C HIS E 192 10.58 -29.66 28.73
N PHE E 193 10.66 -29.82 27.42
CA PHE E 193 9.52 -29.69 26.53
C PHE E 193 9.18 -31.05 25.94
N ILE E 194 8.05 -31.08 25.23
CA ILE E 194 7.63 -32.22 24.44
C ILE E 194 6.91 -31.64 23.23
N GLN E 195 7.56 -31.65 22.06
CA GLN E 195 6.85 -31.40 20.83
C GLN E 195 5.97 -32.58 20.54
N HIS E 196 4.65 -32.34 20.61
CA HIS E 196 3.64 -33.21 20.06
C HIS E 196 3.34 -32.76 18.63
N ARG E 197 2.97 -33.72 17.77
CA ARG E 197 2.27 -33.39 16.53
C ARG E 197 1.31 -34.53 16.23
N LEU E 198 0.08 -34.38 16.73
CA LEU E 198 -1.01 -35.29 16.43
C LEU E 198 -1.72 -34.80 15.18
N VAL E 199 -1.80 -35.68 14.18
CA VAL E 199 -2.55 -35.47 12.95
C VAL E 199 -3.38 -36.74 12.73
N LYS E 200 -4.36 -36.64 11.81
CA LYS E 200 -5.27 -37.73 11.46
C LYS E 200 -4.87 -38.42 10.15
N THR E 201 -4.98 -39.76 10.11
CA THR E 201 -4.54 -40.53 8.96
C THR E 201 -5.68 -40.78 7.97
N ASN E 202 -5.31 -40.97 6.70
CA ASN E 202 -6.10 -40.80 5.47
C ASN E 202 -7.52 -40.25 5.61
N VAL E 203 -7.77 -39.13 4.93
CA VAL E 203 -8.85 -38.23 5.28
C VAL E 203 -10.22 -38.86 5.04
N ASP E 204 -10.38 -39.57 3.91
CA ASP E 204 -11.69 -40.06 3.49
C ASP E 204 -12.23 -41.07 4.49
N THR E 205 -13.53 -41.32 4.37
CA THR E 205 -14.20 -42.23 5.31
C THR E 205 -13.69 -43.65 5.15
N ALA E 206 -12.40 -43.86 5.45
CA ALA E 206 -11.88 -45.19 5.66
C ALA E 206 -12.71 -45.84 6.76
N SER E 207 -13.85 -46.42 6.36
CA SER E 207 -14.91 -46.89 7.25
C SER E 207 -15.27 -45.86 8.31
N GLY E 208 -15.97 -46.29 9.36
CA GLY E 208 -16.43 -45.37 10.37
C GLY E 208 -15.48 -45.16 11.53
N TYR E 209 -14.22 -44.80 11.25
CA TYR E 209 -13.24 -44.52 12.31
C TYR E 209 -12.26 -43.43 11.88
N VAL E 210 -12.38 -42.26 12.52
CA VAL E 210 -11.26 -41.33 12.65
C VAL E 210 -10.12 -42.03 13.39
N VAL E 211 -8.91 -41.91 12.84
CA VAL E 211 -7.74 -42.60 13.37
C VAL E 211 -6.52 -41.69 13.17
N GLN E 212 -5.61 -41.73 14.16
CA GLN E 212 -4.55 -40.74 14.33
C GLN E 212 -3.28 -41.41 14.81
N HIS E 213 -2.11 -40.83 14.43
CA HIS E 213 -0.80 -41.27 14.94
C HIS E 213 0.05 -40.07 15.34
N GLU E 214 0.20 -39.90 16.66
CA GLU E 214 0.99 -38.87 17.34
C GLU E 214 2.48 -39.24 17.34
N THR E 215 3.31 -38.24 17.57
CA THR E 215 4.77 -38.40 17.57
C THR E 215 5.31 -37.53 18.70
N ALA E 216 5.57 -38.14 19.86
CA ALA E 216 5.92 -37.38 21.05
C ALA E 216 7.44 -37.40 21.26
N ILE E 217 8.04 -36.22 21.30
CA ILE E 217 9.47 -36.03 21.44
C ILE E 217 9.72 -35.44 22.84
N ALA E 218 10.98 -35.49 23.30
CA ALA E 218 11.43 -34.71 24.46
C ALA E 218 12.65 -33.88 24.09
N ALA E 219 12.71 -32.62 24.55
CA ALA E 219 13.81 -31.71 24.19
C ALA E 219 13.80 -30.47 25.07
N HIS E 220 14.99 -29.86 25.19
CA HIS E 220 15.15 -28.57 25.87
C HIS E 220 14.85 -27.46 24.89
N SER E 221 15.05 -26.22 25.31
CA SER E 221 15.08 -25.06 24.41
C SER E 221 16.20 -25.25 23.41
N THR E 222 16.71 -24.15 22.83
CA THR E 222 18.00 -24.19 22.14
C THR E 222 18.46 -22.78 21.81
N ILE E 223 17.64 -21.78 22.11
CA ILE E 223 18.26 -20.48 22.36
C ILE E 223 19.17 -20.62 23.57
N LYS E 224 20.47 -20.51 23.26
CA LYS E 224 21.58 -20.70 24.21
C LYS E 224 21.76 -19.46 25.06
N LYS E 225 21.93 -19.75 26.35
CA LYS E 225 21.98 -18.79 27.48
C LYS E 225 23.28 -18.00 27.58
N ILE E 226 23.16 -16.69 27.79
CA ILE E 226 24.32 -15.80 28.08
C ILE E 226 24.99 -16.44 29.29
N GLU E 227 26.31 -16.63 29.27
CA GLU E 227 27.05 -17.27 30.41
C GLU E 227 26.65 -16.67 31.77
N GLY E 228 26.42 -17.52 32.76
CA GLY E 228 26.02 -17.04 34.08
C GLY E 228 24.53 -17.22 34.24
N SER E 229 23.78 -16.74 33.25
CA SER E 229 22.32 -16.90 33.07
C SER E 229 21.47 -16.10 34.03
N LEU E 230 20.83 -16.85 34.92
CA LEU E 230 19.80 -16.45 35.91
C LEU E 230 18.51 -16.27 35.12
N PRO E 231 17.64 -17.28 35.03
CA PRO E 231 17.84 -18.60 35.66
C PRO E 231 18.87 -19.54 35.04
N ASP F 2 14.01 -4.64 1.93
CA ASP F 2 13.13 -4.63 3.10
C ASP F 2 13.50 -3.45 4.01
N LEU F 3 14.54 -3.69 4.81
CA LEU F 3 15.58 -2.73 5.17
C LEU F 3 15.50 -1.43 4.40
N ALA F 4 14.64 -0.48 4.84
CA ALA F 4 14.61 0.93 4.42
C ALA F 4 13.19 1.46 4.38
N LYS F 5 12.38 0.88 3.49
CA LYS F 5 10.98 1.20 3.25
C LYS F 5 10.31 1.69 4.53
N LEU F 6 10.41 0.85 5.58
CA LEU F 6 9.83 1.13 6.89
C LEU F 6 10.49 2.31 7.60
N GLY F 7 11.70 2.70 7.19
CA GLY F 7 12.44 3.72 7.90
C GLY F 7 13.18 3.23 9.13
N LEU F 8 13.68 2.00 9.09
CA LEU F 8 14.28 1.36 10.26
C LEU F 8 15.65 0.81 9.88
N LYS F 9 16.66 1.16 10.68
CA LYS F 9 18.06 0.81 10.45
C LYS F 9 18.43 -0.37 11.35
N GLU F 10 18.47 -1.58 10.77
CA GLU F 10 18.64 -2.86 11.45
C GLU F 10 18.60 -2.79 12.97
N VAL F 11 19.69 -3.24 13.61
CA VAL F 11 19.83 -3.14 15.06
C VAL F 11 19.63 -1.69 15.49
N MET F 12 18.94 -1.50 16.62
CA MET F 12 18.31 -0.22 16.88
C MET F 12 17.93 -0.12 18.36
N PRO F 13 17.66 1.10 18.87
CA PRO F 13 17.41 1.28 20.31
C PRO F 13 15.95 1.15 20.71
N THR F 14 15.65 1.61 21.93
CA THR F 14 14.28 1.87 22.40
C THR F 14 14.32 2.50 23.79
N LYS F 15 13.51 3.53 24.01
CA LYS F 15 13.25 3.99 25.36
C LYS F 15 11.85 3.53 25.72
N ILE F 16 11.76 2.52 26.58
CA ILE F 16 10.49 2.07 27.12
C ILE F 16 10.08 3.08 28.18
N ASN F 17 8.85 2.96 28.70
CA ASN F 17 8.29 3.99 29.58
C ASN F 17 7.19 3.37 30.43
N LEU F 18 7.51 2.32 31.19
CA LEU F 18 6.46 1.54 31.82
C LEU F 18 5.72 2.36 32.85
N GLU F 19 4.43 2.07 32.99
CA GLU F 19 3.60 2.65 34.04
C GLU F 19 2.86 1.51 34.72
N GLY F 20 3.21 1.22 35.97
CA GLY F 20 2.75 -0.01 36.59
C GLY F 20 1.93 0.15 37.86
N LEU F 21 1.15 -0.89 38.17
CA LEU F 21 0.37 -0.92 39.40
C LEU F 21 0.12 -2.41 39.71
N VAL F 22 0.89 -2.95 40.63
CA VAL F 22 0.69 -4.29 41.16
C VAL F 22 -0.02 -4.12 42.49
N GLY F 23 -1.28 -4.50 42.54
CA GLY F 23 -2.03 -4.34 43.77
C GLY F 23 -2.36 -2.88 44.01
N ASP F 24 -2.01 -2.38 45.19
CA ASP F 24 -2.29 -0.99 45.52
C ASP F 24 -1.06 -0.13 45.45
N HIS F 25 0.00 -0.59 44.78
CA HIS F 25 1.28 0.08 44.88
C HIS F 25 1.65 0.62 43.51
N ALA F 26 1.49 1.93 43.35
CA ALA F 26 1.79 2.57 42.07
C ALA F 26 3.29 2.65 41.86
N PHE F 27 3.79 1.97 40.85
CA PHE F 27 5.19 2.11 40.51
C PHE F 27 5.34 2.58 39.09
N SER F 28 6.48 3.22 38.82
CA SER F 28 6.70 3.96 37.61
C SER F 28 8.11 3.71 37.08
N MET F 29 8.39 2.47 36.68
CA MET F 29 9.71 2.09 36.15
C MET F 29 10.04 2.70 34.79
N GLU F 30 10.95 2.03 34.04
CA GLU F 30 11.57 2.57 32.83
C GLU F 30 12.69 1.67 32.31
N GLY F 31 12.89 1.63 31.01
CA GLY F 31 13.99 0.88 30.42
C GLY F 31 14.57 1.60 29.23
N VAL F 32 15.86 1.41 29.00
CA VAL F 32 16.57 2.03 27.89
C VAL F 32 17.60 1.04 27.38
N GLY F 33 17.47 0.64 26.12
CA GLY F 33 18.29 -0.42 25.59
C GLY F 33 18.41 -0.36 24.10
N GLU F 34 18.81 -1.49 23.52
CA GLU F 34 19.04 -1.58 22.09
C GLU F 34 19.17 -3.05 21.72
N GLY F 35 18.67 -3.40 20.52
CA GLY F 35 18.70 -4.79 20.11
C GLY F 35 18.91 -4.95 18.62
N ASN F 36 19.10 -6.20 18.22
CA ASN F 36 19.04 -6.61 16.83
C ASN F 36 17.57 -6.83 16.46
N ILE F 37 17.08 -6.06 15.47
CA ILE F 37 15.70 -6.19 15.01
C ILE F 37 15.52 -7.28 13.97
N LEU F 38 16.60 -7.84 13.44
CA LEU F 38 16.54 -8.97 12.53
C LEU F 38 17.09 -10.27 13.10
N GLU F 39 17.96 -10.21 14.11
CA GLU F 39 18.37 -11.40 14.84
C GLU F 39 17.44 -11.75 16.00
N GLY F 40 16.66 -10.78 16.49
CA GLY F 40 15.72 -11.00 17.56
C GLY F 40 16.29 -10.84 18.95
N THR F 41 17.62 -10.75 19.04
CA THR F 41 18.35 -10.53 20.28
C THR F 41 18.27 -9.06 20.69
N GLN F 42 17.73 -8.80 21.88
CA GLN F 42 17.71 -7.46 22.45
C GLN F 42 18.17 -7.51 23.90
N GLU F 43 18.59 -6.36 24.41
CA GLU F 43 18.89 -6.20 25.82
C GLU F 43 18.53 -4.80 26.26
N VAL F 44 18.04 -4.67 27.49
CA VAL F 44 17.76 -3.35 28.05
C VAL F 44 18.00 -3.39 29.55
N LYS F 45 18.74 -2.39 30.03
CA LYS F 45 18.88 -2.15 31.46
C LYS F 45 17.61 -1.47 31.95
N ILE F 46 16.92 -2.12 32.86
CA ILE F 46 15.67 -1.60 33.40
C ILE F 46 15.99 -0.91 34.72
N SER F 47 15.64 0.35 34.81
CA SER F 47 15.68 1.16 36.02
C SER F 47 14.26 1.29 36.57
N VAL F 48 14.15 1.67 37.85
CA VAL F 48 12.83 2.12 38.30
C VAL F 48 12.89 3.64 38.27
N THR F 49 11.79 4.33 38.62
CA THR F 49 11.81 5.78 38.66
C THR F 49 10.93 6.27 39.80
N LYS F 50 9.83 5.57 40.06
CA LYS F 50 9.01 5.85 41.22
C LYS F 50 8.61 4.54 41.86
N GLY F 51 8.43 4.58 43.18
CA GLY F 51 7.93 3.44 43.90
C GLY F 51 8.97 2.41 44.21
N ALA F 52 10.27 2.82 44.31
CA ALA F 52 11.23 1.95 44.98
C ALA F 52 11.02 2.04 46.48
N PRO F 53 11.11 0.93 47.22
CA PRO F 53 11.33 -0.41 46.66
C PRO F 53 10.07 -1.10 46.12
N LEU F 54 10.31 -2.13 45.32
CA LEU F 54 9.25 -3.01 44.82
C LEU F 54 8.68 -3.88 45.94
N PRO F 55 7.36 -4.00 46.07
CA PRO F 55 6.81 -4.95 47.04
C PRO F 55 6.41 -6.27 46.39
N PHE F 56 6.91 -6.51 45.19
CA PHE F 56 6.53 -7.69 44.43
C PHE F 56 7.74 -8.15 43.64
N ALA F 57 7.78 -9.45 43.39
CA ALA F 57 8.88 -10.02 42.61
C ALA F 57 8.97 -9.34 41.27
N PHE F 58 10.19 -9.13 40.81
CA PHE F 58 10.40 -8.18 39.73
C PHE F 58 9.91 -8.73 38.39
N ASP F 59 10.06 -10.04 38.18
CA ASP F 59 10.02 -10.56 36.82
C ASP F 59 8.61 -10.59 36.24
N ILE F 60 7.58 -10.25 37.01
CA ILE F 60 6.27 -10.20 36.40
C ILE F 60 6.21 -9.07 35.38
N VAL F 61 6.99 -8.01 35.57
CA VAL F 61 7.01 -6.90 34.61
C VAL F 61 8.16 -7.03 33.63
N SER F 62 8.76 -8.22 33.53
CA SER F 62 9.86 -8.37 32.57
C SER F 62 9.37 -8.66 31.15
N VAL F 63 8.20 -9.29 30.97
CA VAL F 63 7.75 -9.45 29.59
C VAL F 63 7.16 -8.16 29.05
N ALA F 64 6.66 -7.27 29.90
CA ALA F 64 6.21 -5.98 29.41
C ALA F 64 7.33 -5.21 28.71
N PHE F 65 8.60 -5.46 29.07
CA PHE F 65 9.75 -4.66 28.62
C PHE F 65 10.39 -5.15 27.34
N1 CRO F 66 10.37 -6.53 27.69
CA1 CRO F 66 10.57 -6.82 26.32
CB1 CRO F 66 11.85 -7.61 26.05
OG1 CRO F 66 12.50 -7.75 27.29
C1 CRO F 66 9.32 -7.59 25.89
N2 CRO F 66 9.16 -8.95 26.00
N3 CRO F 66 8.23 -7.03 25.35
C2 CRO F 66 7.33 -8.03 25.14
O2 CRO F 66 6.23 -7.92 24.63
CA2 CRO F 66 7.93 -9.23 25.51
CA3 CRO F 66 8.13 -5.53 25.13
C3 CRO F 66 7.03 -4.92 24.29
O3 CRO F 66 6.29 -4.13 24.82
CB2 CRO F 66 7.34 -10.44 25.43
CG2 CRO F 66 7.94 -11.75 25.82
CD1 CRO F 66 7.23 -12.92 25.49
CD2 CRO F 66 9.19 -11.86 26.51
CE1 CRO F 66 7.72 -14.19 25.81
CE2 CRO F 66 9.66 -13.10 26.84
CZ CRO F 66 8.94 -14.30 26.49
OH CRO F 66 9.41 -15.55 26.81
N ASN F 67 8.05 -5.03 23.28
CA ASN F 67 8.09 -4.84 21.83
C ASN F 67 8.55 -6.05 20.97
N ARG F 68 7.62 -6.48 20.12
CA ARG F 68 7.68 -7.70 19.27
C ARG F 68 8.39 -7.49 17.94
N ALA F 69 8.70 -6.28 17.58
CA ALA F 69 9.60 -6.01 16.49
C ALA F 69 10.91 -6.81 16.64
N TYR F 70 11.54 -6.75 17.84
CA TYR F 70 12.72 -7.56 18.10
C TYR F 70 12.38 -9.04 17.93
N THR F 71 12.43 -9.53 16.69
CA THR F 71 12.10 -10.93 16.41
C THR F 71 12.72 -11.29 15.07
N GLY F 72 13.75 -12.14 15.10
CA GLY F 72 14.17 -12.79 13.89
C GLY F 72 13.00 -13.54 13.31
N TYR F 73 12.59 -13.20 12.09
CA TYR F 73 11.64 -14.02 11.32
C TYR F 73 12.39 -14.62 10.15
N PRO F 74 12.39 -15.96 9.96
CA PRO F 74 13.08 -16.54 8.80
C PRO F 74 12.38 -16.20 7.50
N GLU F 75 12.74 -16.89 6.41
CA GLU F 75 12.11 -16.57 5.13
C GLU F 75 10.73 -17.23 5.03
N GLU F 76 10.66 -18.54 5.29
CA GLU F 76 9.45 -19.32 5.07
C GLU F 76 8.30 -18.93 6.02
N ILE F 77 8.45 -17.84 6.79
CA ILE F 77 7.35 -17.28 7.57
C ILE F 77 7.40 -15.76 7.55
N SER F 78 6.23 -15.13 7.47
CA SER F 78 6.12 -13.69 7.33
C SER F 78 6.27 -12.98 8.68
N ASP F 79 6.76 -11.74 8.60
CA ASP F 79 6.99 -10.87 9.75
C ASP F 79 5.86 -9.85 9.84
N TYR F 80 5.00 -10.03 10.83
CA TYR F 80 3.97 -9.03 11.09
C TYR F 80 4.57 -7.68 11.51
N PHE F 81 5.58 -7.71 12.40
CA PHE F 81 5.83 -6.56 13.26
C PHE F 81 6.70 -5.50 12.59
N LEU F 82 7.72 -5.89 11.83
CA LEU F 82 8.47 -4.82 11.18
C LEU F 82 7.66 -4.21 10.04
N GLN F 83 6.82 -5.01 9.37
CA GLN F 83 5.92 -4.38 8.42
C GLN F 83 4.77 -3.66 9.10
N SER F 84 4.74 -3.65 10.43
CA SER F 84 3.80 -2.79 11.12
C SER F 84 4.21 -1.31 11.11
N PHE F 85 5.44 -1.00 10.72
CA PHE F 85 5.95 0.36 10.74
C PHE F 85 5.84 0.99 9.35
N PRO F 86 6.05 2.32 9.22
CA PRO F 86 6.67 3.36 10.04
C PRO F 86 5.92 3.77 11.31
N GLU F 87 4.59 3.67 11.31
CA GLU F 87 3.83 4.25 12.40
C GLU F 87 3.95 3.43 13.68
N GLY F 88 4.03 2.10 13.55
CA GLY F 88 4.10 1.24 14.71
C GLY F 88 2.87 0.38 14.92
N PHE F 89 2.50 0.18 16.20
CA PHE F 89 1.43 -0.74 16.57
C PHE F 89 1.25 -0.72 18.08
N THR F 90 0.18 -1.38 18.53
CA THR F 90 -0.04 -1.67 19.93
C THR F 90 -0.32 -3.16 20.08
N TYR F 91 -0.28 -3.64 21.34
CA TYR F 91 -0.81 -4.95 21.72
C TYR F 91 -1.74 -4.78 22.90
N GLU F 92 -2.46 -5.85 23.22
CA GLU F 92 -3.18 -5.97 24.49
C GLU F 92 -2.94 -7.38 25.01
N ARG F 93 -2.34 -7.43 26.21
CA ARG F 93 -1.78 -8.61 26.85
C ARG F 93 -2.68 -9.06 27.99
N ASN F 94 -2.92 -10.38 28.09
CA ASN F 94 -3.70 -10.89 29.22
C ASN F 94 -2.93 -12.02 29.89
N ILE F 95 -2.71 -11.87 31.19
CA ILE F 95 -1.77 -12.61 32.01
C ILE F 95 -2.56 -13.28 33.12
N ARG F 96 -2.63 -14.61 33.14
CA ARG F 96 -3.27 -15.30 34.27
C ARG F 96 -2.27 -16.30 34.86
N TYR F 97 -1.82 -16.00 36.08
CA TYR F 97 -0.94 -16.87 36.83
C TYR F 97 -1.76 -18.03 37.39
N GLN F 98 -1.17 -19.24 37.43
CA GLN F 98 -1.83 -20.41 38.02
C GLN F 98 -2.47 -20.09 39.37
N ASP F 99 -1.89 -19.11 40.10
CA ASP F 99 -2.43 -18.40 41.26
C ASP F 99 -3.90 -18.00 41.10
N GLY F 100 -4.36 -17.82 39.87
CA GLY F 100 -5.56 -17.07 39.61
C GLY F 100 -5.40 -15.57 39.62
N GLY F 101 -4.27 -15.04 40.08
CA GLY F 101 -4.00 -13.64 39.89
C GLY F 101 -3.79 -13.32 38.42
N THR F 102 -4.04 -12.05 38.07
CA THR F 102 -4.03 -11.65 36.66
C THR F 102 -3.21 -10.38 36.49
N ALA F 103 -3.04 -9.98 35.23
CA ALA F 103 -2.34 -8.77 34.84
C ALA F 103 -2.67 -8.47 33.39
N ILE F 104 -2.79 -7.18 33.04
CA ILE F 104 -3.07 -6.72 31.68
C ILE F 104 -2.02 -5.71 31.24
N VAL F 105 -1.31 -6.01 30.15
CA VAL F 105 -0.23 -5.14 29.68
C VAL F 105 -0.68 -4.49 28.37
N LYS F 106 -0.86 -3.17 28.39
CA LYS F 106 -1.27 -2.40 27.20
C LYS F 106 -0.13 -1.45 26.79
N SER F 107 0.78 -1.94 25.94
CA SER F 107 1.82 -1.06 25.42
C SER F 107 1.41 -0.45 24.08
N ASP F 108 2.11 0.63 23.70
CA ASP F 108 2.06 1.22 22.35
C ASP F 108 3.50 1.29 21.83
N ILE F 109 3.79 0.59 20.72
CA ILE F 109 5.13 0.65 20.13
C ILE F 109 5.08 1.74 19.08
N SER F 110 5.38 2.96 19.48
CA SER F 110 5.49 4.07 18.55
C SER F 110 6.78 3.88 17.71
N LEU F 111 7.17 4.94 16.99
CA LEU F 111 8.43 4.97 16.23
C LEU F 111 8.71 6.44 15.92
N GLU F 112 9.49 7.08 16.80
CA GLU F 112 9.65 8.53 16.77
C GLU F 112 11.11 8.91 17.03
N ASP F 113 11.62 9.82 16.19
CA ASP F 113 13.03 10.22 16.07
C ASP F 113 13.83 9.12 15.38
N GLY F 114 14.67 8.41 16.12
CA GLY F 114 15.39 7.30 15.53
C GLY F 114 15.13 6.01 16.26
N LYS F 115 14.48 6.13 17.44
CA LYS F 115 14.43 5.09 18.46
C LYS F 115 13.01 4.52 18.62
N PHE F 116 12.95 3.24 18.98
CA PHE F 116 11.70 2.50 19.20
C PHE F 116 10.96 2.95 20.45
N ILE F 117 10.56 4.23 20.55
CA ILE F 117 9.87 4.68 21.76
C ILE F 117 8.64 3.83 22.00
N VAL F 118 8.54 3.27 23.20
CA VAL F 118 7.47 2.33 23.56
C VAL F 118 7.00 2.65 24.97
N ASN F 119 5.74 3.02 25.10
CA ASN F 119 5.18 3.34 26.41
C ASN F 119 4.27 2.17 26.80
N VAL F 120 4.80 1.29 27.67
CA VAL F 120 4.07 0.13 28.14
C VAL F 120 3.21 0.54 29.32
N ASP F 121 2.10 -0.18 29.51
CA ASP F 121 1.29 -0.02 30.72
C ASP F 121 0.97 -1.41 31.26
N PHE F 122 0.67 -1.44 32.57
CA PHE F 122 0.82 -2.67 33.35
C PHE F 122 0.03 -2.54 34.66
N LYS F 123 -1.14 -3.17 34.70
CA LYS F 123 -1.79 -3.41 35.98
C LYS F 123 -1.74 -4.90 36.30
N ALA F 124 -1.57 -5.22 37.58
CA ALA F 124 -1.79 -6.57 38.07
C ALA F 124 -2.54 -6.48 39.38
N LYS F 125 -3.25 -7.56 39.73
CA LYS F 125 -3.93 -7.66 41.02
C LYS F 125 -4.31 -9.12 41.30
N ASP F 126 -4.90 -9.33 42.49
CA ASP F 126 -5.19 -10.64 43.09
C ASP F 126 -3.94 -11.54 43.21
N LEU F 127 -2.74 -10.96 43.27
CA LEU F 127 -1.58 -11.73 43.66
C LEU F 127 -1.67 -12.09 45.15
N ARG F 128 -1.28 -13.31 45.49
CA ARG F 128 -1.56 -13.83 46.83
C ARG F 128 -0.36 -13.65 47.76
N ARG F 129 -0.66 -13.34 49.02
CA ARG F 129 0.35 -13.10 50.05
C ARG F 129 1.45 -14.17 50.00
N MET F 130 1.07 -15.44 50.06
CA MET F 130 2.01 -16.55 50.12
C MET F 130 2.48 -17.03 48.75
N GLY F 131 2.10 -16.35 47.66
CA GLY F 131 2.39 -16.80 46.30
C GLY F 131 3.54 -16.10 45.60
N PRO F 132 4.34 -16.89 44.87
CA PRO F 132 5.74 -16.52 44.60
C PRO F 132 5.98 -15.20 43.91
N VAL F 133 5.07 -14.25 44.07
CA VAL F 133 5.25 -12.92 43.53
C VAL F 133 5.32 -11.90 44.66
N MET F 134 4.42 -12.02 45.65
CA MET F 134 4.51 -11.27 46.89
C MET F 134 5.72 -11.72 47.72
N GLN F 135 5.96 -13.03 47.78
CA GLN F 135 7.04 -13.70 48.47
C GLN F 135 8.40 -13.46 47.83
N GLN F 136 8.43 -12.72 46.72
CA GLN F 136 9.59 -12.59 45.84
C GLN F 136 10.47 -13.82 45.90
N ASP F 137 9.92 -14.91 45.43
CA ASP F 137 10.54 -16.22 45.37
C ASP F 137 11.25 -16.51 44.06
N ILE F 138 11.13 -15.67 43.04
CA ILE F 138 11.48 -16.10 41.69
C ILE F 138 12.85 -15.57 41.32
N VAL F 139 13.71 -16.53 40.96
CA VAL F 139 14.93 -16.25 40.21
C VAL F 139 14.60 -15.56 38.90
N GLY F 140 13.91 -16.26 38.01
CA GLY F 140 13.62 -15.74 36.68
C GLY F 140 12.74 -16.67 35.86
N MET F 141 12.49 -16.26 34.62
CA MET F 141 11.64 -17.04 33.72
C MET F 141 12.49 -17.95 32.84
N GLN F 142 11.94 -19.12 32.56
CA GLN F 142 12.60 -20.08 31.67
C GLN F 142 12.30 -19.70 30.23
N PRO F 143 12.78 -20.48 29.26
CA PRO F 143 12.43 -20.20 27.87
C PRO F 143 11.00 -20.60 27.51
N SER F 144 10.42 -19.87 26.55
CA SER F 144 9.03 -20.06 26.18
C SER F 144 8.87 -20.38 24.69
N TYR F 145 7.67 -20.84 24.37
CA TYR F 145 7.17 -21.06 23.00
C TYR F 145 5.83 -20.35 22.83
N GLU F 146 5.79 -19.31 22.00
CA GLU F 146 4.57 -18.53 21.79
C GLU F 146 3.87 -18.95 20.48
N SER F 147 2.75 -19.66 20.60
CA SER F 147 1.92 -19.91 19.42
C SER F 147 1.41 -18.59 18.85
N MET F 148 1.66 -18.37 17.56
CA MET F 148 1.19 -17.18 16.87
C MET F 148 0.38 -17.59 15.63
N TYR F 149 -0.77 -16.96 15.44
CA TYR F 149 -1.67 -17.31 14.37
C TYR F 149 -2.40 -16.05 13.95
N THR F 150 -2.72 -15.96 12.66
CA THR F 150 -3.44 -14.78 12.22
C THR F 150 -4.94 -14.96 12.43
N ASN F 151 -5.61 -13.83 12.67
CA ASN F 151 -7.04 -13.76 12.93
C ASN F 151 -7.48 -12.32 12.74
N VAL F 152 -8.13 -12.00 11.60
CA VAL F 152 -8.57 -10.66 11.18
C VAL F 152 -7.36 -9.80 10.80
N THR F 153 -7.45 -8.47 10.97
CA THR F 153 -6.33 -7.55 10.90
C THR F 153 -5.54 -7.61 12.22
N SER F 154 -5.18 -8.82 12.62
CA SER F 154 -4.54 -9.04 13.90
C SER F 154 -3.94 -10.43 13.91
N VAL F 155 -2.91 -10.59 14.74
CA VAL F 155 -2.33 -11.88 15.02
C VAL F 155 -2.29 -11.99 16.55
N ILE F 156 -2.40 -13.21 17.04
CA ILE F 156 -2.59 -13.44 18.46
C ILE F 156 -1.44 -14.28 18.97
N GLY F 157 -0.94 -13.92 20.16
CA GLY F 157 0.07 -14.71 20.84
C GLY F 157 -0.53 -15.47 22.01
N GLU F 158 -0.29 -16.78 22.03
CA GLU F 158 -0.62 -17.63 23.16
C GLU F 158 0.63 -18.37 23.60
N CYS F 159 0.99 -18.26 24.88
CA CYS F 159 2.16 -18.98 25.39
C CYS F 159 2.07 -19.14 26.90
N ILE F 160 2.62 -20.25 27.37
CA ILE F 160 2.67 -20.57 28.78
C ILE F 160 4.09 -20.31 29.30
N ILE F 161 4.22 -19.36 30.23
CA ILE F 161 5.48 -18.99 30.86
C ILE F 161 5.61 -19.72 32.17
N ALA F 162 6.78 -20.33 32.40
CA ALA F 162 7.12 -20.94 33.69
C ALA F 162 8.10 -20.05 34.45
N PHE F 163 7.71 -19.61 35.64
CA PHE F 163 8.70 -18.97 36.51
C PHE F 163 9.52 -20.03 37.26
N LYS F 164 10.84 -19.90 37.25
CA LYS F 164 11.64 -20.74 38.16
C LYS F 164 11.71 -20.14 39.57
N LEU F 165 11.38 -20.95 40.57
CA LEU F 165 11.39 -20.59 41.99
C LEU F 165 12.73 -20.95 42.66
N GLN F 166 12.98 -20.29 43.80
CA GLN F 166 14.24 -20.53 44.51
C GLN F 166 14.36 -21.98 44.92
N THR F 167 13.24 -22.62 45.27
CA THR F 167 13.21 -24.00 45.71
C THR F 167 13.30 -25.00 44.54
N GLY F 168 13.53 -24.54 43.32
CA GLY F 168 13.60 -25.41 42.18
C GLY F 168 12.28 -25.69 41.49
N LYS F 169 11.16 -25.69 42.22
CA LYS F 169 9.90 -25.95 41.52
C LYS F 169 9.47 -24.70 40.74
N HIS F 170 8.31 -24.78 40.08
CA HIS F 170 7.96 -23.76 39.11
C HIS F 170 6.56 -23.21 39.33
N PHE F 171 6.38 -21.96 38.87
CA PHE F 171 5.13 -21.22 38.93
C PHE F 171 4.84 -20.70 37.52
N THR F 172 3.74 -21.16 36.92
CA THR F 172 3.44 -20.86 35.51
C THR F 172 2.30 -19.88 35.36
N TYR F 173 2.36 -19.08 34.31
CA TYR F 173 1.18 -18.32 33.95
C TYR F 173 0.83 -18.59 32.48
N HIS F 174 -0.25 -17.95 32.02
CA HIS F 174 -0.78 -18.15 30.68
C HIS F 174 -1.02 -16.78 30.08
N MET F 175 -0.46 -16.54 28.90
CA MET F 175 -0.30 -15.19 28.37
C MET F 175 -0.89 -15.11 26.97
N ARG F 176 -2.06 -14.48 26.85
CA ARG F 176 -2.70 -14.23 25.56
C ARG F 176 -2.50 -12.77 25.17
N THR F 177 -2.05 -12.53 23.94
CA THR F 177 -1.71 -11.18 23.51
C THR F 177 -2.31 -10.92 22.12
N VAL F 178 -2.91 -9.73 21.97
CA VAL F 178 -3.54 -9.31 20.71
C VAL F 178 -2.58 -8.34 20.01
N TYR F 179 -1.61 -8.91 19.27
CA TYR F 179 -0.69 -8.11 18.43
C TYR F 179 -1.44 -7.62 17.19
N LYS F 180 -1.78 -6.34 17.16
CA LYS F 180 -2.46 -5.79 16.00
C LYS F 180 -1.75 -4.54 15.51
N SER F 181 -1.09 -4.66 14.36
CA SER F 181 -0.50 -3.51 13.69
C SER F 181 -1.50 -2.37 13.54
N LYS F 182 -1.00 -1.16 13.33
CA LYS F 182 -1.86 -0.02 13.02
C LYS F 182 -1.57 0.58 11.64
N LYS F 183 -0.45 0.22 11.01
CA LYS F 183 -0.30 0.38 9.58
C LYS F 183 -0.90 -0.85 8.89
N PRO F 184 -1.89 -0.70 8.02
CA PRO F 184 -2.68 -1.84 7.52
C PRO F 184 -1.94 -3.10 7.04
N VAL F 185 -0.65 -3.05 6.70
CA VAL F 185 0.18 -4.27 6.56
C VAL F 185 -0.22 -5.09 5.35
N GLU F 186 0.75 -5.69 4.64
CA GLU F 186 0.37 -6.62 3.58
C GLU F 186 0.08 -8.02 4.13
N THR F 187 1.07 -8.92 4.12
CA THR F 187 0.81 -10.29 4.55
C THR F 187 0.62 -10.39 6.07
N MET F 188 -0.29 -11.29 6.48
CA MET F 188 -0.66 -11.95 7.71
C MET F 188 -0.14 -13.38 7.69
N PRO F 189 0.41 -13.84 8.82
CA PRO F 189 1.21 -15.06 8.81
C PRO F 189 0.42 -16.33 9.03
N LEU F 190 1.02 -17.44 8.57
CA LEU F 190 0.54 -18.76 8.94
C LEU F 190 0.68 -18.94 10.45
N TYR F 191 -0.05 -19.91 10.98
CA TYR F 191 0.17 -20.42 12.32
C TYR F 191 1.64 -20.78 12.52
N HIS F 192 2.27 -20.16 13.51
CA HIS F 192 3.67 -20.47 13.78
C HIS F 192 4.00 -20.12 15.23
N PHE F 193 5.17 -20.61 15.65
CA PHE F 193 5.71 -20.37 16.99
C PHE F 193 6.87 -19.39 16.93
N ILE F 194 7.08 -18.74 18.06
CA ILE F 194 8.30 -18.03 18.35
C ILE F 194 8.94 -18.74 19.54
N GLN F 195 10.24 -19.00 19.44
CA GLN F 195 11.02 -19.47 20.58
C GLN F 195 11.57 -18.26 21.33
N HIS F 196 11.31 -18.22 22.64
CA HIS F 196 11.87 -17.22 23.53
C HIS F 196 12.83 -17.87 24.52
N ARG F 197 14.02 -17.28 24.72
CA ARG F 197 14.73 -17.45 26.00
C ARG F 197 15.15 -16.08 26.47
N LEU F 198 14.52 -15.64 27.56
CA LEU F 198 14.85 -14.39 28.24
C LEU F 198 15.44 -14.76 29.61
N VAL F 199 16.64 -14.23 29.86
CA VAL F 199 17.41 -14.45 31.08
C VAL F 199 18.08 -13.13 31.45
N LYS F 200 18.08 -12.79 32.74
CA LYS F 200 18.64 -11.49 33.10
C LYS F 200 20.14 -11.56 33.31
N THR F 201 20.78 -10.39 33.17
CA THR F 201 22.19 -10.28 32.87
C THR F 201 23.06 -10.02 34.10
N ASN F 202 22.87 -8.85 34.72
CA ASN F 202 23.96 -8.14 35.37
C ASN F 202 24.15 -8.52 36.84
N VAL F 203 23.06 -8.76 37.57
CA VAL F 203 22.99 -9.35 38.92
C VAL F 203 24.01 -8.77 39.90
N ASP F 204 24.00 -9.24 41.15
CA ASP F 204 25.12 -9.01 42.07
C ASP F 204 25.33 -7.55 42.48
N THR F 205 25.78 -6.73 41.52
CA THR F 205 25.88 -5.26 41.53
C THR F 205 25.51 -4.40 42.73
N ALA F 206 26.08 -3.20 42.75
CA ALA F 206 25.61 -2.07 43.55
C ALA F 206 24.60 -1.18 42.77
N SER F 207 23.99 -1.72 41.71
CA SER F 207 23.18 -0.94 40.76
C SER F 207 21.78 -0.59 41.22
N GLY F 208 20.87 -1.54 41.10
CA GLY F 208 19.46 -1.20 41.02
C GLY F 208 19.02 -0.90 39.62
N TYR F 209 19.76 -1.39 38.62
CA TYR F 209 19.25 -1.55 37.28
C TYR F 209 19.25 -3.05 36.98
N VAL F 210 18.09 -3.59 36.61
CA VAL F 210 17.98 -4.97 36.14
C VAL F 210 18.19 -4.92 34.64
N VAL F 211 19.24 -5.53 34.15
CA VAL F 211 19.32 -5.79 32.73
C VAL F 211 18.84 -7.21 32.51
N GLN F 212 17.92 -7.39 31.56
CA GLN F 212 17.70 -8.69 30.96
C GLN F 212 18.09 -8.61 29.49
N HIS F 213 18.21 -9.79 28.89
CA HIS F 213 18.46 -9.90 27.46
C HIS F 213 17.64 -11.07 26.92
N GLU F 214 16.92 -10.82 25.81
CA GLU F 214 15.97 -11.76 25.21
C GLU F 214 16.40 -12.11 23.80
N THR F 215 16.40 -13.40 23.49
CA THR F 215 16.34 -13.85 22.10
C THR F 215 14.90 -14.21 21.76
N ALA F 216 14.53 -13.98 20.48
CA ALA F 216 13.19 -14.34 19.99
C ALA F 216 13.26 -14.63 18.49
N ILE F 217 13.04 -15.90 18.13
CA ILE F 217 13.08 -16.41 16.75
C ILE F 217 11.68 -16.46 16.14
N ALA F 218 11.51 -17.25 15.07
CA ALA F 218 10.24 -17.85 14.65
C ALA F 218 10.57 -19.18 13.96
N ALA F 219 9.66 -20.15 14.07
CA ALA F 219 9.92 -21.44 13.42
C ALA F 219 8.62 -22.24 13.20
N HIS F 220 8.82 -23.50 12.83
CA HIS F 220 7.75 -24.45 12.49
C HIS F 220 7.78 -25.58 13.51
N SER F 221 7.67 -26.84 13.09
CA SER F 221 7.71 -27.98 14.02
C SER F 221 8.59 -29.07 13.43
N THR F 222 9.60 -29.47 14.18
CA THR F 222 10.63 -30.41 13.75
C THR F 222 10.07 -31.80 13.39
N ILE F 223 8.76 -32.00 13.57
CA ILE F 223 8.19 -33.34 13.42
C ILE F 223 7.74 -33.55 11.97
N LYS F 224 7.69 -34.82 11.56
CA LYS F 224 7.26 -35.26 10.23
C LYS F 224 5.77 -35.03 9.96
N LYS F 225 5.43 -33.90 9.33
CA LYS F 225 4.07 -33.72 8.81
C LYS F 225 3.74 -34.89 7.89
N ILE F 226 3.10 -35.92 8.44
CA ILE F 226 2.84 -37.16 7.70
C ILE F 226 1.98 -36.89 6.45
N GLU F 227 2.01 -37.85 5.51
CA GLU F 227 1.36 -37.84 4.19
C GLU F 227 -0.05 -37.24 4.16
N GLY F 228 -1.04 -37.96 4.69
CA GLY F 228 -2.45 -37.52 4.76
C GLY F 228 -2.58 -36.31 5.67
N SER F 229 -2.28 -35.14 5.10
CA SER F 229 -2.26 -33.78 5.70
C SER F 229 -2.98 -33.69 7.05
N LEU F 230 -4.29 -33.93 7.04
CA LEU F 230 -5.27 -33.84 8.17
C LEU F 230 -4.64 -33.78 9.55
N PRO F 231 -4.47 -32.57 10.11
CA PRO F 231 -4.96 -31.35 9.47
C PRO F 231 -4.01 -30.73 8.44
N THR G 2 17.74 -13.29 43.39
CA THR G 2 16.56 -12.53 43.02
C THR G 2 16.82 -11.01 42.91
N SER G 3 16.00 -10.32 42.10
CA SER G 3 16.31 -9.00 41.52
C SER G 3 16.51 -7.85 42.48
N LYS G 4 15.41 -7.32 43.03
CA LYS G 4 15.41 -6.30 44.07
C LYS G 4 15.95 -4.94 43.62
N VAL G 5 15.40 -3.85 44.17
CA VAL G 5 15.81 -2.49 43.88
C VAL G 5 16.15 -1.74 45.19
N TYR G 6 17.11 -0.80 45.11
CA TYR G 6 17.45 0.04 46.26
C TYR G 6 16.31 0.97 46.62
N ASP G 7 15.85 0.89 47.85
CA ASP G 7 15.14 2.03 48.38
C ASP G 7 16.11 3.22 48.37
N PRO G 8 15.77 4.35 47.73
CA PRO G 8 16.73 5.45 47.60
C PRO G 8 17.02 6.17 48.92
N GLU G 9 15.97 6.61 49.62
CA GLU G 9 16.10 7.41 50.85
C GLU G 9 16.97 6.77 51.93
N GLN G 10 17.53 5.60 51.63
CA GLN G 10 18.22 4.81 52.63
C GLN G 10 19.66 5.28 52.81
N ARG G 11 20.40 5.35 51.71
CA ARG G 11 21.85 5.58 51.76
C ARG G 11 22.20 6.89 52.44
N LYS G 12 21.32 7.90 52.33
CA LYS G 12 21.40 9.18 53.01
C LYS G 12 21.79 9.01 54.48
N ARG G 13 21.36 7.90 55.08
CA ARG G 13 21.63 7.61 56.49
C ARG G 13 21.89 6.11 56.69
N MET G 14 22.71 5.51 55.84
CA MET G 14 23.16 4.15 56.12
C MET G 14 24.17 4.16 57.27
N ILE G 15 23.89 3.35 58.29
CA ILE G 15 24.84 3.01 59.33
C ILE G 15 25.51 1.71 58.90
N THR G 16 26.79 1.77 58.54
CA THR G 16 27.50 0.58 58.10
C THR G 16 27.77 -0.38 59.28
N GLY G 17 28.53 -1.42 58.98
CA GLY G 17 28.93 -2.39 59.98
C GLY G 17 29.96 -1.82 60.97
N PRO G 18 31.12 -1.38 60.45
CA PRO G 18 32.09 -0.66 61.28
C PRO G 18 31.42 0.32 62.24
N GLN G 19 30.59 1.26 61.74
CA GLN G 19 30.07 2.22 62.71
C GLN G 19 28.83 1.71 63.42
N TRP G 20 28.50 0.43 63.30
CA TRP G 20 27.63 -0.18 64.32
C TRP G 20 28.45 -0.79 65.45
N TRP G 21 29.55 -1.44 65.09
CA TRP G 21 30.29 -2.22 66.06
C TRP G 21 31.05 -1.30 67.00
N ALA G 22 31.54 -0.18 66.45
CA ALA G 22 32.17 0.88 67.25
C ALA G 22 31.28 1.31 68.40
N ARG G 23 29.98 1.37 68.18
CA ARG G 23 29.07 1.84 69.21
C ARG G 23 28.69 0.75 70.19
N CYS G 24 29.28 -0.45 70.07
CA CYS G 24 29.01 -1.53 70.99
C CYS G 24 30.10 -1.73 72.04
N LYS G 25 29.70 -2.34 73.16
CA LYS G 25 30.56 -2.77 74.25
C LYS G 25 30.50 -4.29 74.35
N GLN G 26 31.44 -4.85 75.08
CA GLN G 26 31.46 -6.28 75.33
C GLN G 26 31.67 -6.51 76.81
N MET G 27 31.18 -7.65 77.29
CA MET G 27 31.34 -8.12 78.67
C MET G 27 31.64 -9.61 78.67
N ASN G 28 32.61 -10.01 79.53
CA ASN G 28 32.93 -11.42 79.76
C ASN G 28 31.71 -12.16 80.27
N VAL G 29 31.36 -13.27 79.63
CA VAL G 29 30.21 -14.02 80.08
C VAL G 29 30.59 -15.49 80.05
N LEU G 30 30.58 -16.12 81.22
CA LEU G 30 31.08 -17.48 81.30
C LEU G 30 32.44 -17.59 80.60
N ASP G 31 32.69 -18.73 79.96
CA ASP G 31 33.90 -18.93 79.19
C ASP G 31 34.03 -18.02 77.96
N SER G 32 33.17 -17.01 77.78
CA SER G 32 33.28 -16.22 76.57
C SER G 32 32.69 -14.82 76.80
N PHE G 33 32.36 -14.11 75.72
CA PHE G 33 31.83 -12.76 75.85
C PHE G 33 30.72 -12.41 74.85
N ILE G 34 29.82 -11.57 75.34
CA ILE G 34 28.75 -10.95 74.58
C ILE G 34 29.18 -9.53 74.18
N ASN G 35 29.47 -9.34 72.89
CA ASN G 35 29.25 -8.04 72.28
C ASN G 35 27.75 -7.71 72.27
N TYR G 36 27.41 -6.41 72.34
CA TYR G 36 26.07 -5.91 72.64
C TYR G 36 26.05 -4.38 72.57
N TYR G 37 24.83 -3.82 72.47
CA TYR G 37 24.56 -2.39 72.34
C TYR G 37 23.80 -1.92 73.57
N ASP G 38 24.08 -0.70 74.04
CA ASP G 38 23.46 -0.16 75.26
C ASP G 38 23.05 1.28 75.03
N SER G 39 21.74 1.53 75.02
CA SER G 39 21.25 2.90 75.07
C SER G 39 21.77 3.62 76.31
N GLU G 40 21.95 2.89 77.40
CA GLU G 40 22.66 3.31 78.61
C GLU G 40 21.82 4.12 79.59
N LYS G 41 21.19 5.22 79.14
CA LYS G 41 20.64 6.11 80.15
C LYS G 41 19.40 5.52 80.82
N HIS G 42 18.23 5.75 80.24
CA HIS G 42 16.98 5.65 80.99
C HIS G 42 16.81 4.28 81.61
N ALA G 43 17.59 4.00 82.66
CA ALA G 43 17.70 2.65 83.20
C ALA G 43 16.64 2.36 84.23
N GLU G 44 15.76 3.33 84.50
CA GLU G 44 14.48 3.08 85.17
C GLU G 44 13.84 1.79 84.65
N ASN G 45 13.71 1.68 83.32
CA ASN G 45 13.28 0.49 82.61
C ASN G 45 14.37 0.03 81.66
N ALA G 46 14.28 -1.22 81.23
CA ALA G 46 15.12 -1.73 80.17
C ALA G 46 14.27 -2.45 79.12
N VAL G 47 14.48 -2.14 77.85
CA VAL G 47 13.90 -2.90 76.74
C VAL G 47 15.02 -3.66 76.05
N ILE G 48 14.94 -4.99 76.08
CA ILE G 48 15.96 -5.85 75.49
C ILE G 48 15.47 -6.32 74.13
N PHE G 49 16.30 -6.13 73.11
CA PHE G 49 15.99 -6.45 71.74
C PHE G 49 16.77 -7.71 71.36
N LEU G 50 16.06 -8.71 70.84
CA LEU G 50 16.62 -10.03 70.56
C LEU G 50 16.43 -10.43 69.10
N HIS G 51 17.48 -10.22 68.31
CA HIS G 51 17.57 -10.77 66.97
C HIS G 51 17.54 -12.30 66.98
N GLY G 52 17.50 -12.88 65.77
CA GLY G 52 17.27 -14.28 65.50
C GLY G 52 18.26 -14.84 64.49
N ASN G 53 17.84 -15.90 63.80
CA ASN G 53 18.80 -16.63 62.98
C ASN G 53 19.32 -15.76 61.82
N ALA G 54 20.60 -15.97 61.52
CA ALA G 54 21.40 -15.31 60.48
C ALA G 54 21.74 -13.87 60.80
N THR G 55 20.90 -13.23 61.61
CA THR G 55 21.07 -11.81 61.88
C THR G 55 21.94 -11.60 63.15
N SER G 56 22.14 -10.33 63.49
CA SER G 56 22.90 -9.93 64.66
C SER G 56 22.14 -8.80 65.35
N SER G 57 22.80 -8.15 66.31
CA SER G 57 22.26 -6.93 66.92
C SER G 57 22.14 -5.84 65.89
N TYR G 58 22.98 -5.88 64.86
CA TYR G 58 22.92 -4.94 63.78
C TYR G 58 21.54 -4.91 63.11
N LEU G 59 20.74 -5.96 63.30
CA LEU G 59 19.42 -6.01 62.68
C LEU G 59 18.59 -4.81 63.08
N TRP G 60 18.76 -4.37 64.33
CA TRP G 60 17.82 -3.49 65.01
C TRP G 60 18.21 -2.03 64.94
N ARG G 61 19.18 -1.65 64.10
CA ARG G 61 19.78 -0.33 64.26
C ARG G 61 18.78 0.78 63.99
N HIS G 62 18.14 0.80 62.82
CA HIS G 62 17.22 1.89 62.54
C HIS G 62 15.95 1.83 63.38
N VAL G 63 15.65 0.67 63.98
CA VAL G 63 14.52 0.54 64.90
C VAL G 63 14.81 1.18 66.26
N VAL G 64 16.03 1.03 66.77
CA VAL G 64 16.31 1.29 68.19
C VAL G 64 16.33 2.79 68.57
N PRO G 65 16.65 3.73 67.66
CA PRO G 65 16.64 5.14 68.09
C PRO G 65 15.29 5.61 68.59
N HIS G 66 14.21 5.25 67.91
CA HIS G 66 12.89 5.73 68.28
C HIS G 66 12.56 5.40 69.73
N ILE G 67 13.00 4.23 70.21
CA ILE G 67 12.60 3.79 71.55
C ILE G 67 13.51 4.40 72.62
N GLU G 68 14.81 4.51 72.33
CA GLU G 68 15.85 4.92 73.28
C GLU G 68 15.47 6.07 74.21
N PRO G 69 14.72 7.08 73.75
CA PRO G 69 14.43 8.22 74.63
C PRO G 69 13.57 7.90 75.85
N VAL G 70 12.81 6.80 75.89
CA VAL G 70 12.03 6.52 77.07
C VAL G 70 12.56 5.34 77.90
N ALA G 71 13.46 4.52 77.37
CA ALA G 71 14.00 3.44 78.19
C ALA G 71 15.40 3.07 77.73
N ARG G 72 16.19 2.54 78.66
CA ARG G 72 17.46 1.92 78.31
C ARG G 72 17.19 0.75 77.37
N CYS G 73 17.93 0.68 76.28
CA CYS G 73 17.74 -0.39 75.30
C CYS G 73 19.05 -1.14 75.14
N ILE G 74 19.03 -2.42 75.49
CA ILE G 74 20.19 -3.29 75.29
C ILE G 74 19.88 -4.26 74.16
N ILE G 75 20.77 -4.33 73.18
CA ILE G 75 20.67 -5.26 72.05
C ILE G 75 21.93 -6.10 71.95
N PRO G 76 21.86 -7.37 72.30
CA PRO G 76 23.01 -8.27 72.21
C PRO G 76 23.15 -8.98 70.88
N ASP G 77 24.41 -9.15 70.43
CA ASP G 77 24.65 -10.27 69.52
C ASP G 77 24.43 -11.54 70.32
N LEU G 78 23.76 -12.50 69.72
CA LEU G 78 23.73 -13.79 70.36
C LEU G 78 25.07 -14.49 70.17
N ILE G 79 25.35 -15.46 71.07
CA ILE G 79 26.67 -16.10 71.06
C ILE G 79 26.85 -16.94 69.81
N GLY G 80 28.07 -16.90 69.24
CA GLY G 80 28.36 -17.46 67.94
C GLY G 80 28.10 -16.52 66.78
N MET G 81 27.30 -15.48 67.00
CA MET G 81 26.85 -14.58 65.96
C MET G 81 27.30 -13.15 66.27
N GLY G 82 27.29 -12.30 65.24
CA GLY G 82 27.82 -10.95 65.39
C GLY G 82 29.27 -11.00 65.87
N LYS G 83 29.66 -9.98 66.63
CA LYS G 83 31.02 -9.96 67.14
C LYS G 83 31.20 -10.76 68.42
N SER G 84 30.11 -11.11 69.11
CA SER G 84 30.14 -11.93 70.31
C SER G 84 31.06 -13.16 70.18
N GLY G 85 31.49 -13.71 71.31
CA GLY G 85 32.37 -14.87 71.29
C GLY G 85 31.66 -16.14 70.86
N LYS G 86 32.44 -17.17 70.57
CA LYS G 86 31.86 -18.47 70.28
C LYS G 86 31.46 -19.14 71.58
N SER G 87 30.85 -20.31 71.44
CA SER G 87 30.38 -21.10 72.57
C SER G 87 31.48 -22.06 73.01
N GLY G 88 31.38 -22.48 74.27
CA GLY G 88 32.50 -23.19 74.87
C GLY G 88 32.80 -24.50 74.18
N ASN G 89 31.78 -25.10 73.58
CA ASN G 89 31.90 -26.45 73.04
C ASN G 89 31.39 -26.51 71.60
N GLY G 90 31.31 -25.38 70.91
CA GLY G 90 30.94 -25.38 69.50
C GLY G 90 29.48 -25.70 69.25
N SER G 91 28.78 -26.00 70.33
CA SER G 91 27.38 -26.36 70.28
C SER G 91 26.54 -25.10 70.45
N TYR G 92 25.46 -25.02 69.64
CA TYR G 92 24.63 -23.82 69.48
C TYR G 92 23.14 -24.17 69.38
N ARG G 93 22.67 -25.18 70.10
CA ARG G 93 21.25 -25.45 70.19
C ARG G 93 20.60 -24.32 70.98
N LEU G 94 19.32 -24.48 71.29
CA LEU G 94 18.55 -23.32 71.72
C LEU G 94 18.87 -22.95 73.17
N LEU G 95 19.00 -23.96 74.04
CA LEU G 95 19.36 -23.76 75.45
C LEU G 95 20.81 -23.29 75.62
N ASP G 96 21.70 -23.58 74.67
CA ASP G 96 23.02 -22.98 74.72
C ASP G 96 22.91 -21.47 74.70
N HIS G 97 22.34 -20.96 73.62
CA HIS G 97 21.96 -19.57 73.50
C HIS G 97 21.27 -19.07 74.74
N TYR G 98 20.50 -19.94 75.40
CA TYR G 98 19.82 -19.54 76.62
C TYR G 98 20.78 -19.49 77.81
N LYS G 99 21.79 -20.36 77.83
CA LYS G 99 22.78 -20.35 78.91
C LYS G 99 23.56 -19.04 78.91
N TYR G 100 24.24 -18.73 77.80
CA TYR G 100 24.99 -17.50 77.75
C TYR G 100 24.11 -16.27 77.92
N LEU G 101 22.91 -16.28 77.33
CA LEU G 101 22.13 -15.04 77.34
C LEU G 101 21.61 -14.72 78.72
N THR G 102 21.19 -15.75 79.46
CA THR G 102 20.76 -15.54 80.84
C THR G 102 21.92 -15.02 81.68
N ALA G 103 23.06 -15.74 81.65
CA ALA G 103 24.24 -15.32 82.42
C ALA G 103 24.71 -13.94 82.02
N TRP G 104 24.37 -13.51 80.80
CA TRP G 104 24.68 -12.14 80.43
C TRP G 104 23.71 -11.17 81.07
N PHE G 105 22.44 -11.56 81.17
CA PHE G 105 21.44 -10.72 81.82
C PHE G 105 21.94 -10.33 83.21
N GLU G 106 22.35 -11.33 83.97
CA GLU G 106 22.75 -11.14 85.35
C GLU G 106 23.87 -10.12 85.47
N LEU G 107 24.64 -9.88 84.42
CA LEU G 107 25.74 -8.95 84.47
C LEU G 107 25.35 -7.50 84.22
N LEU G 108 24.13 -7.24 83.76
CA LEU G 108 23.74 -5.94 83.23
C LEU G 108 23.15 -4.98 84.26
N ASN G 109 22.98 -5.39 85.51
CA ASN G 109 22.31 -4.56 86.51
C ASN G 109 20.93 -4.14 85.97
N LEU G 110 20.11 -5.16 85.69
CA LEU G 110 18.83 -4.94 85.04
C LEU G 110 17.77 -4.50 86.04
N PRO G 111 16.75 -3.80 85.58
CA PRO G 111 15.54 -3.67 86.39
C PRO G 111 14.98 -5.05 86.64
N LYS G 112 14.10 -5.16 87.61
CA LYS G 112 13.48 -6.44 87.86
C LYS G 112 12.13 -6.58 87.17
N LYS G 113 11.85 -5.69 86.21
CA LYS G 113 10.67 -5.76 85.35
C LYS G 113 11.12 -5.30 83.97
N ILE G 114 11.32 -6.24 83.04
CA ILE G 114 11.97 -5.96 81.76
C ILE G 114 10.95 -6.04 80.62
N ILE G 115 11.27 -5.33 79.53
CA ILE G 115 10.55 -5.38 78.26
C ILE G 115 11.42 -6.09 77.23
N PHE G 116 10.84 -7.07 76.54
CA PHE G 116 11.54 -7.81 75.52
C PHE G 116 10.96 -7.54 74.13
N VAL G 117 11.84 -7.54 73.13
CA VAL G 117 11.48 -7.30 71.74
C VAL G 117 12.16 -8.40 70.94
N GLY G 118 11.42 -9.47 70.62
CA GLY G 118 11.97 -10.65 69.98
C GLY G 118 11.56 -10.81 68.53
N HIS G 119 12.47 -11.39 67.74
CA HIS G 119 12.31 -11.63 66.32
C HIS G 119 12.83 -13.02 66.01
N ASP G 120 12.03 -13.80 65.31
CA ASP G 120 12.48 -15.14 64.87
C ASP G 120 12.78 -15.94 66.14
N TRP G 121 13.86 -16.73 66.14
CA TRP G 121 14.24 -17.48 67.32
C TRP G 121 14.58 -16.58 68.51
N GLY G 122 14.89 -15.31 68.27
CA GLY G 122 15.12 -14.40 69.38
C GLY G 122 13.92 -14.28 70.29
N ALA G 123 12.71 -14.30 69.69
CA ALA G 123 11.49 -14.35 70.48
C ALA G 123 11.47 -15.60 71.35
N ALA G 124 11.86 -16.73 70.76
CA ALA G 124 11.86 -18.00 71.45
C ALA G 124 12.64 -17.91 72.73
N LEU G 125 13.87 -17.37 72.65
CA LEU G 125 14.65 -17.03 73.81
C LEU G 125 13.84 -16.20 74.80
N ALA G 126 13.28 -15.08 74.33
CA ALA G 126 12.57 -14.19 75.26
C ALA G 126 11.35 -14.90 75.90
N PHE G 127 10.54 -15.60 75.10
CA PHE G 127 9.41 -16.35 75.67
C PHE G 127 9.90 -17.32 76.73
N HIS G 128 10.97 -18.06 76.43
CA HIS G 128 11.42 -19.10 77.33
C HIS G 128 12.04 -18.49 78.56
N TYR G 129 12.64 -17.32 78.42
CA TYR G 129 13.03 -16.59 79.63
C TYR G 129 11.80 -16.22 80.43
N ALA G 130 10.80 -15.60 79.78
CA ALA G 130 9.66 -15.07 80.51
C ALA G 130 8.97 -16.16 81.32
N TYR G 131 8.60 -17.26 80.64
CA TYR G 131 8.10 -18.47 81.29
C TYR G 131 8.80 -18.76 82.63
N GLU G 132 10.15 -18.82 82.63
CA GLU G 132 10.95 -19.15 83.80
C GLU G 132 11.23 -17.98 84.72
N HIS G 133 10.90 -16.75 84.34
CA HIS G 133 11.25 -15.60 85.17
C HIS G 133 10.07 -14.65 85.29
N GLN G 134 8.87 -15.19 85.50
CA GLN G 134 7.67 -14.43 85.20
C GLN G 134 7.58 -13.17 86.04
N ASP G 135 8.15 -13.18 87.24
CA ASP G 135 8.13 -11.95 88.03
C ASP G 135 8.92 -10.82 87.38
N ARG G 136 9.60 -11.07 86.26
CA ARG G 136 10.56 -10.15 85.67
C ARG G 136 10.05 -9.43 84.41
N ILE G 137 8.82 -9.70 83.97
CA ILE G 137 8.40 -9.39 82.59
C ILE G 137 7.47 -8.20 82.64
N LYS G 138 7.99 -7.04 82.23
CA LYS G 138 7.20 -5.83 82.30
C LYS G 138 6.23 -5.73 81.13
N ALA G 139 6.58 -6.37 80.00
CA ALA G 139 5.79 -6.50 78.78
C ALA G 139 6.62 -7.20 77.71
N ILE G 140 5.98 -7.67 76.62
CA ILE G 140 6.64 -8.39 75.54
C ILE G 140 6.24 -7.81 74.19
N VAL G 141 7.18 -7.80 73.24
CA VAL G 141 6.98 -7.41 71.85
C VAL G 141 7.57 -8.49 70.97
N HIS G 142 6.81 -9.00 70.00
CA HIS G 142 7.35 -10.03 69.12
C HIS G 142 6.89 -9.82 67.67
N MET G 143 7.46 -10.67 66.79
CA MET G 143 7.37 -10.52 65.34
C MET G 143 8.02 -11.73 64.65
N GLU G 144 7.40 -12.27 63.57
CA GLU G 144 7.98 -13.41 62.85
C GLU G 144 8.42 -14.50 63.83
N SER G 145 7.58 -14.74 64.82
CA SER G 145 7.97 -15.30 66.10
C SER G 145 7.75 -16.81 66.15
N VAL G 146 8.59 -17.50 66.95
CA VAL G 146 8.26 -18.89 67.25
C VAL G 146 7.15 -18.90 68.29
N VAL G 147 5.98 -18.35 67.93
CA VAL G 147 4.74 -18.73 68.56
C VAL G 147 4.52 -20.21 68.29
N ASP G 148 4.16 -20.95 69.33
CA ASP G 148 3.77 -22.37 69.28
C ASP G 148 4.48 -23.35 68.35
N VAL G 149 4.11 -24.62 68.46
CA VAL G 149 4.78 -25.67 67.71
C VAL G 149 4.19 -25.73 66.31
N ILE G 150 4.78 -26.56 65.44
CA ILE G 150 4.43 -26.64 64.03
C ILE G 150 3.84 -28.02 63.77
N GLU G 151 2.53 -28.05 63.58
CA GLU G 151 1.83 -29.26 63.18
C GLU G 151 1.30 -29.18 61.76
N SER G 152 0.62 -28.09 61.43
CA SER G 152 0.01 -27.92 60.11
C SER G 152 0.69 -26.76 59.40
N TRP G 153 1.47 -27.05 58.35
CA TRP G 153 1.97 -26.01 57.47
C TRP G 153 0.82 -25.12 56.97
N ASP G 154 0.20 -25.53 55.90
CA ASP G 154 -0.90 -24.73 55.38
C ASP G 154 -0.43 -23.30 55.15
N GLU G 155 -0.75 -22.39 56.06
CA GLU G 155 -0.42 -21.04 55.70
C GLU G 155 1.04 -20.72 56.03
N TRP G 156 1.87 -21.75 56.05
CA TRP G 156 3.30 -21.62 56.25
C TRP G 156 4.02 -21.54 54.90
N PRO G 157 5.10 -20.77 54.81
CA PRO G 157 5.89 -20.74 53.57
C PRO G 157 6.31 -22.14 53.15
N ASP G 158 6.49 -22.30 51.85
CA ASP G 158 6.76 -23.61 51.28
C ASP G 158 8.17 -24.02 51.68
N ILE G 159 8.44 -24.07 52.98
CA ILE G 159 9.80 -24.29 53.47
C ILE G 159 10.00 -25.68 54.01
N GLU G 160 8.97 -26.51 54.06
CA GLU G 160 9.15 -27.93 54.33
C GLU G 160 10.17 -28.50 53.35
N GLU G 161 10.55 -29.77 53.53
CA GLU G 161 11.46 -30.42 52.61
C GLU G 161 12.81 -29.73 52.58
N ASP G 162 12.85 -28.44 52.24
CA ASP G 162 14.02 -27.63 52.57
C ASP G 162 14.38 -27.79 54.06
N ILE G 163 13.38 -27.72 54.93
CA ILE G 163 13.59 -27.95 56.36
C ILE G 163 14.11 -29.35 56.61
N ALA G 164 13.55 -30.34 55.91
CA ALA G 164 14.03 -31.70 56.08
C ALA G 164 15.38 -31.87 55.43
N LEU G 165 15.66 -31.02 54.45
CA LEU G 165 16.98 -30.99 53.84
C LEU G 165 18.04 -30.48 54.82
N ILE G 166 17.66 -29.61 55.75
CA ILE G 166 18.64 -29.04 56.67
C ILE G 166 18.85 -29.94 57.87
N LYS G 167 17.77 -30.51 58.39
CA LYS G 167 17.79 -31.48 59.48
C LYS G 167 18.46 -32.74 58.99
N SER G 168 18.89 -32.73 57.74
CA SER G 168 19.51 -33.86 57.09
C SER G 168 21.01 -33.62 56.98
N GLU G 169 21.73 -34.73 56.85
CA GLU G 169 23.18 -34.70 56.68
C GLU G 169 23.61 -33.71 55.61
N GLU G 170 22.72 -33.36 54.69
CA GLU G 170 23.07 -32.38 53.66
C GLU G 170 23.37 -31.03 54.27
N GLY G 171 22.66 -30.67 55.35
CA GLY G 171 22.70 -29.30 55.84
C GLY G 171 24.09 -28.78 56.09
N GLU G 172 24.91 -29.59 56.76
CA GLU G 172 26.29 -29.19 57.03
C GLU G 172 26.95 -28.60 55.78
N LYS G 173 27.12 -29.41 54.75
CA LYS G 173 27.79 -28.88 53.56
C LYS G 173 26.86 -28.02 52.71
N MET G 174 25.71 -27.61 53.24
CA MET G 174 24.82 -26.70 52.55
C MET G 174 24.82 -25.30 53.16
N VAL G 175 25.15 -25.18 54.44
CA VAL G 175 25.26 -23.88 55.11
C VAL G 175 26.68 -23.59 55.55
N LEU G 176 27.38 -24.58 56.11
CA LEU G 176 28.80 -24.39 56.38
C LEU G 176 29.54 -24.12 55.09
N GLU G 177 29.41 -25.05 54.12
CA GLU G 177 30.11 -24.88 52.85
C GLU G 177 29.52 -23.73 52.04
N ASN G 178 28.22 -23.47 52.18
CA ASN G 178 27.53 -22.59 51.25
C ASN G 178 26.80 -21.41 51.86
N ASN G 179 26.91 -21.19 53.18
CA ASN G 179 26.41 -19.96 53.81
C ASN G 179 24.98 -19.63 53.35
N PHE G 180 24.14 -20.67 53.29
CA PHE G 180 22.85 -20.58 52.59
C PHE G 180 21.92 -19.57 53.24
N PHE G 181 21.88 -19.53 54.57
CA PHE G 181 20.99 -18.58 55.23
C PHE G 181 21.51 -17.15 55.20
N VAL G 182 22.81 -16.95 55.02
CA VAL G 182 23.30 -15.59 54.96
C VAL G 182 23.17 -15.05 53.54
N GLU G 183 23.73 -15.76 52.56
CA GLU G 183 23.83 -15.24 51.19
C GLU G 183 22.54 -15.40 50.40
N THR G 184 21.85 -16.53 50.57
CA THR G 184 20.71 -16.87 49.74
C THR G 184 19.39 -16.44 50.36
N VAL G 185 19.18 -16.71 51.65
CA VAL G 185 17.87 -16.47 52.26
C VAL G 185 17.72 -15.02 52.70
N LEU G 186 18.77 -14.46 53.32
CA LEU G 186 18.68 -13.15 53.96
C LEU G 186 18.31 -12.02 53.00
N PRO G 187 19.00 -11.81 51.87
CA PRO G 187 18.53 -10.76 50.94
C PRO G 187 17.20 -11.09 50.35
N SER G 188 17.00 -12.38 50.03
CA SER G 188 15.71 -12.86 49.58
C SER G 188 14.57 -12.30 50.43
N LYS G 189 14.61 -12.54 51.73
CA LYS G 189 13.44 -12.21 52.55
C LYS G 189 13.54 -10.82 53.18
N ILE G 190 14.32 -9.94 52.57
CA ILE G 190 14.09 -8.50 52.62
C ILE G 190 13.45 -8.07 51.31
N MET G 191 12.54 -7.09 51.36
CA MET G 191 11.91 -6.62 50.12
C MET G 191 12.88 -5.77 49.31
N ARG G 192 13.46 -4.74 49.94
CA ARG G 192 14.45 -3.88 49.30
C ARG G 192 15.75 -4.65 49.07
N LYS G 193 16.63 -4.08 48.25
CA LYS G 193 17.98 -4.61 48.18
C LYS G 193 18.81 -3.92 49.25
N LEU G 194 19.58 -4.69 50.01
CA LEU G 194 20.48 -4.06 50.94
C LEU G 194 21.58 -3.34 50.16
N GLU G 195 21.97 -2.17 50.66
CA GLU G 195 23.10 -1.49 50.05
C GLU G 195 24.33 -2.37 50.24
N PRO G 196 25.31 -2.30 49.33
CA PRO G 196 26.41 -3.29 49.38
C PRO G 196 27.13 -3.38 50.74
N GLU G 197 27.15 -2.32 51.56
CA GLU G 197 27.76 -2.46 52.90
C GLU G 197 26.80 -3.03 53.92
N GLU G 198 25.48 -2.89 53.71
CA GLU G 198 24.53 -3.47 54.66
C GLU G 198 24.59 -4.98 54.61
N PHE G 199 24.55 -5.54 53.41
CA PHE G 199 24.82 -6.96 53.29
C PHE G 199 26.20 -7.29 53.86
N ALA G 200 27.19 -6.46 53.57
CA ALA G 200 28.53 -6.65 54.13
C ALA G 200 28.46 -6.89 55.65
N ALA G 201 27.64 -6.12 56.36
CA ALA G 201 27.57 -6.27 57.81
C ALA G 201 26.98 -7.62 58.20
N TYR G 202 25.91 -8.04 57.53
CA TYR G 202 25.30 -9.30 57.93
C TYR G 202 26.23 -10.47 57.64
N LEU G 203 27.10 -10.32 56.64
CA LEU G 203 27.94 -11.41 56.19
C LEU G 203 29.21 -11.58 57.05
N GLU G 204 29.85 -10.47 57.51
CA GLU G 204 31.15 -10.48 58.21
C GLU G 204 31.34 -11.61 59.22
N PRO G 205 30.48 -11.78 60.21
CA PRO G 205 30.61 -12.96 61.08
C PRO G 205 30.74 -14.29 60.35
N PHE G 206 29.98 -14.50 59.27
CA PHE G 206 29.98 -15.83 58.67
C PHE G 206 30.60 -15.85 57.30
N LYS G 207 31.44 -14.87 56.98
CA LYS G 207 32.04 -14.77 55.65
C LYS G 207 33.11 -15.84 55.41
N GLU G 208 32.96 -17.00 56.02
CA GLU G 208 34.06 -17.96 56.12
C GLU G 208 33.52 -19.38 56.17
N LYS G 209 34.00 -20.23 55.27
CA LYS G 209 33.62 -21.64 55.31
C LYS G 209 34.08 -22.27 56.62
N GLY G 210 33.39 -23.33 57.03
CA GLY G 210 33.75 -24.06 58.22
C GLY G 210 32.68 -23.98 59.29
N GLU G 211 33.05 -24.39 60.50
N GLU G 211 33.05 -24.40 60.51
CA GLU G 211 32.08 -24.54 61.59
CA GLU G 211 32.08 -24.54 61.59
C GLU G 211 31.77 -23.22 62.29
C GLU G 211 31.62 -23.19 62.14
N VAL G 212 32.31 -22.09 61.85
CA VAL G 212 31.91 -20.79 62.40
C VAL G 212 30.56 -20.37 61.83
N ARG G 213 30.10 -21.02 60.76
CA ARG G 213 28.71 -20.82 60.35
C ARG G 213 27.71 -21.68 61.10
N ARG G 214 28.15 -22.64 61.91
CA ARG G 214 27.25 -23.64 62.49
C ARG G 214 26.02 -23.09 63.20
N PRO G 215 26.08 -21.96 63.88
CA PRO G 215 24.81 -21.39 64.38
C PRO G 215 23.74 -21.22 63.30
N THR G 216 24.10 -20.70 62.12
CA THR G 216 23.05 -20.53 61.10
C THR G 216 22.43 -21.86 60.65
N LEU G 217 23.16 -22.96 60.78
CA LEU G 217 22.62 -24.30 60.52
C LEU G 217 21.80 -24.83 61.68
N SER G 218 22.19 -24.52 62.93
CA SER G 218 21.66 -25.24 64.07
C SER G 218 20.42 -24.59 64.66
N TRP G 219 20.20 -23.30 64.38
CA TRP G 219 18.91 -22.70 64.70
C TRP G 219 17.77 -23.42 63.96
N PRO G 220 17.84 -23.62 62.63
CA PRO G 220 16.74 -24.35 61.98
C PRO G 220 16.60 -25.77 62.50
N ARG G 221 17.69 -26.41 62.94
CA ARG G 221 17.44 -27.78 63.39
C ARG G 221 16.68 -27.82 64.69
N GLU G 222 16.38 -26.66 65.29
CA GLU G 222 15.55 -26.61 66.49
C GLU G 222 14.08 -26.59 66.18
N ILE G 223 13.68 -26.69 64.92
CA ILE G 223 12.31 -26.33 64.52
C ILE G 223 11.31 -27.17 65.30
N PRO G 224 10.37 -26.58 65.98
CA PRO G 224 9.42 -27.31 66.84
C PRO G 224 8.29 -28.02 66.09
N LEU G 225 8.66 -28.90 65.15
CA LEU G 225 7.69 -29.79 64.52
C LEU G 225 7.34 -30.91 65.48
N VAL G 226 6.05 -31.12 65.76
CA VAL G 226 5.70 -32.21 66.66
C VAL G 226 6.09 -33.58 66.11
N LYS G 227 6.24 -33.70 64.79
CA LYS G 227 6.65 -34.98 64.22
C LYS G 227 8.00 -34.77 63.58
N GLY G 228 9.05 -35.36 64.17
CA GLY G 228 10.40 -35.20 63.69
C GLY G 228 11.14 -33.95 64.15
N GLY G 229 10.52 -33.14 65.01
CA GLY G 229 11.21 -32.01 65.59
C GLY G 229 11.81 -32.43 66.93
N LYS G 230 13.03 -31.89 67.22
CA LYS G 230 13.76 -32.12 68.48
C LYS G 230 12.83 -32.05 69.68
N PRO G 231 12.51 -33.22 70.26
CA PRO G 231 11.45 -33.27 71.26
C PRO G 231 11.58 -32.20 72.33
N ASP G 232 12.79 -32.08 72.89
CA ASP G 232 13.05 -31.15 73.99
C ASP G 232 12.57 -29.74 73.65
N VAL G 233 12.89 -29.27 72.44
CA VAL G 233 12.44 -27.96 71.99
C VAL G 233 10.93 -27.89 71.83
N VAL G 234 10.33 -28.92 71.25
CA VAL G 234 8.88 -28.88 71.12
C VAL G 234 8.25 -28.75 72.50
N GLN G 235 8.84 -29.44 73.50
CA GLN G 235 8.33 -29.36 74.87
C GLN G 235 8.56 -27.99 75.48
N ILE G 236 9.73 -27.40 75.23
CA ILE G 236 9.99 -26.00 75.52
C ILE G 236 8.89 -25.10 74.97
N VAL G 237 8.78 -24.99 73.64
CA VAL G 237 7.78 -24.07 73.08
C VAL G 237 6.38 -24.48 73.51
N ARG G 238 6.11 -25.77 73.65
CA ARG G 238 4.83 -26.14 74.25
C ARG G 238 4.67 -25.47 75.61
N ASN G 239 5.77 -25.36 76.36
CA ASN G 239 5.65 -24.89 77.74
C ASN G 239 5.45 -23.38 77.83
N TYR G 240 6.20 -22.59 77.06
CA TYR G 240 5.98 -21.16 77.12
C TYR G 240 4.69 -20.75 76.43
N ASN G 241 4.28 -21.47 75.39
CA ASN G 241 2.96 -21.26 74.78
C ASN G 241 1.87 -21.25 75.84
N ALA G 242 1.81 -22.34 76.62
CA ALA G 242 0.73 -22.52 77.58
C ALA G 242 0.68 -21.39 78.60
N TYR G 243 1.84 -20.85 78.96
CA TYR G 243 1.84 -19.72 79.90
C TYR G 243 1.61 -18.40 79.18
N LEU G 244 2.18 -18.24 77.98
CA LEU G 244 1.77 -17.13 77.10
C LEU G 244 0.25 -17.06 76.96
N ARG G 245 -0.40 -18.21 76.70
CA ARG G 245 -1.84 -18.20 76.53
C ARG G 245 -2.55 -17.88 77.82
N ALA G 246 -1.85 -17.97 78.95
CA ALA G 246 -2.40 -17.57 80.23
C ALA G 246 -2.01 -16.16 80.64
N SER G 247 -0.97 -15.61 80.02
CA SER G 247 -0.29 -14.40 80.46
C SER G 247 -1.17 -13.16 80.50
N ASP G 248 -2.32 -13.25 81.16
CA ASP G 248 -3.37 -12.25 80.99
C ASP G 248 -2.93 -10.89 81.57
N ASP G 249 -2.05 -10.91 82.55
CA ASP G 249 -1.52 -9.70 83.18
C ASP G 249 -0.40 -9.05 82.37
N LEU G 250 0.18 -9.74 81.41
CA LEU G 250 1.38 -9.27 80.76
C LEU G 250 1.03 -8.57 79.46
N PRO G 251 1.17 -7.25 79.38
CA PRO G 251 0.92 -6.54 78.11
C PRO G 251 1.80 -7.06 76.99
N LYS G 252 1.20 -7.24 75.81
CA LYS G 252 1.94 -7.64 74.62
C LYS G 252 1.63 -6.72 73.44
N LEU G 253 2.59 -6.62 72.52
CA LEU G 253 2.37 -6.02 71.21
C LEU G 253 2.96 -6.95 70.15
N PHE G 254 2.16 -7.26 69.13
CA PHE G 254 2.58 -8.14 68.05
C PHE G 254 2.62 -7.35 66.75
N ILE G 255 3.66 -7.56 65.96
CA ILE G 255 3.83 -6.87 64.70
C ILE G 255 3.89 -7.94 63.61
N GLU G 256 2.81 -8.06 62.85
CA GLU G 256 2.86 -8.86 61.64
C GLU G 256 3.38 -8.01 60.50
N SER G 257 4.16 -8.62 59.62
CA SER G 257 4.66 -7.99 58.42
C SER G 257 3.88 -8.48 57.19
N ASP G 258 3.79 -7.61 56.18
CA ASP G 258 2.82 -7.77 55.10
C ASP G 258 3.45 -7.59 53.72
N PRO G 259 3.64 -8.66 52.94
CA PRO G 259 3.18 -10.05 53.14
C PRO G 259 3.76 -10.72 54.41
N GLY G 260 5.00 -10.36 54.74
CA GLY G 260 5.62 -11.21 55.72
C GLY G 260 6.13 -12.50 55.10
N PHE G 261 6.49 -13.42 55.98
CA PHE G 261 6.99 -14.75 55.62
C PHE G 261 6.24 -15.74 56.49
N PHE G 262 6.57 -15.76 57.80
CA PHE G 262 5.90 -16.60 58.81
C PHE G 262 4.61 -15.98 59.33
N SER G 263 4.49 -14.66 59.29
CA SER G 263 3.40 -13.91 59.91
C SER G 263 2.04 -14.59 59.78
N ASN G 264 1.51 -14.51 58.57
CA ASN G 264 0.36 -15.22 58.03
C ASN G 264 0.12 -16.53 58.74
N ALA G 265 1.12 -17.40 58.72
CA ALA G 265 1.01 -18.68 59.43
C ALA G 265 0.97 -18.55 60.95
N ILE G 266 1.50 -17.50 61.57
CA ILE G 266 1.56 -17.54 63.05
C ILE G 266 0.58 -16.60 63.74
N VAL G 267 -0.14 -15.73 63.03
CA VAL G 267 -0.88 -14.71 63.78
C VAL G 267 -2.12 -15.30 64.46
N GLU G 268 -2.65 -16.42 63.96
CA GLU G 268 -3.67 -17.13 64.73
C GLU G 268 -3.17 -17.41 66.16
N GLY G 269 -2.03 -18.11 66.27
CA GLY G 269 -1.50 -18.45 67.58
C GLY G 269 -1.20 -17.23 68.44
N ALA G 270 -0.73 -16.15 67.82
CA ALA G 270 -0.57 -14.86 68.49
C ALA G 270 -1.82 -14.44 69.23
N LYS G 271 -2.91 -14.17 68.50
CA LYS G 271 -4.11 -13.61 69.14
C LYS G 271 -4.74 -14.57 70.13
N LYS G 272 -4.23 -15.80 70.21
CA LYS G 272 -4.46 -16.64 71.39
C LYS G 272 -3.58 -16.26 72.63
N PHE G 273 -2.79 -15.17 72.60
CA PHE G 273 -2.16 -14.66 73.83
C PHE G 273 -2.83 -13.35 74.23
N PRO G 274 -3.42 -13.25 75.42
CA PRO G 274 -4.14 -12.03 75.83
C PRO G 274 -3.30 -10.77 75.84
N ASN G 275 -3.99 -9.66 76.07
CA ASN G 275 -3.39 -8.34 76.21
C ASN G 275 -2.56 -7.95 74.98
N THR G 276 -2.78 -8.56 73.83
CA THR G 276 -1.96 -8.26 72.65
C THR G 276 -2.56 -7.10 71.87
N GLU G 277 -1.78 -6.02 71.76
CA GLU G 277 -2.01 -4.97 70.79
C GLU G 277 -1.40 -5.41 69.46
N PHE G 278 -2.02 -4.95 68.36
CA PHE G 278 -1.82 -5.55 67.05
C PHE G 278 -1.62 -4.50 65.97
N VAL G 279 -0.58 -4.68 65.15
CA VAL G 279 -0.13 -3.64 64.21
C VAL G 279 0.55 -4.33 63.03
N LYS G 280 0.71 -3.55 61.94
CA LYS G 280 1.11 -4.08 60.64
C LYS G 280 2.17 -3.18 60.03
N VAL G 281 3.13 -3.78 59.31
CA VAL G 281 4.17 -3.05 58.62
C VAL G 281 4.45 -3.76 57.30
N LYS G 282 5.33 -3.16 56.49
CA LYS G 282 5.61 -3.57 55.12
C LYS G 282 6.16 -4.99 54.97
N GLY G 283 7.42 -5.09 54.58
CA GLY G 283 7.98 -6.21 53.85
C GLY G 283 7.76 -7.68 54.18
N LEU G 284 8.88 -8.37 54.33
CA LEU G 284 8.92 -9.83 54.32
C LEU G 284 9.29 -10.35 55.70
N HIS G 285 10.28 -11.24 55.84
CA HIS G 285 10.65 -11.82 57.14
C HIS G 285 11.45 -10.83 57.98
N PHE G 286 12.50 -10.26 57.40
CA PHE G 286 13.32 -9.28 58.06
C PHE G 286 12.65 -7.91 58.01
N LEU G 287 11.50 -7.81 58.69
CA LEU G 287 10.69 -6.60 58.59
C LEU G 287 11.42 -5.36 59.06
N GLN G 288 12.45 -5.54 59.91
CA GLN G 288 13.24 -4.41 60.39
C GLN G 288 13.96 -3.69 59.26
N GLU G 289 14.25 -4.39 58.16
CA GLU G 289 14.92 -3.77 57.02
C GLU G 289 13.96 -3.18 56.00
N ASP G 290 12.65 -3.12 56.30
CA ASP G 290 11.72 -2.51 55.36
C ASP G 290 10.76 -1.52 55.98
N ALA G 291 10.50 -1.59 57.28
CA ALA G 291 9.68 -0.57 57.95
C ALA G 291 10.28 -0.21 59.29
N PRO G 292 11.56 0.14 59.34
CA PRO G 292 12.21 0.31 60.64
C PRO G 292 11.63 1.44 61.46
N ASP G 293 11.42 2.61 60.83
CA ASP G 293 10.85 3.75 61.53
C ASP G 293 9.45 3.49 62.07
N GLU G 294 8.58 2.82 61.30
CA GLU G 294 7.22 2.61 61.79
C GLU G 294 7.20 1.57 62.88
N MET G 295 7.94 0.47 62.69
CA MET G 295 8.31 -0.40 63.79
C MET G 295 8.68 0.46 64.99
N GLY G 296 9.72 1.28 64.79
CA GLY G 296 10.16 2.27 65.75
C GLY G 296 9.04 2.88 66.55
N LYS G 297 8.19 3.69 65.89
CA LYS G 297 7.23 4.43 66.69
C LYS G 297 6.04 3.60 67.10
N TYR G 298 5.95 2.36 66.62
CA TYR G 298 4.90 1.51 67.17
C TYR G 298 5.35 0.88 68.48
N ILE G 299 6.64 0.57 68.61
CA ILE G 299 7.15 0.10 69.90
C ILE G 299 7.16 1.24 70.91
N LYS G 300 7.52 2.45 70.49
CA LYS G 300 7.65 3.56 71.43
C LYS G 300 6.33 3.87 72.12
N SER G 301 5.27 4.11 71.34
CA SER G 301 3.95 4.38 71.92
C SER G 301 3.44 3.21 72.74
N PHE G 302 3.76 1.99 72.34
CA PHE G 302 3.40 0.84 73.16
C PHE G 302 4.01 0.97 74.55
N VAL G 303 5.33 1.18 74.64
CA VAL G 303 5.95 1.19 75.97
C VAL G 303 5.47 2.38 76.78
N GLU G 304 5.24 3.52 76.12
CA GLU G 304 4.53 4.62 76.78
C GLU G 304 3.20 4.17 77.37
N ARG G 305 2.53 3.21 76.72
CA ARG G 305 1.27 2.69 77.26
C ARG G 305 1.50 1.83 78.50
N VAL G 306 2.51 0.94 78.49
CA VAL G 306 2.72 0.12 79.68
C VAL G 306 3.18 0.98 80.84
N LEU G 307 3.66 2.19 80.58
CA LEU G 307 3.95 3.14 81.66
C LEU G 307 2.72 4.03 81.86
N LYS G 308 1.70 3.45 82.52
CA LYS G 308 0.57 4.13 83.13
C LYS G 308 0.18 3.29 84.35
N ASN G 309 0.97 3.39 85.42
CA ASN G 309 0.77 2.57 86.60
C ASN G 309 0.67 3.46 87.84
N THR H 2 -14.45 -33.14 8.15
CA THR H 2 -14.00 -33.07 9.52
C THR H 2 -13.70 -34.46 10.05
N SER H 3 -14.77 -35.17 10.40
CA SER H 3 -14.66 -36.42 11.13
C SER H 3 -15.95 -37.23 11.01
N LYS H 4 -16.71 -37.32 12.11
CA LYS H 4 -18.07 -37.88 12.10
C LYS H 4 -18.11 -39.38 11.85
N VAL H 5 -19.08 -40.08 12.46
CA VAL H 5 -19.23 -41.51 12.20
C VAL H 5 -20.70 -41.85 12.01
N TYR H 6 -20.95 -42.92 11.24
CA TYR H 6 -22.31 -43.27 10.83
C TYR H 6 -23.22 -43.46 12.04
N ASP H 7 -24.50 -43.16 11.85
CA ASP H 7 -25.47 -43.65 12.82
C ASP H 7 -25.52 -45.15 12.62
N PRO H 8 -25.12 -45.95 13.59
CA PRO H 8 -25.08 -47.41 13.37
C PRO H 8 -26.43 -47.98 12.91
N GLU H 9 -27.53 -47.51 13.48
CA GLU H 9 -28.83 -48.13 13.27
C GLU H 9 -29.59 -47.56 12.06
N GLN H 10 -28.95 -46.74 11.25
CA GLN H 10 -29.62 -45.99 10.21
C GLN H 10 -29.35 -46.51 8.81
N ARG H 11 -28.17 -47.12 8.58
CA ARG H 11 -27.90 -47.70 7.26
C ARG H 11 -28.85 -48.84 6.92
N LYS H 12 -29.25 -49.62 7.94
CA LYS H 12 -30.25 -50.66 7.81
C LYS H 12 -31.45 -50.17 7.00
N ARG H 13 -31.81 -48.90 7.20
CA ARG H 13 -33.02 -48.33 6.66
C ARG H 13 -32.77 -47.27 5.59
N MET H 14 -31.53 -47.19 5.08
CA MET H 14 -31.14 -46.21 4.06
C MET H 14 -32.10 -46.18 2.86
N ILE H 15 -32.06 -45.09 2.08
CA ILE H 15 -32.91 -44.87 0.90
C ILE H 15 -32.03 -44.22 -0.15
N THR H 16 -31.79 -44.91 -1.29
CA THR H 16 -30.88 -44.39 -2.30
C THR H 16 -31.48 -43.16 -2.98
N GLY H 17 -30.68 -42.52 -3.84
CA GLY H 17 -31.21 -41.59 -4.78
C GLY H 17 -32.15 -42.33 -5.73
N PRO H 18 -31.57 -43.24 -6.51
CA PRO H 18 -32.37 -44.23 -7.24
C PRO H 18 -33.65 -44.64 -6.55
N GLN H 19 -33.60 -45.23 -5.36
CA GLN H 19 -34.86 -45.68 -4.78
C GLN H 19 -35.80 -44.50 -4.52
N TRP H 20 -35.24 -43.31 -4.30
CA TRP H 20 -36.06 -42.12 -4.08
C TRP H 20 -36.74 -41.69 -5.38
N TRP H 21 -35.95 -41.63 -6.44
CA TRP H 21 -36.42 -41.03 -7.67
C TRP H 21 -37.59 -41.83 -8.23
N ALA H 22 -37.34 -43.12 -8.49
CA ALA H 22 -38.34 -44.18 -8.60
C ALA H 22 -39.73 -43.87 -8.09
N ARG H 23 -39.83 -43.30 -6.90
CA ARG H 23 -41.10 -43.01 -6.25
C ARG H 23 -41.56 -41.59 -6.45
N CYS H 24 -40.76 -40.78 -7.16
CA CYS H 24 -41.21 -39.44 -7.55
C CYS H 24 -41.96 -39.43 -8.89
N LYS H 25 -42.66 -38.33 -9.11
CA LYS H 25 -43.39 -37.94 -10.31
C LYS H 25 -42.65 -36.80 -11.01
N GLN H 26 -42.92 -36.64 -12.31
CA GLN H 26 -42.55 -35.44 -13.04
C GLN H 26 -43.82 -34.81 -13.62
N MET H 27 -43.63 -33.63 -14.23
CA MET H 27 -44.72 -32.82 -14.75
C MET H 27 -44.19 -31.54 -15.36
N ASN H 28 -44.74 -31.13 -16.49
CA ASN H 28 -44.18 -29.97 -17.17
C ASN H 28 -44.60 -28.69 -16.45
N VAL H 29 -43.72 -27.70 -16.48
CA VAL H 29 -44.01 -26.42 -15.84
C VAL H 29 -43.36 -25.36 -16.71
N LEU H 30 -44.08 -24.26 -16.96
CA LEU H 30 -43.69 -23.27 -17.97
C LEU H 30 -42.82 -23.87 -19.09
N ASP H 31 -41.57 -23.46 -19.21
CA ASP H 31 -40.66 -23.98 -20.23
C ASP H 31 -39.76 -25.10 -19.72
N SER H 32 -40.24 -25.88 -18.73
CA SER H 32 -39.46 -27.01 -18.22
C SER H 32 -40.30 -27.99 -17.39
N PHE H 33 -39.64 -28.71 -16.47
CA PHE H 33 -40.40 -29.60 -15.60
C PHE H 33 -39.84 -29.72 -14.18
N ILE H 34 -40.76 -29.97 -13.26
CA ILE H 34 -40.43 -30.27 -11.89
C ILE H 34 -40.55 -31.77 -11.70
N ASN H 35 -39.46 -32.38 -11.21
CA ASN H 35 -39.53 -33.68 -10.57
C ASN H 35 -40.06 -33.48 -9.16
N TYR H 36 -40.88 -34.41 -8.66
CA TYR H 36 -41.55 -34.13 -7.38
C TYR H 36 -42.04 -35.43 -6.76
N TYR H 37 -42.39 -35.36 -5.46
CA TYR H 37 -42.84 -36.55 -4.73
C TYR H 37 -44.26 -36.28 -4.25
N ASP H 38 -45.08 -37.33 -4.21
CA ASP H 38 -46.52 -37.11 -3.99
C ASP H 38 -47.13 -38.28 -3.22
N SER H 39 -47.22 -38.10 -1.90
CA SER H 39 -48.07 -38.93 -1.07
C SER H 39 -49.37 -39.37 -1.78
N GLU H 40 -50.11 -38.41 -2.37
CA GLU H 40 -51.42 -38.62 -3.03
C GLU H 40 -52.55 -38.87 -2.02
N LYS H 41 -52.43 -39.97 -1.28
CA LYS H 41 -53.54 -40.60 -0.59
C LYS H 41 -54.21 -39.85 0.54
N HIS H 42 -54.37 -38.51 0.50
CA HIS H 42 -55.26 -37.86 1.47
C HIS H 42 -55.49 -36.40 1.13
N ALA H 43 -56.06 -36.13 -0.05
CA ALA H 43 -55.82 -34.87 -0.71
C ALA H 43 -56.82 -33.80 -0.36
N GLU H 44 -57.65 -34.01 0.67
CA GLU H 44 -58.34 -32.85 1.20
C GLU H 44 -57.36 -31.80 1.71
N ASN H 45 -56.16 -32.22 2.13
CA ASN H 45 -55.13 -31.29 2.57
C ASN H 45 -53.85 -31.56 1.82
N ALA H 46 -53.07 -30.50 1.61
CA ALA H 46 -51.73 -30.60 1.04
C ALA H 46 -50.67 -30.13 2.04
N VAL H 47 -49.61 -30.91 2.18
CA VAL H 47 -48.41 -30.47 2.92
C VAL H 47 -47.27 -30.43 1.91
N ILE H 48 -46.77 -29.23 1.65
CA ILE H 48 -45.68 -29.02 0.70
C ILE H 48 -44.40 -28.77 1.51
N PHE H 49 -43.31 -29.45 1.13
CA PHE H 49 -42.01 -29.34 1.80
C PHE H 49 -41.01 -28.76 0.80
N LEU H 50 -40.35 -27.68 1.18
CA LEU H 50 -39.45 -27.01 0.24
C LEU H 50 -38.02 -27.01 0.79
N HIS H 51 -37.20 -27.94 0.30
CA HIS H 51 -35.77 -27.90 0.49
C HIS H 51 -35.21 -26.52 0.20
N GLY H 52 -33.94 -26.28 0.59
CA GLY H 52 -33.28 -25.01 0.44
C GLY H 52 -32.04 -25.22 -0.40
N ASN H 53 -30.95 -24.48 -0.13
CA ASN H 53 -29.79 -24.57 -1.00
C ASN H 53 -29.08 -25.92 -0.83
N ALA H 54 -28.39 -26.34 -1.89
CA ALA H 54 -27.59 -27.56 -1.98
C ALA H 54 -28.39 -28.85 -2.03
N THR H 55 -29.62 -28.88 -1.53
CA THR H 55 -30.26 -30.18 -1.41
C THR H 55 -31.37 -30.33 -2.46
N SER H 56 -32.44 -31.03 -2.09
CA SER H 56 -33.46 -31.51 -3.01
C SER H 56 -34.47 -32.26 -2.17
N SER H 57 -35.57 -32.66 -2.80
CA SER H 57 -36.65 -33.33 -2.09
C SER H 57 -36.20 -34.53 -1.28
N TYR H 58 -35.05 -35.10 -1.64
CA TYR H 58 -34.45 -36.20 -0.89
C TYR H 58 -34.26 -35.85 0.57
N LEU H 59 -33.90 -34.60 0.84
CA LEU H 59 -33.83 -34.08 2.19
C LEU H 59 -34.96 -34.63 3.04
N TRP H 60 -36.10 -34.92 2.43
CA TRP H 60 -37.26 -35.14 3.29
C TRP H 60 -37.63 -36.61 3.40
N ARG H 61 -36.87 -37.49 2.74
CA ARG H 61 -37.27 -38.88 2.62
C ARG H 61 -37.69 -39.49 3.96
N HIS H 62 -36.85 -39.43 5.02
CA HIS H 62 -37.25 -40.10 6.26
C HIS H 62 -38.21 -39.27 7.12
N VAL H 63 -38.31 -37.96 6.85
CA VAL H 63 -39.25 -37.11 7.59
C VAL H 63 -40.68 -37.34 7.15
N VAL H 64 -40.90 -37.41 5.83
CA VAL H 64 -42.27 -37.37 5.33
C VAL H 64 -43.07 -38.61 5.72
N PRO H 65 -42.48 -39.83 5.86
CA PRO H 65 -43.31 -41.00 6.23
C PRO H 65 -44.19 -40.81 7.44
N HIS H 66 -44.04 -39.71 8.15
CA HIS H 66 -44.88 -39.49 9.31
C HIS H 66 -46.10 -38.68 8.99
N ILE H 67 -45.99 -37.76 8.07
CA ILE H 67 -47.10 -36.86 7.84
C ILE H 67 -48.13 -37.44 6.86
N GLU H 68 -47.71 -38.32 5.95
CA GLU H 68 -48.58 -38.86 4.90
C GLU H 68 -49.93 -39.35 5.40
N PRO H 69 -50.02 -40.16 6.46
CA PRO H 69 -51.33 -40.68 6.88
C PRO H 69 -52.37 -39.63 7.18
N VAL H 70 -51.99 -38.38 7.43
CA VAL H 70 -52.95 -37.33 7.77
C VAL H 70 -53.16 -36.36 6.61
N ALA H 71 -52.25 -36.28 5.66
CA ALA H 71 -52.44 -35.29 4.62
C ALA H 71 -51.52 -35.61 3.47
N ARG H 72 -52.01 -35.35 2.26
CA ARG H 72 -51.18 -35.41 1.08
C ARG H 72 -49.94 -34.55 1.28
N CYS H 73 -48.76 -35.13 1.02
CA CYS H 73 -47.49 -34.43 1.10
C CYS H 73 -46.88 -34.42 -0.29
N ILE H 74 -46.29 -33.29 -0.67
CA ILE H 74 -45.80 -33.12 -2.03
C ILE H 74 -44.50 -32.36 -1.92
N ILE H 75 -43.43 -32.89 -2.50
CA ILE H 75 -42.13 -32.30 -2.26
C ILE H 75 -41.43 -32.10 -3.59
N PRO H 76 -41.27 -30.86 -4.02
CA PRO H 76 -40.56 -30.60 -5.27
C PRO H 76 -39.07 -30.62 -5.09
N ASP H 77 -38.38 -31.10 -6.10
CA ASP H 77 -37.06 -30.55 -6.38
C ASP H 77 -37.29 -29.18 -6.98
N LEU H 78 -36.78 -28.15 -6.32
CA LEU H 78 -36.76 -26.83 -6.90
C LEU H 78 -36.08 -26.86 -8.26
N ILE H 79 -36.18 -25.76 -9.01
CA ILE H 79 -35.80 -25.78 -10.41
C ILE H 79 -34.28 -25.71 -10.51
N GLY H 80 -33.73 -26.47 -11.47
CA GLY H 80 -32.29 -26.58 -11.62
C GLY H 80 -31.60 -27.40 -10.55
N MET H 81 -32.35 -28.01 -9.64
CA MET H 81 -31.81 -28.83 -8.59
C MET H 81 -32.56 -30.16 -8.55
N GLY H 82 -31.87 -31.19 -8.08
CA GLY H 82 -32.51 -32.48 -8.05
C GLY H 82 -32.59 -33.02 -9.46
N LYS H 83 -33.61 -33.84 -9.69
CA LYS H 83 -33.93 -34.32 -11.03
C LYS H 83 -35.04 -33.50 -11.67
N SER H 84 -35.28 -32.29 -11.17
CA SER H 84 -36.14 -31.35 -11.87
C SER H 84 -35.44 -30.85 -13.13
N GLY H 85 -36.22 -30.32 -14.06
CA GLY H 85 -35.64 -29.78 -15.25
C GLY H 85 -34.99 -28.43 -15.00
N LYS H 86 -33.93 -28.18 -15.74
CA LYS H 86 -33.25 -26.89 -15.72
C LYS H 86 -34.15 -25.74 -16.16
N SER H 87 -33.68 -24.50 -16.05
CA SER H 87 -34.53 -23.33 -16.17
C SER H 87 -34.17 -22.55 -17.43
N GLY H 88 -35.15 -21.78 -17.92
CA GLY H 88 -35.07 -21.16 -19.23
C GLY H 88 -33.88 -20.26 -19.42
N ASN H 89 -33.93 -19.09 -18.77
CA ASN H 89 -32.89 -18.08 -18.84
C ASN H 89 -31.58 -18.55 -18.21
N GLY H 90 -31.56 -19.76 -17.65
CA GLY H 90 -30.37 -20.30 -17.03
C GLY H 90 -30.03 -19.54 -15.76
N SER H 91 -30.96 -18.69 -15.33
CA SER H 91 -30.79 -17.88 -14.14
C SER H 91 -31.64 -18.43 -13.02
N TYR H 92 -31.02 -18.58 -11.83
CA TYR H 92 -31.62 -19.20 -10.66
C TYR H 92 -31.51 -18.28 -9.43
N ARG H 93 -32.29 -17.20 -9.41
CA ARG H 93 -32.41 -16.37 -8.23
C ARG H 93 -33.68 -16.75 -7.48
N LEU H 94 -34.15 -15.87 -6.59
CA LEU H 94 -35.25 -16.28 -5.74
C LEU H 94 -36.55 -16.20 -6.51
N LEU H 95 -36.79 -15.03 -7.09
CA LEU H 95 -37.88 -14.87 -8.05
C LEU H 95 -37.82 -15.95 -9.11
N ASP H 96 -36.61 -16.34 -9.53
CA ASP H 96 -36.48 -17.42 -10.51
C ASP H 96 -37.07 -18.71 -9.96
N HIS H 97 -36.57 -19.15 -8.79
CA HIS H 97 -37.14 -20.33 -8.17
C HIS H 97 -38.64 -20.17 -7.94
N TYR H 98 -39.09 -18.94 -7.65
CA TYR H 98 -40.50 -18.71 -7.32
C TYR H 98 -41.41 -18.84 -8.55
N LYS H 99 -40.95 -18.31 -9.70
CA LYS H 99 -41.68 -18.43 -10.95
C LYS H 99 -42.16 -19.85 -11.18
N TYR H 100 -41.21 -20.81 -11.17
CA TYR H 100 -41.62 -22.17 -11.44
C TYR H 100 -42.39 -22.75 -10.27
N LEU H 101 -42.12 -22.31 -9.04
CA LEU H 101 -42.74 -22.98 -7.91
C LEU H 101 -44.22 -22.67 -7.84
N THR H 102 -44.58 -21.41 -8.07
CA THR H 102 -45.99 -21.05 -8.16
C THR H 102 -46.64 -21.74 -9.35
N ALA H 103 -45.97 -21.75 -10.51
CA ALA H 103 -46.53 -22.42 -11.68
C ALA H 103 -46.87 -23.86 -11.35
N TRP H 104 -45.92 -24.56 -10.72
CA TRP H 104 -46.13 -25.95 -10.34
C TRP H 104 -47.31 -26.08 -9.37
N PHE H 105 -47.57 -25.04 -8.57
CA PHE H 105 -48.66 -25.13 -7.59
C PHE H 105 -50.03 -25.22 -8.29
N GLU H 106 -50.18 -24.57 -9.45
CA GLU H 106 -51.48 -24.53 -10.13
C GLU H 106 -51.83 -25.89 -10.71
N LEU H 107 -50.85 -26.53 -11.34
CA LEU H 107 -50.97 -27.81 -12.00
C LEU H 107 -51.20 -28.98 -11.06
N LEU H 108 -51.57 -28.68 -9.80
CA LEU H 108 -51.40 -29.60 -8.68
C LEU H 108 -52.68 -29.97 -7.95
N ASN H 109 -53.77 -29.23 -8.20
CA ASN H 109 -55.09 -29.54 -7.67
C ASN H 109 -55.09 -29.48 -6.15
N LEU H 110 -54.64 -28.33 -5.64
CA LEU H 110 -54.37 -28.09 -4.23
C LEU H 110 -55.64 -27.64 -3.52
N PRO H 111 -55.71 -27.85 -2.20
CA PRO H 111 -56.84 -27.27 -1.44
C PRO H 111 -56.75 -25.75 -1.42
N LYS H 112 -57.73 -25.08 -0.82
CA LYS H 112 -57.70 -23.61 -0.83
C LYS H 112 -56.50 -23.13 -0.05
N LYS H 113 -56.42 -23.57 1.20
CA LYS H 113 -55.44 -23.16 2.19
C LYS H 113 -54.44 -24.28 2.37
N ILE H 114 -53.18 -23.99 2.07
CA ILE H 114 -52.12 -24.99 2.02
C ILE H 114 -51.28 -24.94 3.30
N ILE H 115 -50.60 -26.06 3.59
CA ILE H 115 -49.70 -26.20 4.74
C ILE H 115 -48.29 -26.31 4.19
N PHE H 116 -47.46 -25.30 4.43
CA PHE H 116 -46.08 -25.33 3.99
C PHE H 116 -45.15 -25.76 5.13
N VAL H 117 -44.06 -26.40 4.75
CA VAL H 117 -42.98 -26.81 5.66
C VAL H 117 -41.71 -26.36 4.98
N GLY H 118 -41.15 -25.20 5.39
CA GLY H 118 -39.96 -24.66 4.78
C GLY H 118 -38.66 -25.00 5.51
N HIS H 119 -37.55 -24.88 4.78
CA HIS H 119 -36.21 -25.12 5.32
C HIS H 119 -35.20 -24.35 4.49
N ASP H 120 -34.45 -23.45 5.15
CA ASP H 120 -33.42 -22.66 4.48
C ASP H 120 -34.13 -21.70 3.52
N TRP H 121 -33.71 -21.68 2.26
CA TRP H 121 -34.35 -20.81 1.29
C TRP H 121 -35.77 -21.28 0.97
N GLY H 122 -35.99 -22.60 0.97
CA GLY H 122 -37.32 -23.14 0.88
C GLY H 122 -38.23 -22.75 2.02
N ALA H 123 -37.75 -22.00 3.01
CA ALA H 123 -38.76 -21.29 3.80
C ALA H 123 -38.99 -19.89 3.26
N ALA H 124 -37.93 -19.28 2.72
CA ALA H 124 -38.10 -17.99 2.07
C ALA H 124 -39.14 -18.07 0.97
N LEU H 125 -39.14 -19.14 0.18
CA LEU H 125 -40.20 -19.38 -0.80
C LEU H 125 -41.53 -19.34 -0.07
N ALA H 126 -41.85 -20.39 0.70
CA ALA H 126 -43.14 -20.42 1.38
C ALA H 126 -43.47 -19.11 2.07
N PHE H 127 -42.46 -18.39 2.52
CA PHE H 127 -42.73 -17.11 3.17
C PHE H 127 -43.20 -16.09 2.15
N HIS H 128 -42.56 -16.07 0.98
CA HIS H 128 -42.95 -15.15 -0.09
C HIS H 128 -44.36 -15.47 -0.56
N TYR H 129 -44.55 -16.68 -1.07
CA TYR H 129 -45.87 -17.14 -1.46
C TYR H 129 -46.91 -16.73 -0.43
N ALA H 130 -46.62 -16.92 0.86
CA ALA H 130 -47.66 -16.61 1.82
C ALA H 130 -47.94 -15.11 1.89
N TYR H 131 -46.99 -14.27 1.50
CA TYR H 131 -47.20 -12.83 1.62
C TYR H 131 -48.14 -12.31 0.53
N GLU H 132 -47.98 -12.78 -0.70
CA GLU H 132 -48.91 -12.47 -1.77
C GLU H 132 -50.10 -13.42 -1.84
N HIS H 133 -50.33 -14.26 -0.83
CA HIS H 133 -51.36 -15.29 -1.00
C HIS H 133 -52.06 -15.59 0.31
N GLN H 134 -52.39 -14.55 1.05
CA GLN H 134 -52.69 -14.70 2.46
C GLN H 134 -53.89 -15.57 2.71
N ASP H 135 -54.74 -15.75 1.71
CA ASP H 135 -55.93 -16.58 1.79
C ASP H 135 -55.64 -18.05 1.49
N ARG H 136 -54.50 -18.35 0.87
CA ARG H 136 -54.18 -19.71 0.46
C ARG H 136 -53.37 -20.50 1.50
N ILE H 137 -53.18 -19.94 2.70
CA ILE H 137 -52.20 -20.46 3.66
C ILE H 137 -52.96 -21.04 4.86
N LYS H 138 -52.77 -22.32 5.11
CA LYS H 138 -53.40 -22.94 6.27
C LYS H 138 -52.49 -23.05 7.51
N ALA H 139 -51.16 -23.15 7.34
CA ALA H 139 -50.17 -23.14 8.42
C ALA H 139 -48.78 -23.24 7.81
N ILE H 140 -47.79 -22.76 8.55
CA ILE H 140 -46.40 -22.75 8.08
C ILE H 140 -45.50 -23.35 9.15
N VAL H 141 -44.57 -24.17 8.70
CA VAL H 141 -43.60 -24.82 9.53
C VAL H 141 -42.26 -24.36 8.98
N HIS H 142 -41.41 -23.77 9.83
CA HIS H 142 -40.08 -23.38 9.37
C HIS H 142 -38.99 -23.82 10.33
N MET H 143 -37.76 -23.62 9.87
CA MET H 143 -36.65 -24.37 10.38
C MET H 143 -35.40 -23.99 9.61
N GLU H 144 -34.31 -23.69 10.34
CA GLU H 144 -33.11 -23.06 9.78
C GLU H 144 -33.51 -21.97 8.81
N SER H 145 -34.67 -21.37 9.06
CA SER H 145 -35.37 -20.60 8.06
C SER H 145 -34.63 -19.29 7.77
N VAL H 146 -35.07 -18.60 6.72
CA VAL H 146 -34.70 -17.21 6.51
C VAL H 146 -35.82 -16.35 7.04
N VAL H 147 -35.94 -16.24 8.36
CA VAL H 147 -36.69 -15.11 8.88
C VAL H 147 -35.91 -13.83 8.56
N ASP H 148 -36.59 -12.69 8.66
CA ASP H 148 -36.08 -11.33 8.53
C ASP H 148 -34.78 -10.97 7.81
N VAL H 149 -34.57 -9.67 7.68
CA VAL H 149 -33.30 -9.18 7.20
C VAL H 149 -32.20 -9.48 8.22
N ILE H 150 -30.95 -9.47 7.73
CA ILE H 150 -29.76 -9.71 8.54
C ILE H 150 -29.03 -8.38 8.67
N GLU H 151 -29.06 -7.80 9.86
CA GLU H 151 -28.42 -6.51 10.10
C GLU H 151 -27.01 -6.62 10.66
N SER H 152 -26.71 -7.60 11.49
CA SER H 152 -25.31 -7.82 11.84
C SER H 152 -25.09 -9.31 12.06
N TRP H 153 -23.82 -9.70 11.95
CA TRP H 153 -23.36 -11.09 12.02
C TRP H 153 -23.22 -11.64 13.46
N ASP H 154 -23.87 -11.03 14.47
CA ASP H 154 -23.66 -11.34 15.89
C ASP H 154 -23.94 -12.79 16.24
N GLU H 155 -25.17 -13.11 16.64
CA GLU H 155 -25.38 -14.50 17.00
C GLU H 155 -25.18 -15.56 15.75
N TRP H 156 -24.74 -15.06 14.57
CA TRP H 156 -24.59 -15.78 13.31
C TRP H 156 -23.28 -16.57 13.27
N PRO H 157 -23.30 -17.76 12.68
CA PRO H 157 -22.04 -18.48 12.43
C PRO H 157 -21.03 -17.62 11.70
N ASP H 158 -19.76 -17.91 11.90
CA ASP H 158 -18.68 -17.09 11.34
C ASP H 158 -18.64 -17.34 9.84
N ILE H 159 -19.57 -16.69 9.12
CA ILE H 159 -19.75 -16.93 7.68
C ILE H 159 -19.72 -15.65 6.85
N GLU H 160 -19.65 -14.47 7.47
CA GLU H 160 -19.27 -13.27 6.72
C GLU H 160 -17.95 -13.53 6.00
N GLU H 161 -17.51 -12.64 5.12
CA GLU H 161 -16.21 -12.80 4.46
C GLU H 161 -16.28 -13.98 3.49
N ASP H 162 -16.60 -15.17 4.01
CA ASP H 162 -16.97 -16.28 3.16
C ASP H 162 -18.12 -15.89 2.24
N ILE H 163 -19.16 -15.28 2.81
CA ILE H 163 -20.25 -14.71 2.01
C ILE H 163 -19.71 -13.69 1.02
N ALA H 164 -18.81 -12.81 1.46
CA ALA H 164 -18.35 -11.80 0.51
C ALA H 164 -17.31 -12.34 -0.44
N LEU H 165 -16.86 -13.56 -0.23
CA LEU H 165 -15.97 -14.19 -1.21
C LEU H 165 -16.80 -14.83 -2.31
N ILE H 166 -17.91 -15.43 -1.91
CA ILE H 166 -18.90 -15.93 -2.86
C ILE H 166 -19.48 -14.78 -3.66
N LYS H 167 -19.94 -13.74 -2.97
CA LYS H 167 -20.56 -12.64 -3.69
C LYS H 167 -19.56 -11.90 -4.56
N SER H 168 -18.28 -12.21 -4.44
CA SER H 168 -17.27 -11.66 -5.34
C SER H 168 -17.24 -12.52 -6.61
N GLU H 169 -16.27 -12.24 -7.49
CA GLU H 169 -15.99 -13.01 -8.69
C GLU H 169 -15.28 -14.37 -8.36
N GLU H 170 -15.21 -14.65 -7.06
CA GLU H 170 -14.61 -15.89 -6.60
C GLU H 170 -15.64 -16.99 -6.35
N GLY H 171 -16.92 -16.63 -6.26
CA GLY H 171 -17.94 -17.65 -6.10
C GLY H 171 -17.89 -18.71 -7.19
N GLU H 172 -17.50 -18.31 -8.41
CA GLU H 172 -17.38 -19.26 -9.52
C GLU H 172 -16.54 -20.46 -9.12
N LYS H 173 -15.26 -20.21 -8.81
CA LYS H 173 -14.29 -21.30 -8.62
C LYS H 173 -14.72 -22.23 -7.49
N MET H 174 -14.96 -21.69 -6.30
CA MET H 174 -15.29 -22.56 -5.18
C MET H 174 -16.59 -23.31 -5.40
N VAL H 175 -17.58 -22.68 -6.05
CA VAL H 175 -18.82 -23.41 -6.29
C VAL H 175 -18.75 -24.25 -7.57
N LEU H 176 -18.70 -23.58 -8.73
CA LEU H 176 -18.78 -24.31 -9.99
C LEU H 176 -17.68 -25.34 -10.15
N GLU H 177 -16.44 -24.94 -9.94
CA GLU H 177 -15.36 -25.91 -10.06
C GLU H 177 -15.14 -26.74 -8.79
N ASN H 178 -15.25 -26.14 -7.61
CA ASN H 178 -14.90 -26.87 -6.40
C ASN H 178 -16.09 -27.39 -5.61
N ASN H 179 -17.31 -27.23 -6.14
CA ASN H 179 -18.54 -27.76 -5.55
C ASN H 179 -18.60 -27.49 -4.05
N PHE H 180 -18.50 -26.21 -3.70
CA PHE H 180 -18.32 -25.80 -2.32
C PHE H 180 -19.47 -26.28 -1.44
N PHE H 181 -20.70 -25.89 -1.76
CA PHE H 181 -21.82 -26.22 -0.90
C PHE H 181 -22.25 -27.67 -0.95
N VAL H 182 -21.70 -28.47 -1.85
CA VAL H 182 -22.07 -29.87 -1.92
C VAL H 182 -20.99 -30.77 -1.30
N GLU H 183 -19.73 -30.58 -1.69
CA GLU H 183 -18.77 -31.54 -1.18
C GLU H 183 -18.25 -31.21 0.22
N THR H 184 -18.19 -29.92 0.60
CA THR H 184 -17.69 -29.52 1.92
C THR H 184 -18.79 -29.09 2.93
N VAL H 185 -19.43 -27.92 2.74
CA VAL H 185 -20.33 -27.39 3.78
C VAL H 185 -21.58 -28.25 4.02
N LEU H 186 -21.89 -29.20 3.14
CA LEU H 186 -23.14 -29.94 3.33
C LEU H 186 -22.96 -31.09 4.33
N PRO H 187 -21.96 -31.97 4.18
CA PRO H 187 -21.67 -32.88 5.31
C PRO H 187 -21.13 -32.13 6.52
N SER H 188 -20.35 -31.07 6.29
CA SER H 188 -19.76 -30.31 7.37
C SER H 188 -20.84 -29.67 8.24
N LYS H 189 -22.08 -29.60 7.74
CA LYS H 189 -23.17 -29.06 8.56
C LYS H 189 -24.17 -30.15 8.93
N ILE H 190 -23.73 -31.41 8.93
CA ILE H 190 -24.54 -32.55 9.41
C ILE H 190 -23.75 -33.27 10.50
N MET H 191 -24.37 -33.50 11.65
CA MET H 191 -23.69 -34.22 12.74
C MET H 191 -23.25 -35.60 12.28
N ARG H 192 -24.14 -36.60 12.30
CA ARG H 192 -23.82 -37.94 11.81
C ARG H 192 -23.04 -37.94 10.50
N LYS H 193 -22.35 -39.03 10.20
CA LYS H 193 -21.67 -39.19 8.92
C LYS H 193 -22.65 -39.76 7.90
N LEU H 194 -22.56 -39.30 6.64
CA LEU H 194 -23.55 -39.80 5.70
C LEU H 194 -23.06 -41.11 5.12
N GLU H 195 -24.01 -41.90 4.62
CA GLU H 195 -23.59 -43.07 3.90
C GLU H 195 -23.04 -42.61 2.56
N PRO H 196 -22.19 -43.41 1.92
CA PRO H 196 -21.70 -42.99 0.60
C PRO H 196 -22.83 -43.00 -0.41
N GLU H 197 -23.81 -43.88 -0.24
CA GLU H 197 -25.06 -43.77 -0.98
C GLU H 197 -25.70 -42.41 -0.78
N GLU H 198 -26.10 -42.11 0.46
CA GLU H 198 -26.87 -40.90 0.73
C GLU H 198 -26.16 -39.65 0.22
N PHE H 199 -24.84 -39.60 0.35
CA PHE H 199 -24.12 -38.46 -0.18
C PHE H 199 -24.15 -38.46 -1.70
N ALA H 200 -24.08 -39.66 -2.31
CA ALA H 200 -24.19 -39.78 -3.76
C ALA H 200 -25.48 -39.15 -4.28
N ALA H 201 -26.57 -39.29 -3.52
CA ALA H 201 -27.82 -38.64 -3.85
C ALA H 201 -27.67 -37.13 -3.97
N TYR H 202 -27.11 -36.49 -2.94
CA TYR H 202 -26.95 -35.04 -2.99
C TYR H 202 -25.99 -34.63 -4.08
N LEU H 203 -25.03 -35.50 -4.37
CA LEU H 203 -23.99 -35.12 -5.31
C LEU H 203 -24.46 -35.29 -6.75
N GLU H 204 -25.25 -36.34 -7.00
CA GLU H 204 -25.73 -36.68 -8.35
C GLU H 204 -26.07 -35.47 -9.18
N PRO H 205 -26.91 -34.56 -8.76
CA PRO H 205 -27.08 -33.31 -9.51
C PRO H 205 -25.80 -32.64 -9.98
N PHE H 206 -25.10 -32.01 -9.05
CA PHE H 206 -23.88 -31.28 -9.37
C PHE H 206 -22.65 -32.18 -9.44
N LYS H 207 -22.85 -33.43 -9.86
CA LYS H 207 -21.75 -34.37 -10.07
C LYS H 207 -20.75 -33.86 -11.10
N GLU H 208 -21.24 -33.22 -12.16
CA GLU H 208 -20.37 -32.74 -13.23
C GLU H 208 -19.99 -31.30 -13.00
N LYS H 209 -18.70 -30.99 -13.14
CA LYS H 209 -18.20 -29.66 -12.82
C LYS H 209 -18.72 -28.63 -13.81
N GLY H 210 -19.01 -27.44 -13.31
CA GLY H 210 -19.18 -26.26 -14.13
C GLY H 210 -20.55 -25.64 -13.98
N GLU H 211 -21.17 -25.32 -15.12
CA GLU H 211 -22.33 -24.44 -15.14
C GLU H 211 -23.60 -25.13 -14.65
N VAL H 212 -23.60 -26.45 -14.50
CA VAL H 212 -24.77 -27.11 -13.91
C VAL H 212 -24.96 -26.69 -12.47
N ARG H 213 -23.90 -26.22 -11.81
CA ARG H 213 -23.90 -26.00 -10.36
C ARG H 213 -24.43 -24.63 -9.97
N ARG H 214 -24.89 -23.81 -10.92
CA ARG H 214 -25.18 -22.42 -10.58
C ARG H 214 -26.26 -22.23 -9.52
N PRO H 215 -27.28 -23.09 -9.36
CA PRO H 215 -28.24 -22.83 -8.28
C PRO H 215 -27.59 -22.76 -6.91
N THR H 216 -26.63 -23.64 -6.62
CA THR H 216 -25.98 -23.64 -5.31
C THR H 216 -25.17 -22.36 -5.06
N LEU H 217 -24.72 -21.70 -6.12
CA LEU H 217 -23.98 -20.45 -6.01
C LEU H 217 -24.88 -19.22 -6.08
N SER H 218 -26.04 -19.31 -6.72
CA SER H 218 -26.89 -18.13 -6.79
C SER H 218 -27.75 -17.96 -5.54
N TRP H 219 -27.95 -19.05 -4.78
CA TRP H 219 -28.82 -18.99 -3.61
C TRP H 219 -28.19 -18.13 -2.51
N PRO H 220 -26.98 -18.43 -2.01
CA PRO H 220 -26.35 -17.51 -1.07
C PRO H 220 -26.32 -16.09 -1.55
N ARG H 221 -25.89 -15.87 -2.81
CA ARG H 221 -25.81 -14.50 -3.34
C ARG H 221 -27.13 -13.76 -3.25
N GLU H 222 -28.25 -14.46 -3.01
CA GLU H 222 -29.54 -13.86 -2.68
C GLU H 222 -29.66 -13.38 -1.22
N ILE H 223 -28.58 -13.38 -0.44
CA ILE H 223 -28.73 -13.27 1.02
C ILE H 223 -29.22 -11.88 1.38
N PRO H 224 -30.24 -11.77 2.24
CA PRO H 224 -30.92 -10.48 2.53
C PRO H 224 -30.16 -9.62 3.52
N LEU H 225 -29.02 -9.10 3.07
CA LEU H 225 -28.07 -8.37 3.90
C LEU H 225 -28.28 -6.87 3.78
N VAL H 226 -28.92 -6.26 4.78
CA VAL H 226 -29.40 -4.87 4.71
C VAL H 226 -28.29 -3.89 4.35
N LYS H 227 -27.04 -4.29 4.48
CA LYS H 227 -25.96 -3.54 3.85
C LYS H 227 -25.36 -4.45 2.78
N GLY H 228 -25.57 -4.08 1.51
CA GLY H 228 -24.83 -4.67 0.42
C GLY H 228 -25.41 -5.95 -0.16
N GLY H 229 -26.53 -6.44 0.37
CA GLY H 229 -27.25 -7.50 -0.29
C GLY H 229 -28.12 -6.97 -1.40
N LYS H 230 -28.53 -7.85 -2.31
CA LYS H 230 -29.40 -7.47 -3.42
C LYS H 230 -30.71 -6.89 -2.90
N PRO H 231 -31.02 -5.63 -3.23
CA PRO H 231 -32.19 -4.97 -2.61
C PRO H 231 -33.50 -5.66 -2.87
N ASP H 232 -33.68 -6.26 -4.06
CA ASP H 232 -34.99 -6.84 -4.39
C ASP H 232 -35.34 -8.00 -3.46
N VAL H 233 -34.33 -8.72 -2.96
CA VAL H 233 -34.60 -9.70 -1.92
C VAL H 233 -34.83 -9.02 -0.59
N VAL H 234 -33.90 -8.13 -0.21
CA VAL H 234 -33.93 -7.38 1.04
C VAL H 234 -35.34 -6.89 1.31
N GLN H 235 -36.07 -6.55 0.24
CA GLN H 235 -37.39 -5.97 0.38
C GLN H 235 -38.47 -7.03 0.53
N ILE H 236 -38.31 -8.21 -0.10
CA ILE H 236 -39.31 -9.26 0.01
C ILE H 236 -39.42 -9.75 1.47
N VAL H 237 -38.31 -10.22 2.03
CA VAL H 237 -38.32 -10.70 3.42
C VAL H 237 -38.77 -9.58 4.36
N ARG H 238 -38.31 -8.35 4.10
CA ARG H 238 -38.88 -7.21 4.80
C ARG H 238 -40.40 -7.26 4.73
N ASN H 239 -40.93 -7.50 3.52
CA ASN H 239 -42.37 -7.43 3.30
C ASN H 239 -43.09 -8.62 3.92
N TYR H 240 -42.49 -9.82 3.90
CA TYR H 240 -43.13 -10.97 4.56
C TYR H 240 -42.78 -11.13 6.05
N ASN H 241 -41.60 -10.67 6.49
CA ASN H 241 -41.38 -10.64 7.93
C ASN H 241 -42.40 -9.75 8.59
N ALA H 242 -42.72 -8.62 7.94
CA ALA H 242 -43.75 -7.73 8.46
C ALA H 242 -45.08 -8.44 8.47
N TYR H 243 -45.45 -9.07 7.36
CA TYR H 243 -46.72 -9.80 7.31
C TYR H 243 -46.71 -10.94 8.32
N LEU H 244 -45.59 -11.67 8.40
CA LEU H 244 -45.59 -12.81 9.30
C LEU H 244 -45.69 -12.37 10.76
N ARG H 245 -45.20 -11.18 11.10
CA ARG H 245 -45.28 -10.71 12.48
C ARG H 245 -46.72 -10.46 12.91
N ALA H 246 -47.61 -10.11 11.97
CA ALA H 246 -49.00 -9.84 12.33
C ALA H 246 -49.91 -11.02 12.05
N SER H 247 -49.38 -12.10 11.48
CA SER H 247 -50.15 -13.24 11.04
C SER H 247 -50.78 -13.99 12.21
N ASP H 248 -51.34 -13.25 13.16
CA ASP H 248 -51.90 -13.84 14.38
C ASP H 248 -52.77 -15.05 14.07
N ASP H 249 -53.61 -14.96 13.01
CA ASP H 249 -54.57 -16.01 12.67
C ASP H 249 -53.94 -17.22 11.98
N LEU H 250 -52.62 -17.15 11.65
CA LEU H 250 -51.92 -18.21 10.93
C LEU H 250 -51.06 -19.05 11.87
N PRO H 251 -51.44 -20.30 12.16
CA PRO H 251 -50.65 -21.12 13.09
C PRO H 251 -49.30 -21.51 12.51
N LYS H 252 -48.26 -21.42 13.34
CA LYS H 252 -46.91 -21.78 12.93
C LYS H 252 -46.28 -22.74 13.92
N LEU H 253 -45.23 -23.40 13.44
CA LEU H 253 -44.45 -24.38 14.20
C LEU H 253 -42.99 -24.21 13.81
N PHE H 254 -42.18 -23.69 14.72
CA PHE H 254 -40.75 -23.55 14.45
C PHE H 254 -39.99 -24.70 15.11
N ILE H 255 -39.03 -25.24 14.39
CA ILE H 255 -38.20 -26.32 14.87
C ILE H 255 -36.80 -25.75 14.97
N GLU H 256 -36.42 -25.36 16.20
CA GLU H 256 -35.04 -25.03 16.50
C GLU H 256 -34.16 -26.24 16.26
N SER H 257 -33.01 -26.04 15.60
CA SER H 257 -31.96 -27.04 15.57
C SER H 257 -30.94 -26.76 16.67
N ASP H 258 -30.51 -27.81 17.40
CA ASP H 258 -29.69 -27.67 18.62
C ASP H 258 -28.36 -28.41 18.53
N PRO H 259 -27.21 -27.72 18.47
CA PRO H 259 -26.90 -26.29 18.35
C PRO H 259 -27.51 -25.62 17.14
N GLY H 260 -27.69 -26.40 16.08
CA GLY H 260 -28.08 -25.84 14.81
C GLY H 260 -26.96 -25.03 14.19
N PHE H 261 -27.29 -24.43 13.04
CA PHE H 261 -26.32 -23.66 12.30
C PHE H 261 -26.78 -22.24 12.06
N PHE H 262 -28.03 -21.92 12.39
CA PHE H 262 -28.68 -20.70 11.94
C PHE H 262 -29.66 -20.46 13.03
N SER H 263 -30.07 -21.57 13.66
CA SER H 263 -31.21 -21.51 14.57
C SER H 263 -30.98 -20.45 15.61
N ASN H 264 -29.77 -20.46 16.18
CA ASN H 264 -29.44 -19.58 17.29
C ASN H 264 -29.67 -18.11 16.94
N ALA H 265 -29.11 -17.66 15.83
CA ALA H 265 -29.32 -16.28 15.41
C ALA H 265 -30.75 -15.97 14.96
N ILE H 266 -31.55 -16.96 14.51
CA ILE H 266 -32.88 -16.64 13.98
C ILE H 266 -34.01 -16.72 15.01
N VAL H 267 -33.84 -17.47 16.11
CA VAL H 267 -35.01 -17.85 16.92
C VAL H 267 -35.66 -16.63 17.56
N GLU H 268 -34.89 -15.57 17.76
CA GLU H 268 -35.47 -14.34 18.27
C GLU H 268 -36.49 -13.79 17.28
N GLY H 269 -36.09 -13.68 16.02
CA GLY H 269 -37.02 -13.35 14.96
C GLY H 269 -38.26 -14.21 15.01
N ALA H 270 -38.06 -15.54 14.98
CA ALA H 270 -39.18 -16.47 15.01
C ALA H 270 -40.17 -16.21 16.14
N LYS H 271 -39.71 -15.60 17.23
CA LYS H 271 -40.62 -15.34 18.33
C LYS H 271 -41.46 -14.08 18.10
N LYS H 272 -41.02 -13.19 17.23
CA LYS H 272 -41.96 -12.14 16.83
C LYS H 272 -43.11 -12.67 15.88
N PHE H 273 -43.17 -13.97 15.55
CA PHE H 273 -44.35 -14.55 14.91
C PHE H 273 -45.32 -15.10 15.96
N PRO H 274 -46.60 -14.65 16.00
CA PRO H 274 -47.58 -15.29 16.91
C PRO H 274 -48.04 -16.66 16.43
N ASN H 275 -48.86 -17.35 17.24
CA ASN H 275 -49.37 -18.69 16.91
C ASN H 275 -48.22 -19.64 16.55
N THR H 276 -47.07 -19.49 17.23
CA THR H 276 -45.92 -20.34 16.95
C THR H 276 -45.71 -21.26 18.14
N GLU H 277 -45.96 -22.54 17.91
CA GLU H 277 -45.51 -23.56 18.83
C GLU H 277 -44.06 -23.86 18.48
N PHE H 278 -43.21 -23.90 19.51
CA PHE H 278 -41.77 -24.00 19.40
C PHE H 278 -41.32 -25.38 19.82
N VAL H 279 -40.40 -25.96 19.06
CA VAL H 279 -39.78 -27.25 19.43
C VAL H 279 -38.32 -27.23 19.03
N LYS H 280 -37.69 -28.38 19.15
CA LYS H 280 -36.23 -28.44 19.26
C LYS H 280 -35.77 -29.88 19.08
N VAL H 281 -34.76 -30.09 18.23
CA VAL H 281 -34.21 -31.40 17.93
C VAL H 281 -32.70 -31.26 17.77
N LYS H 282 -32.01 -32.38 17.93
CA LYS H 282 -30.56 -32.36 17.80
C LYS H 282 -30.18 -32.12 16.37
N GLY H 283 -29.33 -31.12 16.11
CA GLY H 283 -28.75 -31.06 14.78
C GLY H 283 -27.89 -29.84 14.56
N LEU H 284 -27.32 -29.79 13.36
CA LEU H 284 -26.80 -28.54 12.83
C LEU H 284 -27.81 -27.94 11.83
N HIS H 285 -27.43 -27.86 10.56
CA HIS H 285 -28.29 -27.21 9.56
C HIS H 285 -29.29 -28.21 9.00
N PHE H 286 -28.78 -29.17 8.25
CA PHE H 286 -29.53 -30.31 7.81
C PHE H 286 -30.12 -31.14 8.93
N LEU H 287 -30.98 -30.52 9.72
CA LEU H 287 -31.55 -31.24 10.85
C LEU H 287 -32.11 -32.57 10.43
N GLN H 288 -32.73 -32.62 9.25
CA GLN H 288 -33.44 -33.81 8.79
C GLN H 288 -32.53 -35.03 8.82
N GLU H 289 -31.25 -34.86 8.49
CA GLU H 289 -30.31 -35.97 8.55
C GLU H 289 -29.97 -36.39 9.97
N ASP H 290 -30.19 -35.53 10.95
CA ASP H 290 -29.86 -35.86 12.33
C ASP H 290 -31.08 -36.14 13.21
N ALA H 291 -32.31 -36.02 12.68
CA ALA H 291 -33.48 -36.21 13.54
C ALA H 291 -34.81 -36.30 12.80
N PRO H 292 -34.89 -37.06 11.69
CA PRO H 292 -36.11 -37.01 10.84
C PRO H 292 -37.36 -37.48 11.55
N ASP H 293 -37.33 -38.68 12.16
CA ASP H 293 -38.46 -39.17 12.95
C ASP H 293 -38.90 -38.16 14.00
N GLU H 294 -37.98 -37.41 14.58
CA GLU H 294 -38.40 -36.53 15.65
C GLU H 294 -39.20 -35.36 15.07
N MET H 295 -38.66 -34.72 14.03
CA MET H 295 -39.44 -33.67 13.38
C MET H 295 -40.66 -34.28 12.71
N GLY H 296 -40.48 -35.45 12.10
CA GLY H 296 -41.55 -36.40 11.89
C GLY H 296 -42.68 -36.27 12.90
N LYS H 297 -42.46 -36.69 14.14
CA LYS H 297 -43.60 -36.69 15.08
C LYS H 297 -44.03 -35.26 15.42
N TYR H 298 -43.11 -34.31 15.35
CA TYR H 298 -43.48 -32.95 15.69
C TYR H 298 -44.40 -32.35 14.64
N ILE H 299 -44.00 -32.43 13.37
CA ILE H 299 -44.84 -31.88 12.32
C ILE H 299 -46.16 -32.62 12.30
N LYS H 300 -46.11 -33.95 12.41
CA LYS H 300 -47.32 -34.75 12.44
C LYS H 300 -48.37 -34.18 13.37
N SER H 301 -48.07 -34.13 14.66
CA SER H 301 -49.13 -33.73 15.60
C SER H 301 -49.50 -32.27 15.43
N PHE H 302 -48.62 -31.44 14.87
CA PHE H 302 -49.01 -30.08 14.54
C PHE H 302 -50.11 -30.08 13.49
N VAL H 303 -49.95 -30.93 12.48
CA VAL H 303 -50.93 -31.05 11.42
C VAL H 303 -52.27 -31.50 11.99
N GLU H 304 -52.29 -32.67 12.63
CA GLU H 304 -53.51 -33.15 13.26
C GLU H 304 -54.22 -32.05 14.05
N ARG H 305 -53.49 -31.39 14.95
CA ARG H 305 -54.10 -30.36 15.78
C ARG H 305 -54.69 -29.23 14.93
N VAL H 306 -53.97 -28.84 13.87
CA VAL H 306 -54.44 -27.78 13.00
C VAL H 306 -55.73 -28.22 12.30
N LEU H 307 -55.69 -29.41 11.69
CA LEU H 307 -56.84 -29.88 10.94
C LEU H 307 -58.00 -30.21 11.88
N LYS H 308 -57.72 -30.94 12.97
CA LYS H 308 -58.79 -31.33 13.90
C LYS H 308 -59.54 -30.11 14.43
N ASN H 309 -58.80 -29.09 14.86
CA ASN H 309 -59.45 -27.89 15.38
C ASN H 309 -60.02 -26.99 14.29
N GLU H 310 -59.67 -27.18 13.02
CA GLU H 310 -60.27 -26.33 12.00
C GLU H 310 -61.72 -26.74 11.66
N GLN H 311 -62.01 -28.04 11.54
CA GLN H 311 -63.40 -28.42 11.34
C GLN H 311 -64.22 -28.23 12.60
N SER H 312 -63.57 -27.95 13.72
CA SER H 312 -64.27 -27.48 14.90
C SER H 312 -64.12 -25.96 14.97
N GLY H 313 -64.64 -25.36 16.01
CA GLY H 313 -64.52 -23.92 15.99
C GLY H 313 -63.24 -23.33 16.57
N LEU H 314 -62.13 -24.09 16.63
CA LEU H 314 -61.00 -23.75 17.51
C LEU H 314 -59.74 -23.43 16.72
N GLU H 315 -58.71 -23.01 17.45
CA GLU H 315 -57.58 -22.26 16.88
C GLU H 315 -56.22 -22.82 17.27
N VAL H 316 -56.08 -24.13 17.33
CA VAL H 316 -54.78 -24.81 17.42
C VAL H 316 -54.15 -24.68 18.80
N LEU H 317 -53.65 -23.50 19.16
CA LEU H 317 -53.07 -23.30 20.49
C LEU H 317 -54.19 -22.88 21.43
N PHE H 318 -54.75 -23.84 22.16
CA PHE H 318 -56.01 -23.63 22.88
C PHE H 318 -56.01 -22.33 23.68
N GLN H 319 -54.99 -22.11 24.50
CA GLN H 319 -54.88 -20.87 25.28
C GLN H 319 -56.17 -20.55 26.07
O33 CEI I . 28.66 26.87 -3.13
C2 CEI I . 29.07 25.87 -3.63
C10 CEI I . 30.54 25.56 -3.77
C11 CEI I . 30.88 25.84 -5.24
C12 CEI I . 30.42 27.01 -5.79
C13 CEI I . 30.70 27.33 -7.11
C14 CEI I . 31.45 26.47 -7.89
O17 CEI I . 31.72 26.82 -9.23
C15 CEI I . 31.93 25.28 -7.34
C16 CEI I . 31.64 24.96 -6.02
N1 CEI I . 28.23 24.82 -4.14
C9 CEI I . 26.78 24.85 -4.23
C8 CEI I . 26.13 23.66 -4.54
C26 CEI I . 26.89 22.33 -4.67
C27 CEI I . 26.38 21.50 -3.50
C28 CEI I . 26.86 21.75 -2.21
C29 CEI I . 26.37 20.99 -1.16
C30 CEI I . 25.41 20.00 -1.40
C31 CEI I . 24.93 19.76 -2.68
C32 CEI I . 25.42 20.52 -3.73
N7 CEI I . 24.82 23.68 -4.65
C6 CEI I . 24.14 24.80 -4.52
C5 CEI I . 24.79 26.00 -4.28
N4 CEI I . 26.11 26.00 -4.14
C19 CEI I . 22.64 24.66 -4.75
C20 CEI I . 22.25 23.55 -5.48
C21 CEI I . 20.91 23.32 -5.78
C22 CEI I . 19.96 24.23 -5.37
O25 CEI I . 18.60 23.99 -5.67
C23 CEI I . 20.35 25.36 -4.66
C24 CEI I . 21.70 25.60 -4.35
O33 CEI J . -14.21 15.16 -61.51
C2 CEI J . -13.62 16.18 -61.67
C10 CEI J . -13.14 16.67 -63.01
C11 CEI J . -11.60 16.57 -63.01
C12 CEI J . -10.97 15.39 -62.63
C13 CEI J . -9.59 15.27 -62.65
C14 CEI J . -8.84 16.37 -63.06
O17 CEI J . -7.45 16.29 -63.09
C15 CEI J . -9.45 17.56 -63.44
C16 CEI J . -10.83 17.67 -63.41
N1 CEI J . -13.29 17.11 -60.65
C9 CEI J . -13.49 16.98 -59.24
C8 CEI J . -13.73 18.16 -58.59
C26 CEI J . -13.85 19.39 -59.50
C27 CEI J . -14.75 20.41 -58.82
C28 CEI J . -16.10 20.47 -59.11
C29 CEI J . -16.89 21.40 -58.46
C30 CEI J . -16.34 22.25 -57.50
C31 CEI J . -14.99 22.18 -57.21
C32 CEI J . -14.19 21.25 -57.86
N7 CEI J . -13.86 18.15 -57.26
C6 CEI J . -13.70 16.99 -56.62
C5 CEI J . -13.44 15.81 -57.29
N4 CEI J . -13.30 15.83 -58.61
C19 CEI J . -13.86 16.95 -55.10
C20 CEI J . -13.86 18.16 -54.42
C21 CEI J . -14.03 18.18 -53.05
C22 CEI J . -14.20 16.99 -52.36
O25 CEI J . -14.35 17.02 -50.96
C23 CEI J . -14.19 15.78 -53.06
C24 CEI J . -14.01 15.74 -54.44
O33 CEI K . 12.46 -21.64 61.45
C2 CEI K . 12.94 -20.59 61.75
C10 CEI K . 12.73 -20.05 63.12
C11 CEI K . 11.22 -19.90 63.35
C12 CEI K . 10.38 -21.02 63.32
C13 CEI K . 9.03 -20.90 63.55
C14 CEI K . 8.52 -19.63 63.80
O17 CEI K . 7.15 -19.46 64.07
C15 CEI K . 9.34 -18.51 63.83
C16 CEI K . 10.70 -18.64 63.60
N1 CEI K . 13.71 -19.79 60.83
C9 CEI K . 13.80 -20.29 59.49
C8 CEI K . 13.87 -19.29 58.57
C26 CEI K . 13.90 -17.86 59.13
C27 CEI K . 14.93 -17.05 58.34
C28 CEI K . 16.25 -17.04 58.72
C29 CEI K . 17.17 -16.30 57.99
C30 CEI K . 16.76 -15.60 56.87
C31 CEI K . 15.42 -15.61 56.49
C32 CEI K . 14.51 -16.35 57.22
N7 CEI K . 13.91 -19.60 57.27
C6 CEI K . 13.84 -20.88 56.92
C5 CEI K . 13.76 -21.89 57.86
N4 CEI K . 13.72 -21.57 59.14
C19 CEI K . 13.92 -21.22 55.42
C20 CEI K . 13.70 -20.19 54.51
C21 CEI K . 13.79 -20.45 53.15
C22 CEI K . 14.12 -21.71 52.70
O25 CEI K . 14.22 -21.95 51.32
C23 CEI K . 14.36 -22.74 53.63
C24 CEI K . 14.26 -22.50 55.00
O33 CEI L . -27.72 -18.22 2.43
C2 CEI L . -28.29 -19.11 2.98
C10 CEI L . -29.77 -19.21 3.00
C11 CEI L . -30.18 -18.74 4.39
C12 CEI L . -29.86 -17.45 4.74
C13 CEI L . -30.22 -16.99 6.01
C14 CEI L . -30.90 -17.84 6.89
O17 CEI L . -31.26 -17.35 8.14
C15 CEI L . -31.22 -19.15 6.52
C16 CEI L . -30.85 -19.61 5.26
N1 CEI L . -27.64 -20.16 3.72
C9 CEI L . -26.21 -20.28 3.87
C8 CEI L . -25.76 -21.52 4.22
C26 CEI L . -26.81 -22.62 4.40
C27 CEI L . -26.41 -23.82 3.58
C28 CEI L . -26.94 -23.95 2.29
C29 CEI L . -26.57 -25.05 1.53
C30 CEI L . -25.70 -26.01 2.06
C31 CEI L . -25.19 -25.87 3.35
C32 CEI L . -25.54 -24.77 4.11
N7 CEI L . -24.47 -21.73 4.36
C6 CEI L . -23.62 -20.73 4.20
C5 CEI L . -24.07 -19.45 3.86
N4 CEI L . -25.37 -19.25 3.72
C19 CEI L . -22.15 -21.01 4.44
C20 CEI L . -21.81 -22.17 5.10
C21 CEI L . -20.47 -22.45 5.33
C22 CEI L . -19.48 -21.55 4.93
O25 CEI L . -18.12 -21.85 5.18
C23 CEI L . -19.82 -20.38 4.29
C24 CEI L . -21.17 -20.10 4.04
#